data_9CH7
#
_entry.id   9CH7
#
_cell.length_a   72.170
_cell.length_b   111.480
_cell.length_c   85.540
_cell.angle_alpha   90.00
_cell.angle_beta   96.83
_cell.angle_gamma   90.00
#
_symmetry.space_group_name_H-M   'P 1 21 1'
#
loop_
_entity.id
_entity.type
_entity.pdbx_description
1 polymer 'TP-methylase family protein'
2 polymer 'Extradiol ring-cleavage dioxygenase LigAB LigA subunit domain-containing protein'
3 non-polymer S-ADENOSYL-L-HOMOCYSTEINE
4 water water
#
loop_
_entity_poly.entity_id
_entity_poly.type
_entity_poly.pdbx_seq_one_letter_code
_entity_poly.pdbx_strand_id
1 'polypeptide(L)'
;MGSLVCVGTGLQLAGQISVLSRSYIEHADIVFSLLPDGFSQRWLTKLNPNVINLQQFYAQNGEVKNRRDTYEQMVNAILD
AVRAGKKTVCALYGHPGVFACVSHMAITRAKAEGFSAKMEPGISAEACLWADLGIDPGNSGHQSFEASQFMFFNHVPDPT
THLLLWQIAIAGEHTLTQFHTSSDRLQILVEQLNQWYPLDHEVVIYEAANLPIQAPRIERLPLANLPQAHLMPISTLLIP
PAKKLEYNYAILAKLGIGPEDLG
;
A,C,E,G
2 'polypeptide(L)' MHHHHHHMSGLSDFFTQLGQDAQLMEDYKQNPEAVMRAHGLTDEQINAVMTGDMEKLKTLSGDSSYQSALVISHGNGD B,D,F,H
#
loop_
_chem_comp.id
_chem_comp.type
_chem_comp.name
_chem_comp.formula
SAH non-polymer S-ADENOSYL-L-HOMOCYSTEINE 'C14 H20 N6 O5 S'
#
# COMPACT_ATOMS: atom_id res chain seq x y z
N GLY A 2 39.41 25.24 24.37
CA GLY A 2 38.00 25.01 24.01
C GLY A 2 37.86 23.86 23.01
N SER A 3 36.64 23.67 22.51
CA SER A 3 36.34 22.52 21.65
C SER A 3 35.20 22.85 20.70
N LEU A 4 35.01 21.99 19.69
CA LEU A 4 33.98 22.16 18.70
C LEU A 4 33.23 20.85 18.50
N VAL A 5 31.90 20.92 18.48
CA VAL A 5 31.06 19.81 18.09
C VAL A 5 29.99 20.33 17.14
N CYS A 6 29.87 19.68 15.97
CA CYS A 6 28.80 20.00 15.02
C CYS A 6 27.73 18.93 15.08
N VAL A 7 26.48 19.37 15.30
CA VAL A 7 25.35 18.46 15.41
C VAL A 7 24.29 18.86 14.39
N GLY A 8 23.39 17.92 14.10
CA GLY A 8 22.25 18.19 13.22
C GLY A 8 20.95 18.09 13.98
N THR A 9 19.90 18.75 13.45
CA THR A 9 18.60 18.78 14.08
C THR A 9 17.67 17.78 13.41
N GLY A 10 18.17 17.12 12.36
CA GLY A 10 17.32 16.38 11.44
C GLY A 10 16.41 17.34 10.68
N LEU A 11 15.29 16.82 10.16
CA LEU A 11 14.38 17.61 9.34
C LEU A 11 13.21 18.10 10.18
N GLN A 12 12.65 17.20 11.00
CA GLN A 12 11.46 17.53 11.77
C GLN A 12 11.83 18.36 13.00
N LEU A 13 11.04 19.40 13.25
CA LEU A 13 11.23 20.29 14.38
C LEU A 13 11.21 19.50 15.69
N ALA A 14 12.27 19.70 16.49
CA ALA A 14 12.30 19.29 17.89
C ALA A 14 12.51 17.78 18.05
N GLY A 15 11.87 16.99 17.19
CA GLY A 15 11.67 15.58 17.48
C GLY A 15 12.72 14.67 16.84
N GLN A 16 13.49 15.19 15.87
CA GLN A 16 14.28 14.33 15.02
C GLN A 16 15.76 14.43 15.38
N ILE A 17 16.10 15.35 16.28
CA ILE A 17 17.46 15.48 16.78
C ILE A 17 17.76 14.32 17.72
N SER A 18 19.00 13.84 17.71
CA SER A 18 19.40 12.74 18.58
C SER A 18 19.44 13.23 20.02
N VAL A 19 19.33 12.28 20.96
CA VAL A 19 19.28 12.63 22.38
C VAL A 19 20.59 13.30 22.78
N LEU A 20 21.72 12.72 22.33
CA LEU A 20 23.03 13.24 22.68
C LEU A 20 23.25 14.60 22.01
N SER A 21 22.82 14.73 20.75
CA SER A 21 23.00 15.97 20.01
C SER A 21 22.27 17.12 20.70
N ARG A 22 21.06 16.84 21.21
CA ARG A 22 20.30 17.84 21.91
C ARG A 22 21.06 18.25 23.17
N SER A 23 21.59 17.24 23.88
CA SER A 23 22.33 17.46 25.11
C SER A 23 23.54 18.36 24.83
N TYR A 24 24.20 18.16 23.69
CA TYR A 24 25.36 18.94 23.33
C TYR A 24 24.98 20.42 23.27
N ILE A 25 23.81 20.71 22.68
CA ILE A 25 23.33 22.08 22.54
C ILE A 25 23.05 22.66 23.92
N GLU A 26 22.37 21.86 24.76
CA GLU A 26 21.98 22.27 26.09
C GLU A 26 23.19 22.76 26.90
N HIS A 27 24.32 22.04 26.78
CA HIS A 27 25.42 22.19 27.71
C HIS A 27 26.54 23.02 27.09
N ALA A 28 26.29 23.58 25.91
CA ALA A 28 27.30 24.37 25.21
C ALA A 28 27.43 25.75 25.85
N ASP A 29 28.66 26.29 25.83
CA ASP A 29 28.93 27.66 26.24
C ASP A 29 28.32 28.61 25.23
N ILE A 30 28.36 28.21 23.95
CA ILE A 30 27.90 29.05 22.86
C ILE A 30 27.48 28.14 21.70
N VAL A 31 26.40 28.54 21.03
CA VAL A 31 25.85 27.78 19.92
C VAL A 31 25.82 28.66 18.68
N PHE A 32 26.40 28.15 17.58
CA PHE A 32 26.28 28.79 16.29
C PHE A 32 25.27 28.00 15.46
N SER A 33 24.23 28.70 14.98
CA SER A 33 23.13 28.03 14.31
C SER A 33 23.12 28.38 12.83
N LEU A 34 22.83 27.37 12.01
CA LEU A 34 22.55 27.57 10.60
C LEU A 34 21.26 26.84 10.27
N LEU A 35 20.18 27.29 10.93
CA LEU A 35 18.87 26.68 10.86
C LEU A 35 18.02 27.39 9.81
N PRO A 36 17.10 26.67 9.13
CA PRO A 36 16.35 27.24 8.01
C PRO A 36 15.27 28.24 8.40
N ASP A 37 14.40 27.87 9.35
CA ASP A 37 13.19 28.62 9.59
C ASP A 37 13.14 29.12 11.03
N GLY A 38 12.07 29.87 11.35
CA GLY A 38 11.95 30.59 12.59
C GLY A 38 11.44 29.71 13.73
N PHE A 39 10.69 28.66 13.39
CA PHE A 39 10.27 27.69 14.38
C PHE A 39 11.51 26.97 14.92
N SER A 40 12.40 26.61 13.99
CA SER A 40 13.64 25.93 14.32
C SER A 40 14.48 26.83 15.23
N GLN A 41 14.52 28.12 14.89
CA GLN A 41 15.34 29.10 15.59
C GLN A 41 14.80 29.29 17.02
N ARG A 42 13.49 29.49 17.13
CA ARG A 42 12.85 29.69 18.42
C ARG A 42 13.14 28.51 19.33
N TRP A 43 13.10 27.30 18.76
CA TRP A 43 13.27 26.08 19.53
C TRP A 43 14.69 26.00 20.09
N LEU A 44 15.67 26.39 19.26
CA LEU A 44 17.07 26.33 19.64
C LEU A 44 17.35 27.30 20.78
N THR A 45 16.81 28.51 20.64
CA THR A 45 17.04 29.60 21.58
C THR A 45 16.59 29.19 22.98
N LYS A 46 15.59 28.31 23.06
CA LYS A 46 15.02 27.91 24.34
C LYS A 46 15.82 26.76 24.94
N LEU A 47 16.61 26.06 24.11
CA LEU A 47 17.52 25.04 24.58
C LEU A 47 18.72 25.71 25.24
N ASN A 48 19.19 26.79 24.61
CA ASN A 48 20.40 27.48 25.03
C ASN A 48 20.29 28.94 24.57
N PRO A 49 20.34 29.91 25.51
CA PRO A 49 20.10 31.31 25.15
C PRO A 49 21.28 31.96 24.45
N ASN A 50 22.47 31.35 24.58
CA ASN A 50 23.67 31.92 24.02
C ASN A 50 23.86 31.38 22.61
N VAL A 51 23.03 31.90 21.70
CA VAL A 51 22.98 31.46 20.31
C VAL A 51 23.45 32.60 19.41
N ILE A 52 24.29 32.27 18.43
CA ILE A 52 24.67 33.20 17.38
C ILE A 52 24.15 32.65 16.06
N ASN A 53 23.32 33.44 15.37
CA ASN A 53 22.74 33.03 14.11
C ASN A 53 23.71 33.38 12.98
N LEU A 54 24.30 32.35 12.36
CA LEU A 54 25.30 32.53 11.32
C LEU A 54 24.63 32.99 10.04
N GLN A 55 23.30 32.91 9.99
CA GLN A 55 22.55 33.32 8.81
C GLN A 55 22.73 34.82 8.61
N GLN A 56 23.19 35.50 9.68
CA GLN A 56 23.39 36.94 9.65
C GLN A 56 24.54 37.29 8.70
N PHE A 57 25.44 36.32 8.47
CA PHE A 57 26.63 36.57 7.69
C PHE A 57 26.29 36.64 6.20
N TYR A 58 25.14 36.07 5.83
CA TYR A 58 24.67 36.15 4.45
C TYR A 58 24.39 37.61 4.11
N ALA A 59 24.21 37.88 2.82
CA ALA A 59 23.91 39.22 2.34
C ALA A 59 22.71 39.79 3.09
N GLN A 60 22.76 41.08 3.40
CA GLN A 60 21.70 41.74 4.13
C GLN A 60 21.36 43.08 3.47
N ASN A 61 20.05 43.39 3.47
CA ASN A 61 19.55 44.63 2.89
C ASN A 61 19.89 44.67 1.40
N GLY A 62 19.79 43.51 0.75
CA GLY A 62 20.02 43.40 -0.68
C GLY A 62 21.42 43.87 -1.07
N GLU A 63 22.41 43.50 -0.25
CA GLU A 63 23.80 43.74 -0.58
C GLU A 63 24.34 42.56 -1.40
N VAL A 64 25.53 42.76 -1.97
CA VAL A 64 26.16 41.76 -2.82
C VAL A 64 27.25 41.07 -2.00
N LYS A 65 27.24 39.73 -2.00
CA LYS A 65 28.19 38.97 -1.20
C LYS A 65 28.34 37.56 -1.75
N ASN A 66 29.60 37.15 -1.92
CA ASN A 66 29.96 35.85 -2.47
C ASN A 66 29.83 34.80 -1.37
N ARG A 67 29.41 33.58 -1.75
CA ARG A 67 29.19 32.51 -0.78
C ARG A 67 30.50 32.20 -0.06
N ARG A 68 31.59 32.11 -0.81
CA ARG A 68 32.85 31.59 -0.29
C ARG A 68 33.40 32.55 0.77
N ASP A 69 33.17 33.85 0.57
CA ASP A 69 33.60 34.86 1.53
C ASP A 69 32.78 34.73 2.81
N THR A 70 31.50 34.39 2.67
CA THR A 70 30.58 34.38 3.80
C THR A 70 30.83 33.13 4.63
N TYR A 71 31.10 32.01 3.96
CA TYR A 71 31.41 30.76 4.65
C TYR A 71 32.66 30.97 5.50
N GLU A 72 33.60 31.75 4.97
CA GLU A 72 34.86 32.01 5.62
C GLU A 72 34.64 32.80 6.90
N GLN A 73 33.69 33.75 6.85
CA GLN A 73 33.36 34.58 8.00
C GLN A 73 32.65 33.74 9.07
N MET A 74 31.74 32.88 8.63
CA MET A 74 31.04 31.96 9.52
C MET A 74 32.06 31.12 10.27
N VAL A 75 32.95 30.47 9.50
CA VAL A 75 33.94 29.57 10.04
C VAL A 75 34.86 30.30 11.01
N ASN A 76 35.21 31.54 10.65
CA ASN A 76 36.14 32.34 11.44
C ASN A 76 35.47 32.72 12.77
N ALA A 77 34.16 32.95 12.70
CA ALA A 77 33.38 33.29 13.89
C ALA A 77 33.33 32.09 14.84
N ILE A 78 33.19 30.88 14.26
CA ILE A 78 33.13 29.67 15.06
C ILE A 78 34.48 29.46 15.74
N LEU A 79 35.56 29.57 14.95
CA LEU A 79 36.90 29.29 15.43
C LEU A 79 37.31 30.28 16.52
N ASP A 80 36.86 31.53 16.39
CA ASP A 80 37.17 32.56 17.37
C ASP A 80 36.65 32.13 18.74
N ALA A 81 35.46 31.54 18.78
CA ALA A 81 34.89 31.06 20.02
C ALA A 81 35.75 29.93 20.58
N VAL A 82 36.18 29.02 19.71
CA VAL A 82 36.97 27.87 20.10
C VAL A 82 38.31 28.34 20.66
N ARG A 83 38.92 29.31 19.98
CA ARG A 83 40.22 29.83 20.36
C ARG A 83 40.13 30.53 21.72
N ALA A 84 39.00 31.21 21.94
CA ALA A 84 38.77 31.95 23.17
C ALA A 84 38.65 30.98 24.35
N GLY A 85 38.32 29.72 24.05
CA GLY A 85 38.30 28.67 25.05
C GLY A 85 36.90 28.13 25.32
N LYS A 86 35.94 28.53 24.46
CA LYS A 86 34.55 28.19 24.68
C LYS A 86 34.26 26.79 24.17
N LYS A 87 33.44 26.05 24.94
CA LYS A 87 32.85 24.81 24.49
C LYS A 87 31.80 25.15 23.43
N THR A 88 32.19 25.06 22.16
CA THR A 88 31.41 25.59 21.05
C THR A 88 30.63 24.45 20.40
N VAL A 89 29.36 24.71 20.10
CA VAL A 89 28.52 23.75 19.39
C VAL A 89 27.91 24.47 18.18
N CYS A 90 27.99 23.80 17.02
CA CYS A 90 27.37 24.28 15.81
CA CYS A 90 27.35 24.28 15.81
C CYS A 90 26.14 23.42 15.51
N ALA A 91 24.98 24.07 15.37
CA ALA A 91 23.74 23.36 15.13
C ALA A 91 23.31 23.54 13.68
N LEU A 92 23.43 22.47 12.88
CA LEU A 92 23.06 22.52 11.47
CA LEU A 92 23.06 22.51 11.47
C LEU A 92 21.74 21.77 11.27
N TYR A 93 21.18 21.95 10.07
CA TYR A 93 19.95 21.29 9.67
C TYR A 93 20.28 19.88 9.16
N GLY A 94 19.36 18.94 9.38
CA GLY A 94 19.52 17.57 8.91
C GLY A 94 20.74 16.90 9.53
N HIS A 95 21.58 16.32 8.67
CA HIS A 95 22.86 15.73 9.06
C HIS A 95 23.95 16.79 8.82
N PRO A 96 24.79 17.10 9.83
CA PRO A 96 25.65 18.28 9.77
C PRO A 96 26.80 18.21 8.77
N GLY A 97 27.04 17.02 8.21
CA GLY A 97 28.11 16.84 7.24
C GLY A 97 27.57 16.58 5.83
N VAL A 98 26.25 16.75 5.65
CA VAL A 98 25.60 16.49 4.38
C VAL A 98 25.09 17.81 3.80
N PHE A 99 25.57 18.15 2.60
CA PHE A 99 25.33 19.47 2.02
C PHE A 99 25.66 20.53 3.06
N ALA A 100 26.94 20.55 3.46
CA ALA A 100 27.40 21.37 4.57
C ALA A 100 28.91 21.50 4.51
N CYS A 101 29.39 22.62 3.95
CA CYS A 101 30.81 22.84 3.81
C CYS A 101 31.37 23.50 5.08
N VAL A 102 30.54 24.29 5.75
CA VAL A 102 30.98 25.11 6.86
C VAL A 102 31.37 24.22 8.05
N SER A 103 30.56 23.19 8.32
CA SER A 103 30.90 22.23 9.36
C SER A 103 32.25 21.60 9.06
N HIS A 104 32.39 21.02 7.87
CA HIS A 104 33.62 20.32 7.49
C HIS A 104 34.81 21.26 7.60
N MET A 105 34.64 22.50 7.11
CA MET A 105 35.72 23.47 7.09
C MET A 105 36.14 23.81 8.52
N ALA A 106 35.15 24.10 9.38
CA ALA A 106 35.44 24.51 10.75
C ALA A 106 36.14 23.38 11.49
N ILE A 107 35.61 22.16 11.37
CA ILE A 107 36.21 21.02 12.03
C ILE A 107 37.64 20.84 11.53
N THR A 108 37.83 20.97 10.21
CA THR A 108 39.16 20.80 9.63
C THR A 108 40.11 21.81 10.26
N ARG A 109 39.69 23.08 10.31
CA ARG A 109 40.57 24.15 10.75
C ARG A 109 40.84 24.02 12.26
N ALA A 110 39.82 23.57 13.00
CA ALA A 110 39.96 23.41 14.44
C ALA A 110 41.00 22.34 14.75
N LYS A 111 40.95 21.23 13.99
CA LYS A 111 41.90 20.14 14.17
C LYS A 111 43.31 20.64 13.90
N ALA A 112 43.47 21.38 12.79
CA ALA A 112 44.77 21.83 12.34
C ALA A 112 45.40 22.77 13.37
N GLU A 113 44.55 23.45 14.15
CA GLU A 113 45.03 24.37 15.18
C GLU A 113 45.15 23.65 16.51
N GLY A 114 44.90 22.34 16.51
CA GLY A 114 45.11 21.50 17.68
C GLY A 114 43.96 21.60 18.68
N PHE A 115 42.74 21.76 18.18
CA PHE A 115 41.57 21.76 19.04
C PHE A 115 40.81 20.45 18.84
N SER A 116 40.10 20.02 19.89
CA SER A 116 39.19 18.88 19.79
C SER A 116 37.95 19.32 19.01
N ALA A 117 37.59 18.50 18.01
CA ALA A 117 36.55 18.86 17.06
C ALA A 117 35.97 17.58 16.47
N LYS A 118 34.65 17.48 16.43
CA LYS A 118 34.01 16.30 15.88
C LYS A 118 32.62 16.61 15.34
N MET A 119 32.17 15.69 14.48
CA MET A 119 30.87 15.76 13.85
C MET A 119 29.97 14.65 14.39
N GLU A 120 28.81 15.03 14.92
CA GLU A 120 27.81 14.06 15.32
C GLU A 120 26.83 13.87 14.17
N PRO A 121 26.55 12.60 13.76
CA PRO A 121 25.59 12.34 12.69
C PRO A 121 24.17 12.68 13.12
N GLY A 122 23.34 13.02 12.12
CA GLY A 122 21.92 13.25 12.34
C GLY A 122 21.12 12.69 11.17
N ILE A 123 19.80 12.88 11.23
CA ILE A 123 18.89 12.35 10.24
C ILE A 123 18.85 13.29 9.03
N SER A 124 19.23 12.74 7.86
CA SER A 124 19.27 13.47 6.61
C SER A 124 17.93 13.37 5.89
N ALA A 125 17.80 14.13 4.81
CA ALA A 125 16.61 14.07 3.95
C ALA A 125 16.48 12.69 3.36
N GLU A 126 17.62 12.04 3.11
CA GLU A 126 17.64 10.72 2.49
C GLU A 126 17.06 9.69 3.45
N ALA A 127 17.46 9.79 4.72
CA ALA A 127 16.95 8.93 5.77
C ALA A 127 15.43 9.03 5.83
N CYS A 128 14.92 10.26 5.68
CA CYS A 128 13.48 10.50 5.74
C CYS A 128 12.79 9.87 4.53
N LEU A 129 13.45 9.94 3.36
CA LEU A 129 12.87 9.46 2.12
C LEU A 129 12.57 7.97 2.23
N TRP A 130 13.53 7.19 2.71
CA TRP A 130 13.37 5.75 2.84
C TRP A 130 12.15 5.43 3.69
N ALA A 131 11.99 6.15 4.80
CA ALA A 131 10.92 5.89 5.74
C ALA A 131 9.57 6.25 5.13
N ASP A 132 9.51 7.41 4.46
CA ASP A 132 8.26 7.97 3.99
C ASP A 132 7.74 7.19 2.78
N LEU A 133 8.64 6.80 1.87
CA LEU A 133 8.26 6.07 0.67
C LEU A 133 8.23 4.57 0.94
N GLY A 134 8.75 4.16 2.10
CA GLY A 134 8.83 2.76 2.46
C GLY A 134 9.69 1.98 1.47
N ILE A 135 10.90 2.48 1.22
CA ILE A 135 11.82 1.85 0.28
C ILE A 135 13.12 1.54 1.02
N ASP A 136 13.64 0.33 0.80
CA ASP A 136 14.93 -0.05 1.35
C ASP A 136 15.99 0.12 0.28
N PRO A 137 17.00 1.00 0.50
CA PRO A 137 18.09 1.18 -0.47
C PRO A 137 18.77 -0.13 -0.83
N GLY A 138 18.71 -1.11 0.09
CA GLY A 138 19.42 -2.36 -0.09
C GLY A 138 18.63 -3.36 -0.95
N ASN A 139 17.38 -3.01 -1.26
CA ASN A 139 16.48 -3.94 -1.94
C ASN A 139 17.00 -4.25 -3.34
N SER A 140 17.36 -3.22 -4.10
CA SER A 140 17.97 -3.41 -5.40
C SER A 140 19.14 -2.46 -5.59
N GLY A 141 19.62 -1.91 -4.47
CA GLY A 141 20.74 -0.98 -4.50
C GLY A 141 20.27 0.47 -4.64
N HIS A 142 21.22 1.40 -4.50
CA HIS A 142 20.90 2.81 -4.38
C HIS A 142 22.06 3.65 -4.91
N GLN A 143 21.72 4.70 -5.66
CA GLN A 143 22.70 5.67 -6.11
C GLN A 143 22.15 7.08 -5.88
N SER A 144 22.97 7.94 -5.30
CA SER A 144 22.62 9.33 -5.06
C SER A 144 23.63 10.25 -5.72
N PHE A 145 23.11 11.25 -6.45
CA PHE A 145 23.95 12.29 -7.02
C PHE A 145 23.29 13.65 -6.80
N GLU A 146 24.12 14.69 -6.72
CA GLU A 146 23.64 16.05 -6.85
C GLU A 146 23.28 16.24 -8.33
N ALA A 147 22.07 16.75 -8.58
CA ALA A 147 21.50 16.74 -9.92
C ALA A 147 22.42 17.45 -10.92
N SER A 148 23.02 18.57 -10.51
CA SER A 148 23.89 19.33 -11.39
C SER A 148 25.14 18.51 -11.72
N GLN A 149 25.70 17.83 -10.72
CA GLN A 149 26.87 17.00 -10.92
C GLN A 149 26.53 15.91 -11.93
N PHE A 150 25.27 15.45 -11.89
CA PHE A 150 24.82 14.38 -12.74
C PHE A 150 24.77 14.86 -14.19
N MET A 151 24.59 16.17 -14.37
CA MET A 151 24.44 16.75 -15.69
C MET A 151 25.81 17.19 -16.21
N PHE A 152 26.68 17.68 -15.34
CA PHE A 152 27.94 18.26 -15.76
C PHE A 152 28.97 17.15 -16.01
N PHE A 153 28.86 16.06 -15.26
CA PHE A 153 29.84 14.99 -15.35
C PHE A 153 29.15 13.68 -15.74
N ASN A 154 29.97 12.73 -16.19
CA ASN A 154 29.47 11.47 -16.73
C ASN A 154 29.26 10.47 -15.60
N HIS A 155 28.00 10.30 -15.20
CA HIS A 155 27.62 9.36 -14.16
C HIS A 155 26.51 8.45 -14.69
N VAL A 156 26.91 7.31 -15.26
CA VAL A 156 25.96 6.35 -15.81
C VAL A 156 25.27 5.62 -14.66
N PRO A 157 23.94 5.77 -14.50
CA PRO A 157 23.21 5.07 -13.45
C PRO A 157 23.05 3.57 -13.74
N ASP A 158 22.96 2.79 -12.67
CA ASP A 158 22.55 1.39 -12.73
C ASP A 158 21.04 1.34 -12.58
N PRO A 159 20.29 1.03 -13.66
CA PRO A 159 18.83 1.17 -13.63
C PRO A 159 18.08 0.09 -12.86
N THR A 160 18.81 -0.80 -12.19
CA THR A 160 18.19 -1.75 -11.29
C THR A 160 18.07 -1.13 -9.90
N THR A 161 18.73 0.01 -9.70
CA THR A 161 18.79 0.65 -8.39
C THR A 161 17.71 1.73 -8.30
N HIS A 162 17.47 2.19 -7.06
CA HIS A 162 16.76 3.43 -6.82
C HIS A 162 17.74 4.58 -6.99
N LEU A 163 17.47 5.45 -7.97
CA LEU A 163 18.33 6.58 -8.26
C LEU A 163 17.73 7.84 -7.65
N LEU A 164 18.55 8.55 -6.86
CA LEU A 164 18.15 9.81 -6.25
C LEU A 164 18.96 10.94 -6.86
N LEU A 165 18.27 12.01 -7.29
CA LEU A 165 18.91 13.21 -7.79
C LEU A 165 18.52 14.38 -6.89
N TRP A 166 19.52 14.94 -6.20
CA TRP A 166 19.29 15.96 -5.19
C TRP A 166 19.41 17.36 -5.79
N GLN A 167 18.79 18.32 -5.10
CA GLN A 167 18.79 19.72 -5.50
C GLN A 167 18.38 19.80 -6.96
N ILE A 168 17.24 19.17 -7.26
CA ILE A 168 16.69 19.09 -8.60
C ILE A 168 16.25 20.47 -9.07
N ALA A 169 15.98 21.36 -8.10
CA ALA A 169 15.41 22.67 -8.41
C ALA A 169 16.44 23.56 -9.09
N ILE A 170 17.73 23.27 -8.91
CA ILE A 170 18.77 24.10 -9.50
C ILE A 170 19.61 23.27 -10.47
N ALA A 171 19.02 22.18 -10.98
CA ALA A 171 19.72 21.28 -11.89
C ALA A 171 20.21 22.05 -13.12
N GLY A 172 21.53 22.01 -13.34
CA GLY A 172 22.12 22.52 -14.57
C GLY A 172 22.51 23.99 -14.47
N GLU A 173 22.49 24.55 -13.26
CA GLU A 173 22.90 25.93 -13.05
C GLU A 173 24.40 25.99 -12.81
N HIS A 174 25.09 26.80 -13.64
CA HIS A 174 26.52 26.99 -13.51
C HIS A 174 26.80 28.32 -12.79
N SER A 182 14.32 26.04 -13.97
CA SER A 182 13.70 26.36 -15.28
C SER A 182 13.26 25.07 -15.96
N SER A 183 12.20 25.17 -16.76
CA SER A 183 11.67 24.03 -17.49
C SER A 183 12.63 23.60 -18.59
N ASP A 184 13.49 24.53 -19.02
CA ASP A 184 14.43 24.27 -20.09
C ASP A 184 15.49 23.27 -19.63
N ARG A 185 16.04 23.51 -18.43
CA ARG A 185 17.09 22.68 -17.88
C ARG A 185 16.52 21.31 -17.51
N LEU A 186 15.30 21.30 -16.97
CA LEU A 186 14.67 20.07 -16.56
C LEU A 186 14.36 19.21 -17.78
N GLN A 187 14.01 19.85 -18.90
CA GLN A 187 13.76 19.15 -20.15
C GLN A 187 15.05 18.48 -20.61
N ILE A 188 16.19 19.14 -20.39
CA ILE A 188 17.47 18.57 -20.77
C ILE A 188 17.76 17.38 -19.87
N LEU A 189 17.39 17.48 -18.59
CA LEU A 189 17.54 16.39 -17.64
C LEU A 189 16.69 15.20 -18.08
N VAL A 190 15.48 15.47 -18.61
CA VAL A 190 14.57 14.43 -19.05
C VAL A 190 15.20 13.66 -20.21
N GLU A 191 15.74 14.40 -21.18
CA GLU A 191 16.34 13.81 -22.36
C GLU A 191 17.54 12.96 -21.97
N GLN A 192 18.29 13.44 -20.96
CA GLN A 192 19.44 12.71 -20.44
C GLN A 192 18.96 11.39 -19.84
N LEU A 193 17.98 11.48 -18.94
CA LEU A 193 17.48 10.31 -18.23
C LEU A 193 16.81 9.33 -19.20
N ASN A 194 16.35 9.85 -20.34
CA ASN A 194 15.58 9.07 -21.28
C ASN A 194 16.48 8.07 -22.00
N GLN A 195 17.78 8.12 -21.75
CA GLN A 195 18.71 7.13 -22.28
C GLN A 195 18.44 5.77 -21.63
N TRP A 196 17.98 5.79 -20.38
CA TRP A 196 17.85 4.57 -19.60
C TRP A 196 16.41 4.37 -19.12
N TYR A 197 15.64 5.47 -19.07
CA TYR A 197 14.30 5.43 -18.51
C TYR A 197 13.28 5.90 -19.56
N PRO A 198 12.19 5.14 -19.79
CA PRO A 198 11.13 5.58 -20.68
C PRO A 198 10.49 6.87 -20.18
N LEU A 199 9.91 7.63 -21.13
CA LEU A 199 9.35 8.94 -20.82
C LEU A 199 8.12 8.79 -19.94
N ASP A 200 7.52 7.60 -19.92
CA ASP A 200 6.34 7.37 -19.11
C ASP A 200 6.72 6.62 -17.82
N HIS A 201 8.03 6.53 -17.57
CA HIS A 201 8.51 5.95 -16.32
C HIS A 201 8.09 6.84 -15.15
N GLU A 202 7.41 6.23 -14.17
CA GLU A 202 6.92 6.97 -13.01
C GLU A 202 8.11 7.31 -12.10
N VAL A 203 8.26 8.61 -11.82
CA VAL A 203 9.24 9.09 -10.86
C VAL A 203 8.50 9.82 -9.75
N VAL A 204 9.22 10.16 -8.67
CA VAL A 204 8.61 10.74 -7.49
C VAL A 204 9.39 11.98 -7.09
N ILE A 205 8.66 13.10 -6.94
CA ILE A 205 9.23 14.32 -6.39
C ILE A 205 9.00 14.29 -4.88
N TYR A 206 10.09 14.32 -4.12
CA TYR A 206 10.02 14.15 -2.68
C TYR A 206 10.53 15.41 -1.96
N GLU A 207 9.76 15.83 -0.95
CA GLU A 207 10.17 16.88 -0.03
C GLU A 207 9.84 16.42 1.39
N ALA A 208 10.88 16.29 2.22
CA ALA A 208 10.72 15.93 3.62
C ALA A 208 9.94 17.02 4.35
N ALA A 209 9.11 16.61 5.31
CA ALA A 209 8.35 17.53 6.14
C ALA A 209 9.28 18.11 7.22
N ASN A 210 9.02 19.37 7.60
CA ASN A 210 9.85 20.02 8.60
C ASN A 210 9.00 20.37 9.82
N LEU A 211 7.67 20.31 9.68
CA LEU A 211 6.77 20.56 10.80
C LEU A 211 5.94 19.31 11.08
N PRO A 212 5.62 19.02 12.36
CA PRO A 212 4.94 17.78 12.72
C PRO A 212 3.49 17.71 12.24
N ILE A 213 2.95 18.85 11.80
CA ILE A 213 1.59 18.92 11.32
C ILE A 213 1.59 18.76 9.80
N GLN A 214 2.80 18.62 9.23
CA GLN A 214 2.99 18.75 7.80
C GLN A 214 3.27 17.39 7.17
N ALA A 215 2.51 17.07 6.12
CA ALA A 215 2.73 15.86 5.35
C ALA A 215 3.90 16.09 4.39
N PRO A 216 4.75 15.06 4.15
CA PRO A 216 5.80 15.16 3.15
C PRO A 216 5.17 15.23 1.76
N ARG A 217 5.85 15.91 0.83
CA ARG A 217 5.43 15.93 -0.56
C ARG A 217 5.91 14.63 -1.21
N ILE A 218 4.97 13.83 -1.70
CA ILE A 218 5.29 12.62 -2.45
C ILE A 218 4.44 12.63 -3.73
N GLU A 219 4.97 13.28 -4.77
CA GLU A 219 4.24 13.46 -6.02
C GLU A 219 4.76 12.49 -7.07
N ARG A 220 3.90 11.55 -7.48
CA ARG A 220 4.21 10.61 -8.54
C ARG A 220 3.77 11.20 -9.87
N LEU A 221 4.65 11.15 -10.88
CA LEU A 221 4.33 11.66 -12.19
C LEU A 221 5.26 11.02 -13.22
N PRO A 222 4.84 10.95 -14.50
CA PRO A 222 5.71 10.48 -15.57
C PRO A 222 6.93 11.37 -15.68
N LEU A 223 8.06 10.78 -16.11
CA LEU A 223 9.31 11.50 -16.26
C LEU A 223 9.09 12.73 -17.15
N ALA A 224 8.25 12.56 -18.18
CA ALA A 224 8.07 13.57 -19.22
C ALA A 224 7.46 14.84 -18.65
N ASN A 225 6.83 14.77 -17.48
CA ASN A 225 6.08 15.88 -16.94
C ASN A 225 6.95 16.70 -15.99
N LEU A 226 8.16 16.21 -15.70
CA LEU A 226 9.02 16.82 -14.68
C LEU A 226 9.20 18.31 -14.98
N PRO A 227 9.47 18.71 -16.24
CA PRO A 227 9.68 20.12 -16.56
C PRO A 227 8.57 21.08 -16.15
N GLN A 228 7.35 20.56 -15.97
CA GLN A 228 6.20 21.41 -15.68
C GLN A 228 5.82 21.34 -14.20
N ALA A 229 6.70 20.78 -13.38
CA ALA A 229 6.43 20.66 -11.95
C ALA A 229 7.07 21.83 -11.20
N HIS A 230 6.40 22.27 -10.14
CA HIS A 230 6.92 23.33 -9.28
C HIS A 230 7.84 22.71 -8.24
N LEU A 231 9.03 23.30 -8.08
CA LEU A 231 10.06 22.73 -7.24
C LEU A 231 10.49 23.72 -6.17
N MET A 232 11.00 23.18 -5.05
CA MET A 232 11.55 24.00 -3.98
C MET A 232 13.02 23.59 -3.76
N PRO A 233 13.80 24.37 -2.99
CA PRO A 233 15.20 24.02 -2.72
C PRO A 233 15.37 22.61 -2.18
N ILE A 234 14.36 22.12 -1.46
CA ILE A 234 14.46 20.87 -0.71
C ILE A 234 14.01 19.70 -1.57
N SER A 235 13.41 20.00 -2.74
CA SER A 235 12.86 18.98 -3.61
C SER A 235 13.96 18.00 -4.04
N THR A 236 13.60 16.72 -4.09
CA THR A 236 14.48 15.67 -4.58
C THR A 236 13.72 14.81 -5.58
N LEU A 237 14.45 14.21 -6.53
CA LEU A 237 13.84 13.36 -7.53
C LEU A 237 14.22 11.91 -7.27
N LEU A 238 13.21 11.05 -7.06
CA LEU A 238 13.41 9.61 -6.97
C LEU A 238 13.02 8.98 -8.31
N ILE A 239 13.96 8.20 -8.86
CA ILE A 239 13.73 7.44 -10.09
C ILE A 239 13.79 5.96 -9.74
N PRO A 240 12.65 5.27 -9.58
CA PRO A 240 12.67 3.84 -9.28
C PRO A 240 13.30 3.03 -10.41
N PRO A 241 13.68 1.76 -10.14
CA PRO A 241 14.34 0.92 -11.14
C PRO A 241 13.52 0.76 -12.41
N ALA A 242 14.22 0.69 -13.55
CA ALA A 242 13.59 0.49 -14.85
C ALA A 242 13.76 -0.96 -15.28
N LYS A 243 14.60 -1.71 -14.57
CA LYS A 243 14.87 -3.10 -14.91
C LYS A 243 14.92 -3.95 -13.64
N LYS A 244 14.42 -5.18 -13.76
CA LYS A 244 14.53 -6.16 -12.69
C LYS A 244 16.00 -6.57 -12.57
N LEU A 245 16.38 -7.08 -11.39
CA LEU A 245 17.68 -7.68 -11.21
C LEU A 245 17.79 -8.91 -12.11
N GLU A 246 19.00 -9.16 -12.61
CA GLU A 246 19.26 -10.31 -13.44
C GLU A 246 20.50 -11.05 -12.91
N TYR A 247 20.49 -12.37 -13.04
CA TYR A 247 21.53 -13.21 -12.45
C TYR A 247 22.87 -12.92 -13.12
N ASN A 248 23.91 -12.91 -12.29
CA ASN A 248 25.29 -12.83 -12.75
C ASN A 248 25.80 -14.27 -12.88
N TYR A 249 25.50 -14.89 -14.03
CA TYR A 249 25.76 -16.31 -14.23
C TYR A 249 27.25 -16.59 -14.16
N ALA A 250 28.06 -15.58 -14.47
CA ALA A 250 29.52 -15.72 -14.47
C ALA A 250 30.02 -15.92 -13.05
N ILE A 251 29.62 -15.02 -12.15
CA ILE A 251 30.10 -15.02 -10.78
C ILE A 251 29.52 -16.22 -10.04
N LEU A 252 28.26 -16.56 -10.35
CA LEU A 252 27.62 -17.72 -9.76
C LEU A 252 28.41 -18.97 -10.14
N ALA A 253 28.87 -19.00 -11.39
CA ALA A 253 29.67 -20.11 -11.90
C ALA A 253 30.97 -20.21 -11.11
N LYS A 254 31.65 -19.08 -10.95
CA LYS A 254 32.90 -19.02 -10.19
C LYS A 254 32.64 -19.51 -8.77
N LEU A 255 31.44 -19.23 -8.24
CA LEU A 255 31.07 -19.63 -6.90
C LEU A 255 30.65 -21.10 -6.90
N GLY A 256 30.54 -21.68 -8.11
CA GLY A 256 30.22 -23.09 -8.27
C GLY A 256 28.76 -23.38 -7.95
N ILE A 257 27.88 -22.40 -8.20
CA ILE A 257 26.47 -22.55 -7.90
C ILE A 257 25.64 -22.02 -9.07
N GLY A 258 24.33 -22.25 -9.00
CA GLY A 258 23.39 -21.73 -9.97
C GLY A 258 22.26 -20.97 -9.28
N PRO A 259 21.37 -20.30 -10.05
CA PRO A 259 20.23 -19.58 -9.48
C PRO A 259 19.38 -20.43 -8.53
N GLU A 260 19.41 -21.75 -8.73
CA GLU A 260 18.54 -22.65 -7.99
C GLU A 260 19.10 -22.86 -6.58
N ASP A 261 20.37 -22.51 -6.38
CA ASP A 261 21.04 -22.74 -5.11
C ASP A 261 20.80 -21.58 -4.16
N LEU A 262 20.41 -20.42 -4.71
CA LEU A 262 20.11 -19.25 -3.91
C LEU A 262 18.93 -19.57 -3.00
N GLY A 263 19.19 -19.65 -1.69
CA GLY A 263 18.13 -19.81 -0.70
C GLY A 263 17.29 -18.56 -0.60
N SER B 9 4.82 33.01 21.46
CA SER B 9 5.19 31.72 20.89
C SER B 9 3.99 30.97 20.40
N GLY B 10 3.33 30.24 21.28
CA GLY B 10 2.10 29.56 20.90
C GLY B 10 2.19 28.52 19.81
N LEU B 11 2.21 28.96 18.58
CA LEU B 11 2.33 28.05 17.47
C LEU B 11 3.66 27.33 17.57
N SER B 12 4.71 28.06 17.90
CA SER B 12 6.03 27.45 18.02
C SER B 12 6.05 26.45 19.17
N ASP B 13 5.58 26.87 20.34
CA ASP B 13 5.58 26.04 21.53
C ASP B 13 4.79 24.77 21.26
N PHE B 14 3.63 24.91 20.63
CA PHE B 14 2.78 23.77 20.32
C PHE B 14 3.53 22.83 19.37
N PHE B 15 4.06 23.38 18.27
CA PHE B 15 4.72 22.56 17.27
C PHE B 15 5.91 21.85 17.90
N THR B 16 6.57 22.51 18.87
CA THR B 16 7.72 21.95 19.56
C THR B 16 7.28 20.75 20.39
N GLN B 17 6.18 20.91 21.15
CA GLN B 17 5.66 19.86 22.00
C GLN B 17 5.22 18.68 21.13
N LEU B 18 4.45 18.98 20.08
CA LEU B 18 3.86 17.95 19.23
C LEU B 18 4.97 17.09 18.63
N GLY B 19 6.07 17.73 18.22
CA GLY B 19 7.12 17.06 17.48
C GLY B 19 7.98 16.14 18.35
N GLN B 20 7.88 16.27 19.68
CA GLN B 20 8.75 15.57 20.61
CA GLN B 20 8.77 15.50 20.53
C GLN B 20 7.98 14.54 21.42
N ASP B 21 6.65 14.70 21.45
CA ASP B 21 5.83 13.91 22.38
C ASP B 21 4.92 12.97 21.62
N ALA B 22 5.17 11.66 21.76
CA ALA B 22 4.42 10.64 21.04
C ALA B 22 2.97 10.62 21.52
N GLN B 23 2.75 10.88 22.82
CA GLN B 23 1.43 10.84 23.40
C GLN B 23 0.60 12.01 22.85
N LEU B 24 1.23 13.17 22.69
CA LEU B 24 0.55 14.34 22.17
C LEU B 24 0.23 14.10 20.70
N MET B 25 1.17 13.46 19.99
CA MET B 25 0.97 13.14 18.59
C MET B 25 -0.27 12.27 18.45
N GLU B 26 -0.41 11.29 19.36
CA GLU B 26 -1.54 10.38 19.38
C GLU B 26 -2.83 11.18 19.51
N ASP B 27 -2.92 11.99 20.58
CA ASP B 27 -4.07 12.83 20.81
C ASP B 27 -4.36 13.68 19.57
N TYR B 28 -3.29 14.23 18.99
CA TYR B 28 -3.42 15.14 17.86
C TYR B 28 -4.14 14.45 16.71
N LYS B 29 -3.66 13.25 16.34
CA LYS B 29 -4.08 12.59 15.13
C LYS B 29 -5.54 12.14 15.23
N GLN B 30 -6.04 11.96 16.46
CA GLN B 30 -7.40 11.52 16.68
C GLN B 30 -8.37 12.68 16.47
N ASN B 31 -7.96 13.88 16.89
CA ASN B 31 -8.81 15.06 16.78
C ASN B 31 -7.93 16.30 16.66
N PRO B 32 -7.36 16.58 15.47
CA PRO B 32 -6.40 17.66 15.30
C PRO B 32 -6.92 19.03 15.72
N GLU B 33 -8.14 19.35 15.29
CA GLU B 33 -8.72 20.67 15.50
C GLU B 33 -8.83 20.95 16.99
N ALA B 34 -9.35 19.97 17.74
CA ALA B 34 -9.60 20.16 19.16
C ALA B 34 -8.28 20.33 19.92
N VAL B 35 -7.28 19.52 19.56
CA VAL B 35 -6.01 19.56 20.27
C VAL B 35 -5.33 20.90 19.98
N MET B 36 -5.43 21.39 18.75
CA MET B 36 -4.81 22.63 18.36
C MET B 36 -5.45 23.79 19.12
N ARG B 37 -6.79 23.76 19.24
CA ARG B 37 -7.51 24.83 19.91
CA ARG B 37 -7.52 24.82 19.92
C ARG B 37 -7.21 24.76 21.41
N ALA B 38 -7.03 23.54 21.93
CA ALA B 38 -6.71 23.33 23.32
C ALA B 38 -5.37 23.97 23.66
N HIS B 39 -4.50 24.08 22.64
CA HIS B 39 -3.17 24.63 22.83
C HIS B 39 -3.10 26.07 22.32
N GLY B 40 -4.27 26.64 22.03
CA GLY B 40 -4.40 28.08 21.89
C GLY B 40 -4.08 28.59 20.49
N LEU B 41 -4.12 27.70 19.49
CA LEU B 41 -4.00 28.12 18.10
C LEU B 41 -5.30 28.81 17.69
N THR B 42 -5.17 29.77 16.77
CA THR B 42 -6.30 30.56 16.31
C THR B 42 -6.99 29.83 15.17
N ASP B 43 -8.22 30.27 14.87
CA ASP B 43 -9.02 29.68 13.81
C ASP B 43 -8.26 29.77 12.49
N GLU B 44 -7.57 30.90 12.28
CA GLU B 44 -6.78 31.09 11.07
C GLU B 44 -5.66 30.05 11.03
N GLN B 45 -4.93 29.91 12.14
CA GLN B 45 -3.82 28.98 12.22
C GLN B 45 -4.34 27.56 11.98
N ILE B 46 -5.38 27.18 12.72
CA ILE B 46 -5.94 25.84 12.62
C ILE B 46 -6.30 25.56 11.17
N ASN B 47 -6.89 26.56 10.50
CA ASN B 47 -7.35 26.41 9.14
C ASN B 47 -6.16 26.19 8.21
N ALA B 48 -5.07 26.92 8.45
CA ALA B 48 -3.87 26.80 7.64
C ALA B 48 -3.32 25.37 7.75
N VAL B 49 -3.39 24.80 8.95
CA VAL B 49 -2.83 23.47 9.18
C VAL B 49 -3.69 22.45 8.44
N MET B 50 -5.01 22.55 8.61
CA MET B 50 -5.92 21.55 8.07
C MET B 50 -5.97 21.64 6.54
N THR B 51 -5.64 22.82 5.99
CA THR B 51 -5.64 23.01 4.55
C THR B 51 -4.28 22.64 3.98
N GLY B 52 -3.26 22.63 4.84
CA GLY B 52 -1.91 22.27 4.43
C GLY B 52 -1.20 23.44 3.75
N ASP B 53 -1.62 24.66 4.10
CA ASP B 53 -1.06 25.87 3.50
C ASP B 53 0.10 26.36 4.36
N MET B 54 1.29 25.81 4.09
CA MET B 54 2.48 26.09 4.89
C MET B 54 2.82 27.58 4.80
N GLU B 55 2.55 28.19 3.64
CA GLU B 55 2.88 29.59 3.43
C GLU B 55 2.10 30.47 4.41
N LYS B 56 0.79 30.28 4.49
CA LYS B 56 -0.05 31.12 5.34
C LYS B 56 0.40 30.96 6.79
N LEU B 57 0.92 29.78 7.13
CA LEU B 57 1.39 29.52 8.49
C LEU B 57 2.54 30.45 8.84
N LYS B 58 3.53 30.53 7.93
CA LYS B 58 4.71 31.35 8.17
C LYS B 58 4.29 32.77 8.53
N THR B 59 3.15 33.21 7.97
CA THR B 59 2.73 34.60 8.07
C THR B 59 1.74 34.77 9.21
N LEU B 60 1.76 33.86 10.19
CA LEU B 60 0.81 33.90 11.29
C LEU B 60 1.54 34.01 12.63
N SER B 61 2.74 33.41 12.70
CA SER B 61 3.55 33.51 13.90
C SER B 61 4.89 32.78 13.67
N GLY C 2 -5.04 -1.60 17.70
CA GLY C 2 -3.68 -2.01 17.33
C GLY C 2 -3.05 -1.06 16.32
N SER C 3 -1.76 -0.79 16.49
CA SER C 3 -1.01 0.05 15.57
C SER C 3 0.46 -0.35 15.62
N LEU C 4 1.22 0.08 14.61
CA LEU C 4 2.63 -0.26 14.52
C LEU C 4 3.43 0.98 14.18
N VAL C 5 4.48 1.23 14.97
CA VAL C 5 5.47 2.24 14.65
C VAL C 5 6.85 1.59 14.69
N CYS C 6 7.60 1.74 13.60
CA CYS C 6 8.94 1.21 13.52
C CYS C 6 9.93 2.36 13.70
N VAL C 7 10.88 2.17 14.63
CA VAL C 7 11.85 3.19 14.95
C VAL C 7 13.24 2.56 14.96
N GLY C 8 14.26 3.40 14.69
CA GLY C 8 15.65 2.99 14.82
C GLY C 8 16.27 3.61 16.06
N THR C 9 17.37 2.99 16.54
CA THR C 9 18.01 3.42 17.77
C THR C 9 19.40 3.95 17.47
N GLY C 10 19.80 3.94 16.19
CA GLY C 10 21.13 4.36 15.80
C GLY C 10 22.15 3.28 16.11
N LEU C 11 23.43 3.67 16.17
CA LEU C 11 24.52 2.72 16.37
C LEU C 11 25.09 2.85 17.78
N GLN C 12 25.23 4.08 18.26
CA GLN C 12 25.74 4.33 19.60
C GLN C 12 24.66 4.06 20.64
N LEU C 13 25.11 3.63 21.83
CA LEU C 13 24.24 3.36 22.95
C LEU C 13 23.56 4.64 23.42
N ALA C 14 22.22 4.62 23.45
CA ALA C 14 21.43 5.57 24.21
C ALA C 14 21.26 6.91 23.51
N GLY C 15 22.36 7.47 22.99
CA GLY C 15 22.40 8.88 22.65
C GLY C 15 22.00 9.15 21.20
N GLN C 16 21.91 8.11 20.38
CA GLN C 16 21.79 8.29 18.95
C GLN C 16 20.36 8.03 18.48
N ILE C 17 19.45 7.76 19.43
CA ILE C 17 18.04 7.68 19.09
C ILE C 17 17.46 9.09 19.07
N SER C 18 16.51 9.32 18.16
CA SER C 18 15.80 10.59 18.10
C SER C 18 14.92 10.75 19.34
N VAL C 19 14.64 12.00 19.71
CA VAL C 19 13.84 12.30 20.87
C VAL C 19 12.44 11.74 20.67
N LEU C 20 11.86 11.93 19.47
CA LEU C 20 10.52 11.45 19.19
C LEU C 20 10.50 9.92 19.22
N SER C 21 11.55 9.29 18.66
CA SER C 21 11.60 7.84 18.57
C SER C 21 11.66 7.22 19.97
N ARG C 22 12.35 7.89 20.90
CA ARG C 22 12.49 7.41 22.26
C ARG C 22 11.13 7.46 22.94
N SER C 23 10.42 8.58 22.71
CA SER C 23 9.08 8.78 23.24
C SER C 23 8.17 7.64 22.80
N TYR C 24 8.27 7.25 21.52
CA TYR C 24 7.43 6.19 20.99
C TYR C 24 7.67 4.91 21.77
N ILE C 25 8.93 4.60 22.07
CA ILE C 25 9.26 3.37 22.76
C ILE C 25 8.66 3.40 24.17
N GLU C 26 8.73 4.58 24.81
CA GLU C 26 8.30 4.72 26.19
C GLU C 26 6.79 4.50 26.32
N HIS C 27 6.04 4.94 25.31
CA HIS C 27 4.59 4.97 25.38
C HIS C 27 3.99 3.69 24.80
N ALA C 28 4.84 2.77 24.35
CA ALA C 28 4.39 1.58 23.65
C ALA C 28 3.80 0.57 24.63
N ASP C 29 2.82 -0.21 24.16
CA ASP C 29 2.31 -1.35 24.89
C ASP C 29 3.35 -2.46 24.90
N ILE C 30 4.07 -2.61 23.78
CA ILE C 30 5.02 -3.69 23.62
C ILE C 30 6.06 -3.29 22.58
N VAL C 31 7.31 -3.70 22.81
CA VAL C 31 8.41 -3.36 21.91
C VAL C 31 9.08 -4.65 21.44
N PHE C 32 9.23 -4.77 20.13
CA PHE C 32 10.05 -5.82 19.52
C PHE C 32 11.38 -5.20 19.14
N SER C 33 12.48 -5.79 19.62
CA SER C 33 13.78 -5.16 19.55
C SER C 33 14.75 -6.01 18.76
N LEU C 34 15.67 -5.34 18.07
CA LEU C 34 16.81 -6.00 17.45
C LEU C 34 18.01 -5.06 17.59
N LEU C 35 18.79 -5.28 18.66
CA LEU C 35 19.77 -4.30 19.12
C LEU C 35 21.18 -4.92 19.09
N PRO C 36 22.23 -4.08 19.10
CA PRO C 36 23.60 -4.55 18.89
C PRO C 36 24.17 -5.43 19.99
N ASP C 37 23.80 -5.15 21.26
CA ASP C 37 24.49 -5.75 22.38
C ASP C 37 23.63 -5.70 23.64
N GLY C 38 24.22 -6.16 24.76
CA GLY C 38 23.52 -6.29 26.02
C GLY C 38 23.32 -4.95 26.73
N PHE C 39 24.23 -4.01 26.50
CA PHE C 39 24.11 -2.68 27.09
C PHE C 39 22.89 -1.99 26.51
N SER C 40 22.72 -2.15 25.18
CA SER C 40 21.60 -1.56 24.47
C SER C 40 20.29 -2.19 24.95
N GLN C 41 20.31 -3.52 25.12
CA GLN C 41 19.14 -4.27 25.56
C GLN C 41 18.68 -3.74 26.92
N ARG C 42 19.64 -3.58 27.84
CA ARG C 42 19.34 -3.09 29.17
C ARG C 42 18.71 -1.70 29.08
N TRP C 43 19.35 -0.82 28.32
CA TRP C 43 18.88 0.54 28.15
C TRP C 43 17.44 0.54 27.66
N LEU C 44 17.15 -0.32 26.66
CA LEU C 44 15.82 -0.40 26.09
C LEU C 44 14.83 -0.81 27.16
N THR C 45 15.22 -1.80 27.98
CA THR C 45 14.31 -2.42 28.93
C THR C 45 13.91 -1.40 30.00
N LYS C 46 14.79 -0.43 30.27
CA LYS C 46 14.53 0.57 31.29
C LYS C 46 13.61 1.65 30.70
N LEU C 47 13.64 1.78 29.37
CA LEU C 47 12.72 2.63 28.64
C LEU C 47 11.32 2.04 28.69
N ASN C 48 11.23 0.74 28.37
CA ASN C 48 9.96 0.03 28.32
C ASN C 48 10.24 -1.44 28.62
N PRO C 49 9.79 -1.96 29.79
CA PRO C 49 10.15 -3.32 30.21
C PRO C 49 9.50 -4.44 29.39
N ASN C 50 8.42 -4.12 28.67
CA ASN C 50 7.70 -5.14 27.91
C ASN C 50 8.37 -5.32 26.54
N VAL C 51 9.54 -5.98 26.55
CA VAL C 51 10.33 -6.14 25.34
C VAL C 51 10.35 -7.61 24.92
N ILE C 52 10.08 -7.87 23.64
CA ILE C 52 10.37 -9.16 23.04
C ILE C 52 11.59 -9.01 22.13
N ASN C 53 12.62 -9.81 22.42
CA ASN C 53 13.88 -9.75 21.70
C ASN C 53 13.77 -10.59 20.42
N LEU C 54 13.88 -9.94 19.26
CA LEU C 54 13.72 -10.60 17.98
C LEU C 54 14.92 -11.51 17.70
N GLN C 55 15.99 -11.37 18.49
CA GLN C 55 17.19 -12.16 18.32
C GLN C 55 16.85 -13.65 18.32
N GLN C 56 15.83 -14.01 19.13
CA GLN C 56 15.51 -15.39 19.40
C GLN C 56 15.15 -16.14 18.12
N PHE C 57 14.81 -15.40 17.06
CA PHE C 57 14.28 -16.02 15.86
C PHE C 57 15.42 -16.40 14.91
N TYR C 58 16.62 -15.85 15.16
CA TYR C 58 17.79 -16.28 14.41
C TYR C 58 18.08 -17.74 14.79
N ALA C 59 18.84 -18.42 13.92
CA ALA C 59 19.18 -19.82 14.14
C ALA C 59 20.05 -19.95 15.38
N GLN C 60 19.68 -20.89 16.26
CA GLN C 60 20.44 -21.14 17.48
C GLN C 60 21.66 -21.98 17.11
N ASN C 61 22.58 -22.15 18.07
CA ASN C 61 23.85 -22.82 17.84
C ASN C 61 23.60 -24.18 17.19
N GLY C 62 24.04 -24.31 15.93
CA GLY C 62 24.02 -25.57 15.21
C GLY C 62 22.87 -25.64 14.21
N GLU C 63 21.76 -24.98 14.53
CA GLU C 63 20.53 -25.06 13.75
C GLU C 63 20.76 -24.50 12.35
N VAL C 64 20.14 -25.14 11.35
CA VAL C 64 20.17 -24.68 9.98
C VAL C 64 18.83 -24.02 9.66
N LYS C 65 18.88 -22.72 9.35
CA LYS C 65 17.66 -21.94 9.17
C LYS C 65 17.89 -20.89 8.09
N ASN C 66 16.98 -20.87 7.11
CA ASN C 66 17.00 -19.86 6.07
C ASN C 66 16.46 -18.56 6.65
N ARG C 67 17.24 -17.47 6.53
CA ARG C 67 16.93 -16.22 7.21
C ARG C 67 15.64 -15.64 6.67
N ARG C 68 15.22 -16.06 5.47
CA ARG C 68 13.91 -15.70 4.96
C ARG C 68 12.86 -16.13 5.98
N ASP C 69 13.08 -17.30 6.59
CA ASP C 69 12.18 -17.82 7.59
C ASP C 69 12.24 -16.97 8.85
N THR C 70 13.47 -16.64 9.26
CA THR C 70 13.72 -15.83 10.44
C THR C 70 12.95 -14.51 10.32
N TYR C 71 13.10 -13.85 9.17
CA TYR C 71 12.49 -12.55 8.95
C TYR C 71 10.97 -12.71 8.93
N GLU C 72 10.49 -13.84 8.37
CA GLU C 72 9.07 -14.08 8.23
C GLU C 72 8.45 -14.29 9.62
N GLN C 73 9.22 -14.90 10.53
CA GLN C 73 8.74 -15.20 11.86
C GLN C 73 8.76 -13.94 12.73
N MET C 74 9.76 -13.09 12.49
CA MET C 74 9.84 -11.81 13.17
C MET C 74 8.62 -10.96 12.81
N VAL C 75 8.36 -10.82 11.51
CA VAL C 75 7.26 -10.03 11.02
C VAL C 75 5.96 -10.55 11.64
N ASN C 76 5.82 -11.87 11.69
CA ASN C 76 4.60 -12.51 12.15
C ASN C 76 4.39 -12.20 13.63
N ALA C 77 5.48 -12.26 14.41
CA ALA C 77 5.41 -11.99 15.83
C ALA C 77 4.95 -10.57 16.08
N ILE C 78 5.45 -9.63 15.27
CA ILE C 78 5.10 -8.22 15.41
C ILE C 78 3.61 -8.05 15.12
N LEU C 79 3.13 -8.70 14.05
CA LEU C 79 1.75 -8.53 13.60
C LEU C 79 0.78 -9.18 14.58
N ASP C 80 1.21 -10.24 15.28
CA ASP C 80 0.35 -10.88 16.26
C ASP C 80 0.03 -9.89 17.37
N ALA C 81 1.02 -9.10 17.79
CA ALA C 81 0.82 -8.07 18.79
C ALA C 81 -0.19 -7.05 18.27
N VAL C 82 0.00 -6.61 17.03
CA VAL C 82 -0.85 -5.59 16.43
C VAL C 82 -2.28 -6.13 16.34
N ARG C 83 -2.40 -7.40 15.93
CA ARG C 83 -3.69 -8.02 15.71
C ARG C 83 -4.43 -8.20 17.03
N ALA C 84 -3.68 -8.35 18.13
CA ALA C 84 -4.27 -8.57 19.44
C ALA C 84 -4.77 -7.25 20.02
N GLY C 85 -4.36 -6.14 19.39
CA GLY C 85 -4.85 -4.82 19.75
C GLY C 85 -3.80 -4.00 20.51
N LYS C 86 -2.53 -4.38 20.38
CA LYS C 86 -1.46 -3.72 21.11
C LYS C 86 -0.89 -2.58 20.27
N LYS C 87 -0.64 -1.45 20.95
CA LYS C 87 0.13 -0.38 20.36
C LYS C 87 1.59 -0.83 20.29
N THR C 88 2.02 -1.26 19.10
CA THR C 88 3.26 -1.99 18.96
C THR C 88 4.33 -1.06 18.40
N VAL C 89 5.53 -1.15 18.97
CA VAL C 89 6.70 -0.48 18.43
C VAL C 89 7.75 -1.53 18.12
N CYS C 90 8.34 -1.42 16.92
CA CYS C 90 9.47 -2.24 16.54
C CYS C 90 10.72 -1.38 16.57
N ALA C 91 11.66 -1.72 17.46
CA ALA C 91 12.87 -0.92 17.64
C ALA C 91 14.08 -1.66 17.08
N LEU C 92 14.61 -1.13 15.97
CA LEU C 92 15.72 -1.71 15.25
C LEU C 92 16.94 -0.81 15.39
N TYR C 93 18.13 -1.40 15.47
CA TYR C 93 19.35 -0.61 15.52
C TYR C 93 19.50 0.11 14.19
N GLY C 94 20.09 1.31 14.24
CA GLY C 94 20.33 2.10 13.04
C GLY C 94 19.06 2.77 12.54
N HIS C 95 18.80 2.62 11.24
CA HIS C 95 17.60 3.13 10.60
C HIS C 95 16.71 1.93 10.28
N PRO C 96 15.44 1.92 10.72
CA PRO C 96 14.63 0.70 10.67
C PRO C 96 14.29 0.23 9.26
N GLY C 97 14.68 1.01 8.25
CA GLY C 97 14.31 0.72 6.88
C GLY C 97 15.51 0.78 5.92
N VAL C 98 16.73 0.73 6.48
CA VAL C 98 17.94 0.77 5.68
C VAL C 98 18.68 -0.56 5.84
N PHE C 99 18.69 -1.35 4.77
CA PHE C 99 19.23 -2.71 4.80
C PHE C 99 18.56 -3.46 5.94
N ALA C 100 17.23 -3.38 5.95
CA ALA C 100 16.39 -4.06 6.93
C ALA C 100 15.00 -4.26 6.33
N CYS C 101 14.56 -5.52 6.27
CA CYS C 101 13.33 -5.86 5.57
C CYS C 101 12.17 -6.01 6.55
N VAL C 102 12.49 -6.37 7.80
CA VAL C 102 11.47 -6.76 8.77
C VAL C 102 10.45 -5.63 8.94
N SER C 103 10.92 -4.38 9.00
CA SER C 103 10.04 -3.26 9.27
C SER C 103 9.14 -2.97 8.07
N HIS C 104 9.74 -2.90 6.87
CA HIS C 104 8.97 -2.62 5.66
C HIS C 104 7.90 -3.71 5.49
N MET C 105 8.28 -4.96 5.75
CA MET C 105 7.38 -6.09 5.61
C MET C 105 6.21 -5.94 6.58
N ALA C 106 6.53 -5.64 7.84
CA ALA C 106 5.50 -5.59 8.89
C ALA C 106 4.53 -4.45 8.60
N ILE C 107 5.07 -3.31 8.16
CA ILE C 107 4.25 -2.14 7.85
C ILE C 107 3.32 -2.47 6.69
N THR C 108 3.88 -3.05 5.62
CA THR C 108 3.11 -3.41 4.44
C THR C 108 1.94 -4.32 4.85
N ARG C 109 2.22 -5.27 5.73
CA ARG C 109 1.23 -6.28 6.11
C ARG C 109 0.16 -5.65 7.01
N ALA C 110 0.60 -4.81 7.95
CA ALA C 110 -0.33 -4.14 8.85
C ALA C 110 -1.30 -3.29 8.05
N LYS C 111 -0.77 -2.53 7.09
CA LYS C 111 -1.58 -1.69 6.23
C LYS C 111 -2.58 -2.56 5.47
N ALA C 112 -2.11 -3.71 4.96
CA ALA C 112 -2.94 -4.57 4.14
C ALA C 112 -4.12 -5.10 4.94
N GLU C 113 -3.97 -5.17 6.27
CA GLU C 113 -5.00 -5.73 7.12
C GLU C 113 -5.78 -4.60 7.80
N GLY C 114 -5.52 -3.37 7.36
CA GLY C 114 -6.33 -2.22 7.74
C GLY C 114 -5.91 -1.63 9.08
N PHE C 115 -4.64 -1.80 9.45
CA PHE C 115 -4.11 -1.20 10.67
C PHE C 115 -3.28 0.03 10.33
N SER C 116 -3.17 0.92 11.30
CA SER C 116 -2.31 2.09 11.21
C SER C 116 -0.86 1.66 11.42
N ALA C 117 0.04 2.13 10.54
CA ALA C 117 1.43 1.75 10.58
C ALA C 117 2.29 2.83 9.93
N LYS C 118 3.47 3.08 10.50
CA LYS C 118 4.41 4.02 9.92
C LYS C 118 5.82 3.73 10.41
N MET C 119 6.79 4.29 9.68
CA MET C 119 8.20 4.13 10.00
C MET C 119 8.79 5.51 10.31
N GLU C 120 9.63 5.56 11.36
CA GLU C 120 10.35 6.76 11.70
C GLU C 120 11.82 6.57 11.33
N PRO C 121 12.44 7.55 10.65
CA PRO C 121 13.84 7.41 10.23
C PRO C 121 14.77 7.44 11.44
N GLY C 122 15.93 6.81 11.28
CA GLY C 122 16.94 6.80 12.32
C GLY C 122 18.33 6.99 11.72
N ILE C 123 19.34 6.96 12.58
CA ILE C 123 20.72 7.17 12.16
C ILE C 123 21.32 5.83 11.75
N SER C 124 21.65 5.71 10.46
CA SER C 124 22.17 4.49 9.89
C SER C 124 23.68 4.45 10.04
N ALA C 125 24.27 3.28 9.77
CA ALA C 125 25.71 3.09 9.81
C ALA C 125 26.38 4.03 8.80
N GLU C 126 25.63 4.40 7.77
CA GLU C 126 26.12 5.22 6.69
C GLU C 126 26.22 6.67 7.14
N ALA C 127 25.19 7.13 7.85
CA ALA C 127 25.19 8.45 8.46
C ALA C 127 26.41 8.59 9.37
N CYS C 128 26.71 7.52 10.12
CA CYS C 128 27.86 7.50 11.01
C CYS C 128 29.16 7.55 10.22
N LEU C 129 29.18 6.86 9.08
CA LEU C 129 30.38 6.74 8.26
C LEU C 129 30.79 8.10 7.70
N TRP C 130 29.81 8.88 7.22
CA TRP C 130 30.08 10.20 6.69
C TRP C 130 30.72 11.07 7.76
N ALA C 131 30.18 10.99 8.98
CA ALA C 131 30.63 11.82 10.08
C ALA C 131 32.07 11.47 10.45
N ASP C 132 32.36 10.17 10.53
CA ASP C 132 33.62 9.68 11.07
C ASP C 132 34.76 9.89 10.06
N LEU C 133 34.44 9.87 8.76
CA LEU C 133 35.47 9.92 7.74
C LEU C 133 35.61 11.33 7.16
N GLY C 134 34.69 12.22 7.55
CA GLY C 134 34.75 13.61 7.12
C GLY C 134 34.38 13.75 5.64
N ILE C 135 33.32 13.05 5.22
CA ILE C 135 32.86 13.09 3.85
C ILE C 135 31.50 13.77 3.78
N ASP C 136 31.32 14.63 2.78
CA ASP C 136 30.02 15.19 2.46
C ASP C 136 29.44 14.41 1.27
N PRO C 137 28.53 13.44 1.52
CA PRO C 137 28.03 12.59 0.44
C PRO C 137 27.04 13.28 -0.49
N GLY C 138 26.49 14.42 -0.03
CA GLY C 138 25.58 15.19 -0.85
C GLY C 138 26.27 15.66 -2.14
N ASN C 139 27.43 16.29 -1.98
CA ASN C 139 28.13 16.94 -3.08
C ASN C 139 28.89 15.91 -3.90
N SER C 140 29.44 14.89 -3.23
CA SER C 140 30.31 13.92 -3.90
C SER C 140 29.48 12.83 -4.57
N GLY C 141 28.24 12.65 -4.09
CA GLY C 141 27.40 11.53 -4.51
C GLY C 141 27.81 10.26 -3.77
N HIS C 142 27.00 9.20 -3.86
CA HIS C 142 27.32 7.95 -3.18
CA HIS C 142 27.31 7.96 -3.17
C HIS C 142 26.39 6.85 -3.68
N GLN C 143 26.87 5.60 -3.55
CA GLN C 143 26.14 4.42 -3.96
C GLN C 143 26.21 3.36 -2.88
N SER C 144 25.16 2.53 -2.79
CA SER C 144 25.11 1.45 -1.82
C SER C 144 24.58 0.18 -2.46
N PHE C 145 25.19 -0.96 -2.10
CA PHE C 145 24.73 -2.27 -2.51
C PHE C 145 25.01 -3.27 -1.40
N GLU C 146 24.12 -4.26 -1.27
CA GLU C 146 24.40 -5.43 -0.45
C GLU C 146 25.44 -6.26 -1.21
N ALA C 147 26.53 -6.63 -0.52
CA ALA C 147 27.70 -7.22 -1.15
C ALA C 147 27.30 -8.46 -1.95
N SER C 148 26.52 -9.35 -1.32
CA SER C 148 26.12 -10.59 -1.96
C SER C 148 25.28 -10.30 -3.20
N GLN C 149 24.37 -9.33 -3.09
CA GLN C 149 23.52 -8.98 -4.22
C GLN C 149 24.38 -8.40 -5.35
N PHE C 150 25.53 -7.81 -4.96
CA PHE C 150 26.44 -7.23 -5.93
C PHE C 150 27.12 -8.35 -6.72
N MET C 151 27.24 -9.51 -6.08
CA MET C 151 27.95 -10.63 -6.68
C MET C 151 26.99 -11.48 -7.51
N PHE C 152 25.77 -11.66 -7.02
CA PHE C 152 24.84 -12.63 -7.60
C PHE C 152 24.09 -12.01 -8.77
N PHE C 153 23.92 -10.68 -8.76
CA PHE C 153 23.13 -10.01 -9.78
C PHE C 153 24.00 -8.98 -10.50
N ASN C 154 23.52 -8.52 -11.65
CA ASN C 154 24.29 -7.63 -12.51
C ASN C 154 24.13 -6.19 -12.02
N HIS C 155 25.11 -5.75 -11.23
CA HIS C 155 25.20 -4.37 -10.81
C HIS C 155 26.46 -3.77 -11.45
N VAL C 156 26.36 -2.51 -11.87
CA VAL C 156 27.48 -1.81 -12.44
C VAL C 156 27.70 -0.53 -11.65
N PRO C 157 28.81 -0.43 -10.89
CA PRO C 157 29.07 0.75 -10.07
C PRO C 157 29.62 1.88 -10.93
N ASP C 158 29.47 3.10 -10.43
CA ASP C 158 30.13 4.27 -10.97
C ASP C 158 31.43 4.47 -10.21
N PRO C 159 32.60 4.15 -10.81
CA PRO C 159 33.87 4.22 -10.08
C PRO C 159 34.36 5.65 -9.80
N THR C 160 33.55 6.64 -10.18
CA THR C 160 33.91 8.04 -9.95
C THR C 160 33.32 8.51 -8.62
N THR C 161 32.44 7.72 -8.01
CA THR C 161 31.79 8.15 -6.78
C THR C 161 31.88 7.04 -5.72
N HIS C 162 31.68 7.44 -4.46
CA HIS C 162 31.80 6.53 -3.33
C HIS C 162 30.88 5.33 -3.51
N LEU C 163 31.40 4.16 -3.16
CA LEU C 163 30.67 2.90 -3.26
C LEU C 163 30.73 2.18 -1.93
N LEU C 164 29.55 1.96 -1.33
CA LEU C 164 29.45 1.22 -0.08
C LEU C 164 28.92 -0.19 -0.37
N LEU C 165 29.62 -1.19 0.15
CA LEU C 165 29.11 -2.55 0.13
C LEU C 165 28.77 -2.98 1.55
N TRP C 166 27.46 -3.13 1.81
CA TRP C 166 26.95 -3.56 3.10
C TRP C 166 27.03 -5.07 3.22
N GLN C 167 27.15 -5.55 4.47
CA GLN C 167 27.16 -6.98 4.77
C GLN C 167 28.27 -7.68 4.01
N ILE C 168 29.48 -7.11 4.09
CA ILE C 168 30.65 -7.63 3.43
C ILE C 168 31.08 -8.93 4.12
N ALA C 169 30.65 -9.12 5.37
CA ALA C 169 31.08 -10.26 6.17
C ALA C 169 30.39 -11.54 5.70
N ILE C 170 29.31 -11.42 4.92
CA ILE C 170 28.62 -12.59 4.40
C ILE C 170 28.60 -12.52 2.87
N ALA C 171 29.49 -11.72 2.28
CA ALA C 171 29.56 -11.61 0.83
C ALA C 171 29.74 -12.99 0.22
N GLY C 172 28.73 -13.41 -0.56
CA GLY C 172 28.84 -14.63 -1.36
C GLY C 172 28.22 -15.84 -0.67
N GLU C 173 27.65 -15.64 0.52
CA GLU C 173 27.05 -16.73 1.27
C GLU C 173 25.61 -16.92 0.79
N HIS C 174 25.42 -17.93 -0.07
CA HIS C 174 24.23 -18.02 -0.91
C HIS C 174 23.08 -18.74 -0.19
N THR C 175 23.40 -19.54 0.83
CA THR C 175 22.40 -20.40 1.44
C THR C 175 21.49 -19.58 2.35
N LEU C 176 22.05 -18.50 2.91
CA LEU C 176 21.35 -17.66 3.87
C LEU C 176 21.20 -18.42 5.18
N THR C 177 22.13 -19.33 5.47
CA THR C 177 22.06 -20.14 6.68
C THR C 177 23.30 -19.93 7.54
N GLN C 178 24.30 -19.23 7.00
CA GLN C 178 25.52 -18.96 7.74
C GLN C 178 25.61 -17.45 8.01
N PHE C 179 26.55 -17.04 8.87
CA PHE C 179 26.67 -15.65 9.25
C PHE C 179 28.10 -15.17 9.04
N HIS C 180 28.85 -15.86 8.19
CA HIS C 180 30.14 -15.37 7.74
C HIS C 180 30.47 -15.99 6.38
N THR C 181 31.41 -15.37 5.67
CA THR C 181 31.84 -15.86 4.37
C THR C 181 33.25 -16.41 4.50
N SER C 182 33.87 -16.71 3.36
CA SER C 182 35.22 -17.25 3.34
C SER C 182 36.13 -16.36 2.50
N SER C 183 37.44 -16.53 2.67
CA SER C 183 38.44 -15.75 1.96
C SER C 183 38.28 -15.94 0.45
N ASP C 184 37.88 -17.15 0.04
CA ASP C 184 37.79 -17.46 -1.38
C ASP C 184 36.59 -16.76 -1.99
N ARG C 185 35.48 -16.67 -1.24
CA ARG C 185 34.33 -15.90 -1.69
C ARG C 185 34.75 -14.44 -1.87
N LEU C 186 35.42 -13.90 -0.84
CA LEU C 186 35.87 -12.52 -0.85
C LEU C 186 36.81 -12.28 -2.02
N GLN C 187 37.62 -13.29 -2.35
CA GLN C 187 38.60 -13.20 -3.43
C GLN C 187 37.86 -13.00 -4.75
N ILE C 188 36.72 -13.69 -4.91
CA ILE C 188 35.92 -13.57 -6.11
C ILE C 188 35.36 -12.16 -6.20
N LEU C 189 34.99 -11.58 -5.04
CA LEU C 189 34.48 -10.22 -5.00
C LEU C 189 35.57 -9.26 -5.46
N VAL C 190 36.79 -9.48 -4.97
CA VAL C 190 37.94 -8.69 -5.36
C VAL C 190 38.11 -8.74 -6.88
N GLU C 191 37.99 -9.96 -7.44
CA GLU C 191 38.20 -10.14 -8.87
C GLU C 191 37.12 -9.40 -9.65
N GLN C 192 35.89 -9.46 -9.15
CA GLN C 192 34.76 -8.77 -9.76
C GLN C 192 35.04 -7.27 -9.74
N LEU C 193 35.52 -6.77 -8.59
CA LEU C 193 35.71 -5.34 -8.41
C LEU C 193 36.84 -4.82 -9.30
N ASN C 194 37.75 -5.73 -9.67
CA ASN C 194 39.00 -5.34 -10.30
C ASN C 194 38.76 -4.95 -11.76
N GLN C 195 37.49 -4.99 -12.19
CA GLN C 195 37.12 -4.48 -13.51
CA GLN C 195 37.15 -4.48 -13.51
C GLN C 195 37.23 -2.97 -13.52
N TRP C 196 36.99 -2.36 -12.34
CA TRP C 196 36.91 -0.91 -12.24
C TRP C 196 37.95 -0.35 -11.28
N TYR C 197 38.34 -1.15 -10.28
CA TYR C 197 39.24 -0.69 -9.23
C TYR C 197 40.55 -1.46 -9.28
N PRO C 198 41.71 -0.76 -9.30
CA PRO C 198 43.00 -1.43 -9.23
C PRO C 198 43.10 -2.27 -7.95
N LEU C 199 43.98 -3.28 -7.98
CA LEU C 199 44.13 -4.21 -6.88
C LEU C 199 44.79 -3.51 -5.69
N ASP C 200 45.48 -2.39 -5.95
CA ASP C 200 46.17 -1.68 -4.89
C ASP C 200 45.36 -0.46 -4.46
N HIS C 201 44.13 -0.34 -4.98
CA HIS C 201 43.24 0.74 -4.58
C HIS C 201 42.95 0.63 -3.09
N GLU C 202 43.08 1.75 -2.38
CA GLU C 202 42.86 1.76 -0.94
C GLU C 202 41.36 1.74 -0.66
N VAL C 203 40.93 0.76 0.14
CA VAL C 203 39.55 0.66 0.57
C VAL C 203 39.51 0.80 2.08
N VAL C 204 38.31 0.93 2.64
CA VAL C 204 38.16 1.20 4.06
C VAL C 204 37.10 0.26 4.64
N ILE C 205 37.51 -0.54 5.63
CA ILE C 205 36.58 -1.34 6.41
C ILE C 205 36.12 -0.50 7.58
N TYR C 206 34.82 -0.19 7.60
CA TYR C 206 34.26 0.71 8.59
C TYR C 206 33.34 -0.06 9.55
N GLU C 207 33.49 0.23 10.84
CA GLU C 207 32.55 -0.20 11.86
C GLU C 207 32.31 0.98 12.81
N ALA C 208 31.07 1.46 12.84
CA ALA C 208 30.68 2.51 13.77
C ALA C 208 30.79 1.97 15.19
N ALA C 209 31.18 2.84 16.13
CA ALA C 209 31.25 2.47 17.53
C ALA C 209 29.84 2.24 18.06
N ASN C 210 29.70 1.24 18.94
CA ASN C 210 28.41 0.92 19.55
C ASN C 210 28.37 1.46 20.98
N LEU C 211 29.54 1.68 21.57
CA LEU C 211 29.65 2.20 22.93
C LEU C 211 30.38 3.54 22.91
N PRO C 212 30.08 4.45 23.86
CA PRO C 212 30.67 5.79 23.87
C PRO C 212 32.15 5.85 24.23
N ILE C 213 32.70 4.70 24.67
CA ILE C 213 34.09 4.62 25.08
C ILE C 213 34.88 3.93 23.97
N GLN C 214 34.20 3.58 22.89
CA GLN C 214 34.78 2.82 21.80
C GLN C 214 35.08 3.76 20.63
N ALA C 215 36.28 3.63 20.07
CA ALA C 215 36.60 4.29 18.81
C ALA C 215 36.03 3.46 17.65
N PRO C 216 35.62 4.10 16.54
CA PRO C 216 35.17 3.36 15.37
C PRO C 216 36.35 2.64 14.74
N ARG C 217 36.07 1.55 14.01
CA ARG C 217 37.07 0.89 13.21
C ARG C 217 37.12 1.58 11.84
N ILE C 218 38.29 2.14 11.51
CA ILE C 218 38.53 2.73 10.20
C ILE C 218 39.83 2.15 9.66
N GLU C 219 39.73 0.98 9.03
CA GLU C 219 40.91 0.25 8.59
C GLU C 219 41.11 0.45 7.10
N ARG C 220 42.21 1.15 6.75
CA ARG C 220 42.58 1.38 5.37
C ARG C 220 43.51 0.27 4.90
N LEU C 221 43.19 -0.33 3.76
CA LEU C 221 44.00 -1.41 3.22
C LEU C 221 43.80 -1.50 1.72
N PRO C 222 44.80 -2.04 0.98
CA PRO C 222 44.64 -2.33 -0.44
C PRO C 222 43.54 -3.37 -0.66
N LEU C 223 42.83 -3.23 -1.78
CA LEU C 223 41.68 -4.07 -2.09
C LEU C 223 42.10 -5.54 -2.12
N ALA C 224 43.29 -5.80 -2.65
CA ALA C 224 43.80 -7.15 -2.80
C ALA C 224 43.82 -7.87 -1.44
N ASN C 225 43.95 -7.11 -0.35
CA ASN C 225 44.15 -7.68 0.97
C ASN C 225 42.81 -8.00 1.66
N LEU C 226 41.70 -7.64 1.01
CA LEU C 226 40.39 -7.78 1.62
C LEU C 226 40.14 -9.23 2.04
N PRO C 227 40.50 -10.23 1.21
CA PRO C 227 40.26 -11.63 1.56
C PRO C 227 40.93 -12.10 2.85
N GLN C 228 41.94 -11.36 3.32
CA GLN C 228 42.68 -11.75 4.50
C GLN C 228 42.20 -10.97 5.72
N ALA C 229 41.25 -10.04 5.51
CA ALA C 229 40.84 -9.12 6.56
C ALA C 229 39.92 -9.82 7.57
N HIS C 230 39.94 -9.31 8.80
CA HIS C 230 39.03 -9.73 9.85
C HIS C 230 37.74 -8.92 9.72
N LEU C 231 36.63 -9.61 9.43
CA LEU C 231 35.35 -8.95 9.21
C LEU C 231 34.38 -9.32 10.33
N MET C 232 33.53 -8.36 10.69
CA MET C 232 32.45 -8.60 11.64
C MET C 232 31.12 -8.48 10.89
N PRO C 233 30.01 -9.05 11.40
CA PRO C 233 28.72 -8.94 10.75
C PRO C 233 28.35 -7.47 10.52
N ILE C 234 29.06 -6.60 11.25
CA ILE C 234 28.68 -5.21 11.38
C ILE C 234 29.55 -4.35 10.48
N SER C 235 30.45 -5.01 9.72
CA SER C 235 31.43 -4.32 8.89
C SER C 235 30.79 -3.84 7.59
N THR C 236 31.19 -2.63 7.17
CA THR C 236 30.82 -2.10 5.87
CA THR C 236 30.83 -2.10 5.87
C THR C 236 32.11 -1.75 5.12
N LEU C 237 32.06 -1.89 3.79
CA LEU C 237 33.22 -1.62 2.96
C LEU C 237 32.99 -0.36 2.14
N LEU C 238 33.84 0.65 2.36
CA LEU C 238 33.85 1.85 1.55
C LEU C 238 34.93 1.73 0.48
N ILE C 239 34.52 1.88 -0.78
CA ILE C 239 35.43 1.93 -1.90
C ILE C 239 35.39 3.33 -2.51
N PRO C 240 36.37 4.20 -2.18
CA PRO C 240 36.42 5.55 -2.75
C PRO C 240 36.62 5.50 -4.26
N PRO C 241 36.40 6.63 -4.97
CA PRO C 241 36.57 6.67 -6.42
C PRO C 241 37.93 6.18 -6.91
N ALA C 242 37.91 5.48 -8.04
CA ALA C 242 39.12 4.97 -8.68
C ALA C 242 39.47 5.87 -9.88
N LYS C 243 38.44 6.48 -10.47
CA LYS C 243 38.60 7.33 -11.64
C LYS C 243 38.29 8.78 -11.28
N LYS C 244 38.89 9.70 -12.01
CA LYS C 244 38.59 11.12 -11.87
C LYS C 244 37.30 11.41 -12.63
N LEU C 245 36.60 12.47 -12.22
CA LEU C 245 35.36 12.88 -12.88
C LEU C 245 35.64 13.12 -14.36
N GLU C 246 34.62 12.83 -15.19
CA GLU C 246 34.67 13.03 -16.63
C GLU C 246 33.55 13.97 -17.03
N TYR C 247 33.85 14.88 -17.97
CA TYR C 247 32.89 15.88 -18.40
C TYR C 247 31.78 15.22 -19.20
N ASN C 248 30.53 15.59 -18.89
CA ASN C 248 29.39 15.18 -19.68
C ASN C 248 29.23 16.13 -20.86
N TYR C 249 30.07 15.94 -21.89
CA TYR C 249 30.15 16.87 -22.99
C TYR C 249 28.78 17.05 -23.63
N ALA C 250 28.03 15.95 -23.77
CA ALA C 250 26.74 15.98 -24.45
C ALA C 250 25.81 16.96 -23.75
N ILE C 251 25.77 16.90 -22.42
CA ILE C 251 24.80 17.67 -21.64
C ILE C 251 25.31 19.08 -21.45
N LEU C 252 26.63 19.25 -21.35
CA LEU C 252 27.23 20.57 -21.23
C LEU C 252 26.87 21.40 -22.46
N ALA C 253 27.01 20.78 -23.64
CA ALA C 253 26.73 21.44 -24.90
C ALA C 253 25.27 21.93 -24.94
N LYS C 254 24.35 21.11 -24.41
CA LYS C 254 22.94 21.43 -24.42
C LYS C 254 22.68 22.62 -23.48
N LEU C 255 23.42 22.67 -22.37
CA LEU C 255 23.26 23.73 -21.39
C LEU C 255 23.92 25.01 -21.92
N GLY C 256 24.75 24.86 -22.95
CA GLY C 256 25.38 25.99 -23.62
C GLY C 256 26.67 26.40 -22.93
N ILE C 257 27.19 25.51 -22.07
CA ILE C 257 28.40 25.80 -21.32
C ILE C 257 29.48 24.80 -21.70
N GLY C 258 30.71 25.07 -21.26
CA GLY C 258 31.85 24.22 -21.53
C GLY C 258 32.58 23.84 -20.24
N PRO C 259 33.47 22.83 -20.27
CA PRO C 259 34.25 22.47 -19.09
C PRO C 259 34.90 23.67 -18.40
N GLU C 260 35.25 24.68 -19.19
CA GLU C 260 35.97 25.84 -18.69
C GLU C 260 35.06 26.64 -17.74
N ASP C 261 33.74 26.47 -17.88
CA ASP C 261 32.79 27.33 -17.20
C ASP C 261 32.36 26.70 -15.88
N LEU C 262 32.83 25.48 -15.61
CA LEU C 262 32.33 24.72 -14.47
C LEU C 262 32.87 25.34 -13.17
N GLY C 263 32.11 26.31 -12.65
CA GLY C 263 32.43 26.98 -11.40
C GLY C 263 31.20 27.64 -10.80
N HIS D 7 28.09 -3.20 40.30
CA HIS D 7 29.28 -2.99 39.43
C HIS D 7 28.91 -3.31 37.98
N MET D 8 28.32 -4.48 37.76
CA MET D 8 27.87 -4.88 36.43
C MET D 8 26.75 -3.93 36.00
N SER D 9 25.81 -3.69 36.93
CA SER D 9 24.72 -2.75 36.71
C SER D 9 25.27 -1.33 36.60
N GLY D 10 26.21 -1.01 37.49
CA GLY D 10 26.85 0.30 37.53
C GLY D 10 27.60 0.59 36.23
N LEU D 11 28.21 -0.45 35.65
CA LEU D 11 28.91 -0.31 34.39
C LEU D 11 27.90 0.12 33.33
N SER D 12 26.82 -0.66 33.22
CA SER D 12 25.79 -0.44 32.23
C SER D 12 25.21 0.95 32.38
N ASP D 13 25.00 1.37 33.63
CA ASP D 13 24.37 2.65 33.91
C ASP D 13 25.30 3.78 33.52
N PHE D 14 26.60 3.58 33.70
CA PHE D 14 27.59 4.59 33.35
C PHE D 14 27.61 4.78 31.84
N PHE D 15 27.75 3.67 31.09
CA PHE D 15 27.81 3.73 29.65
C PHE D 15 26.54 4.38 29.10
N THR D 16 25.39 4.09 29.75
CA THR D 16 24.11 4.62 29.31
C THR D 16 24.08 6.15 29.48
N GLN D 17 24.51 6.63 30.65
CA GLN D 17 24.53 8.07 30.92
C GLN D 17 25.53 8.74 29.97
N LEU D 18 26.68 8.11 29.81
CA LEU D 18 27.76 8.69 29.02
C LEU D 18 27.31 8.85 27.58
N GLY D 19 26.45 7.92 27.13
CA GLY D 19 26.01 7.89 25.75
C GLY D 19 25.02 9.02 25.43
N GLN D 20 24.37 9.57 26.46
CA GLN D 20 23.24 10.47 26.32
CA GLN D 20 23.29 10.50 26.21
C GLN D 20 23.57 11.87 26.84
N ASP D 21 24.55 11.95 27.74
CA ASP D 21 24.81 13.17 28.48
C ASP D 21 26.09 13.84 27.97
N ALA D 22 25.92 14.99 27.32
CA ALA D 22 27.01 15.68 26.67
C ALA D 22 28.01 16.23 27.69
N GLN D 23 27.49 16.68 28.84
CA GLN D 23 28.31 17.23 29.91
C GLN D 23 29.26 16.15 30.42
N LEU D 24 28.71 14.98 30.73
CA LEU D 24 29.49 13.85 31.21
C LEU D 24 30.48 13.43 30.13
N MET D 25 30.05 13.52 28.86
CA MET D 25 30.86 13.11 27.75
C MET D 25 32.12 13.97 27.68
N GLU D 26 31.93 15.30 27.77
CA GLU D 26 33.05 16.21 27.65
C GLU D 26 33.99 16.06 28.85
N ASP D 27 33.42 15.79 30.03
CA ASP D 27 34.21 15.55 31.23
C ASP D 27 35.03 14.29 31.04
N TYR D 28 34.41 13.25 30.45
CA TYR D 28 35.07 11.97 30.24
C TYR D 28 36.30 12.17 29.36
N LYS D 29 36.14 12.92 28.26
CA LYS D 29 37.20 13.08 27.29
C LYS D 29 38.35 13.87 27.89
N GLN D 30 38.05 14.73 28.87
CA GLN D 30 39.09 15.51 29.54
C GLN D 30 39.90 14.59 30.46
N ASN D 31 39.22 13.86 31.35
CA ASN D 31 39.90 13.03 32.32
C ASN D 31 39.19 11.68 32.43
N PRO D 32 39.41 10.77 31.45
CA PRO D 32 38.69 9.49 31.40
C PRO D 32 38.71 8.73 32.72
N GLU D 33 39.91 8.46 33.25
CA GLU D 33 40.05 7.62 34.43
C GLU D 33 39.33 8.27 35.61
N ALA D 34 39.54 9.58 35.79
CA ALA D 34 38.98 10.28 36.94
C ALA D 34 37.45 10.22 36.90
N VAL D 35 36.88 10.44 35.70
CA VAL D 35 35.43 10.46 35.55
C VAL D 35 34.88 9.06 35.83
N MET D 36 35.63 8.04 35.39
CA MET D 36 35.19 6.66 35.54
C MET D 36 35.21 6.26 37.03
N ARG D 37 36.21 6.73 37.76
CA ARG D 37 36.33 6.42 39.18
C ARG D 37 35.21 7.12 39.95
N ALA D 38 34.86 8.32 39.52
CA ALA D 38 33.83 9.11 40.20
C ALA D 38 32.45 8.52 39.95
N HIS D 39 32.36 7.54 39.04
CA HIS D 39 31.10 6.86 38.78
C HIS D 39 31.18 5.41 39.26
N GLY D 40 32.22 5.09 40.03
CA GLY D 40 32.27 3.85 40.80
C GLY D 40 32.71 2.65 39.98
N LEU D 41 33.36 2.89 38.83
CA LEU D 41 33.93 1.79 38.07
C LEU D 41 35.15 1.24 38.80
N THR D 42 35.38 -0.07 38.67
CA THR D 42 36.48 -0.75 39.33
C THR D 42 37.75 -0.57 38.51
N ASP D 43 38.86 -1.07 39.06
CA ASP D 43 40.15 -1.02 38.41
C ASP D 43 40.09 -1.75 37.07
N GLU D 44 39.53 -2.96 37.05
CA GLU D 44 39.63 -3.81 35.87
C GLU D 44 38.61 -3.38 34.83
N GLN D 45 37.55 -2.69 35.25
CA GLN D 45 36.61 -2.10 34.32
C GLN D 45 37.31 -0.96 33.57
N ILE D 46 38.06 -0.17 34.32
CA ILE D 46 38.76 0.98 33.78
C ILE D 46 39.88 0.51 32.85
N ASN D 47 40.61 -0.54 33.27
CA ASN D 47 41.68 -1.10 32.45
C ASN D 47 41.11 -1.58 31.13
N ALA D 48 39.96 -2.26 31.19
CA ALA D 48 39.33 -2.83 30.01
C ALA D 48 38.93 -1.71 29.05
N VAL D 49 38.42 -0.60 29.60
CA VAL D 49 38.05 0.54 28.79
C VAL D 49 39.29 1.10 28.11
N MET D 50 40.37 1.25 28.88
CA MET D 50 41.56 1.95 28.41
C MET D 50 42.31 1.09 27.38
N THR D 51 42.18 -0.24 27.48
CA THR D 51 42.83 -1.13 26.54
C THR D 51 41.90 -1.37 25.36
N GLY D 52 40.63 -1.00 25.51
CA GLY D 52 39.64 -1.16 24.45
C GLY D 52 39.23 -2.62 24.27
N ASP D 53 39.24 -3.38 25.38
CA ASP D 53 38.86 -4.77 25.37
C ASP D 53 37.35 -4.88 25.53
N MET D 54 36.62 -4.75 24.42
CA MET D 54 35.17 -4.74 24.42
C MET D 54 34.63 -6.04 25.01
N GLU D 55 35.32 -7.15 24.75
CA GLU D 55 34.81 -8.47 25.09
C GLU D 55 34.89 -8.68 26.61
N LYS D 56 35.90 -8.05 27.23
CA LYS D 56 36.02 -8.10 28.68
C LYS D 56 34.86 -7.34 29.32
N LEU D 57 34.51 -6.20 28.70
CA LEU D 57 33.47 -5.33 29.22
C LEU D 57 32.14 -6.07 29.28
N LYS D 58 31.89 -6.92 28.29
CA LYS D 58 30.65 -7.67 28.22
C LYS D 58 30.66 -8.73 29.31
N THR D 59 31.83 -9.32 29.54
CA THR D 59 32.03 -10.27 30.63
C THR D 59 31.74 -9.57 31.95
N LEU D 60 32.26 -8.34 32.09
CA LEU D 60 32.20 -7.63 33.35
C LEU D 60 30.79 -7.10 33.60
N SER D 61 30.02 -6.87 32.53
CA SER D 61 28.61 -6.56 32.65
C SER D 61 27.85 -7.86 32.92
N GLY D 62 28.34 -8.95 32.34
CA GLY D 62 27.75 -10.26 32.52
C GLY D 62 26.65 -10.52 31.49
N ASP D 63 27.01 -11.21 30.41
CA ASP D 63 26.07 -11.55 29.35
C ASP D 63 25.96 -13.08 29.25
N ALA D 69 23.76 -11.95 16.16
CA ALA D 69 23.74 -11.85 14.68
C ALA D 69 22.82 -10.70 14.26
N LEU D 70 23.34 -9.81 13.41
CA LEU D 70 22.75 -8.49 13.26
C LEU D 70 22.27 -8.22 11.83
N VAL D 71 22.30 -9.24 10.96
CA VAL D 71 21.83 -9.06 9.59
C VAL D 71 20.31 -9.08 9.58
N ILE D 72 19.72 -8.03 9.01
CA ILE D 72 18.27 -7.91 8.91
C ILE D 72 17.87 -7.79 7.43
N SER D 73 18.80 -8.14 6.54
CA SER D 73 18.54 -8.09 5.11
C SER D 73 19.26 -9.24 4.41
N HIS D 74 18.85 -9.51 3.17
CA HIS D 74 19.50 -10.49 2.32
C HIS D 74 19.60 -9.95 0.89
N GLY D 75 20.40 -10.61 0.06
CA GLY D 75 20.65 -10.12 -1.29
C GLY D 75 20.42 -11.22 -2.33
N ASN D 76 19.48 -12.13 -2.06
CA ASN D 76 19.16 -13.21 -2.99
C ASN D 76 17.93 -12.85 -3.79
N GLY D 77 17.42 -11.62 -3.59
CA GLY D 77 16.27 -11.13 -4.34
C GLY D 77 15.05 -11.03 -3.43
N GLY E 2 -9.16 9.02 12.80
CA GLY E 2 -10.22 8.81 11.80
C GLY E 2 -10.01 7.50 11.04
N SER E 3 -11.04 7.09 10.29
CA SER E 3 -11.00 5.88 9.51
C SER E 3 -11.93 6.01 8.31
N LEU E 4 -11.73 5.15 7.31
CA LEU E 4 -12.51 5.20 6.08
C LEU E 4 -13.04 3.80 5.76
N VAL E 5 -14.34 3.72 5.49
CA VAL E 5 -14.93 2.52 4.96
C VAL E 5 -15.79 2.90 3.76
N CYS E 6 -15.52 2.26 2.62
CA CYS E 6 -16.27 2.49 1.41
C CYS E 6 -17.23 1.33 1.19
N VAL E 7 -18.51 1.66 0.98
CA VAL E 7 -19.54 0.65 0.81
C VAL E 7 -20.36 1.00 -0.42
N GLY E 8 -21.02 -0.02 -0.98
CA GLY E 8 -21.97 0.17 -2.06
C GLY E 8 -23.39 -0.08 -1.58
N THR E 9 -24.36 0.47 -2.32
CA THR E 9 -25.76 0.40 -1.94
C THR E 9 -26.56 -0.34 -3.01
N GLY E 10 -25.83 -0.89 -4.00
CA GLY E 10 -26.46 -1.61 -5.09
C GLY E 10 -27.14 -0.65 -6.06
N LEU E 11 -28.08 -1.19 -6.86
CA LEU E 11 -28.78 -0.40 -7.86
C LEU E 11 -30.21 -0.10 -7.39
N GLN E 12 -30.86 -1.10 -6.78
CA GLN E 12 -32.22 -0.95 -6.31
C GLN E 12 -32.24 -0.18 -4.99
N LEU E 13 -33.33 0.56 -4.79
CA LEU E 13 -33.55 1.38 -3.62
C LEU E 13 -33.71 0.52 -2.36
N ALA E 14 -32.81 0.72 -1.39
CA ALA E 14 -33.01 0.31 0.00
C ALA E 14 -32.67 -1.16 0.20
N GLY E 15 -33.10 -2.03 -0.72
CA GLY E 15 -33.10 -3.46 -0.47
C GLY E 15 -31.83 -4.15 -0.94
N GLN E 16 -30.99 -3.44 -1.71
CA GLN E 16 -29.92 -4.11 -2.43
C GLN E 16 -28.57 -3.87 -1.76
N ILE E 17 -28.56 -3.07 -0.68
CA ILE E 17 -27.36 -2.91 0.13
C ILE E 17 -27.21 -4.12 1.04
N SER E 18 -25.96 -4.49 1.34
CA SER E 18 -25.68 -5.59 2.25
CA SER E 18 -25.68 -5.59 2.25
C SER E 18 -26.06 -5.18 3.67
N VAL E 19 -26.41 -6.19 4.49
CA VAL E 19 -26.76 -5.96 5.88
C VAL E 19 -25.60 -5.24 6.57
N LEU E 20 -24.36 -5.71 6.32
CA LEU E 20 -23.20 -5.16 6.98
C LEU E 20 -22.94 -3.73 6.50
N SER E 21 -23.11 -3.50 5.19
CA SER E 21 -22.82 -2.19 4.62
C SER E 21 -23.79 -1.15 5.18
N ARG E 22 -25.06 -1.53 5.36
CA ARG E 22 -26.07 -0.65 5.92
CA ARG E 22 -26.05 -0.64 5.91
C ARG E 22 -25.69 -0.31 7.36
N SER E 23 -25.10 -1.29 8.06
CA SER E 23 -24.71 -1.10 9.44
C SER E 23 -23.58 -0.09 9.54
N TYR E 24 -22.69 -0.08 8.55
CA TYR E 24 -21.58 0.86 8.53
C TYR E 24 -22.11 2.28 8.37
N ILE E 25 -23.15 2.43 7.53
CA ILE E 25 -23.74 3.74 7.28
C ILE E 25 -24.39 4.24 8.56
N GLU E 26 -25.11 3.35 9.26
CA GLU E 26 -25.82 3.70 10.48
C GLU E 26 -24.87 4.32 11.51
N HIS E 27 -23.73 3.65 11.71
CA HIS E 27 -22.86 3.94 12.85
C HIS E 27 -21.77 4.95 12.47
N ALA E 28 -21.83 5.48 11.24
CA ALA E 28 -20.80 6.40 10.78
C ALA E 28 -20.95 7.75 11.45
N ASP E 29 -19.81 8.42 11.68
CA ASP E 29 -19.80 9.82 12.08
C ASP E 29 -20.34 10.67 10.96
N ILE E 30 -20.00 10.30 9.71
CA ILE E 30 -20.32 11.12 8.56
C ILE E 30 -20.34 10.24 7.32
N VAL E 31 -21.26 10.55 6.40
CA VAL E 31 -21.43 9.76 5.19
C VAL E 31 -21.24 10.68 3.98
N PHE E 32 -20.35 10.26 3.06
CA PHE E 32 -20.23 10.88 1.76
C PHE E 32 -20.92 9.98 0.74
N SER E 33 -21.92 10.54 0.04
CA SER E 33 -22.83 9.74 -0.76
C SER E 33 -22.72 10.11 -2.23
N LEU E 34 -22.85 9.09 -3.09
CA LEU E 34 -23.06 9.28 -4.51
C LEU E 34 -24.12 8.28 -4.96
N LEU E 35 -25.38 8.72 -4.93
CA LEU E 35 -26.53 7.84 -5.03
C LEU E 35 -27.29 8.12 -6.33
N PRO E 36 -28.10 7.16 -6.83
CA PRO E 36 -28.74 7.29 -8.13
C PRO E 36 -29.76 8.43 -8.23
N ASP E 37 -30.59 8.59 -7.19
CA ASP E 37 -31.74 9.47 -7.28
C ASP E 37 -32.10 10.05 -5.91
N GLY E 38 -33.15 10.88 -5.91
CA GLY E 38 -33.60 11.59 -4.72
C GLY E 38 -34.24 10.63 -3.71
N PHE E 39 -34.86 9.56 -4.20
CA PHE E 39 -35.49 8.58 -3.31
C PHE E 39 -34.41 7.90 -2.49
N SER E 40 -33.28 7.58 -3.13
CA SER E 40 -32.17 6.93 -2.48
C SER E 40 -31.53 7.86 -1.46
N GLN E 41 -31.46 9.15 -1.81
CA GLN E 41 -30.85 10.17 -0.97
C GLN E 41 -31.65 10.33 0.32
N ARG E 42 -32.99 10.30 0.21
CA ARG E 42 -33.86 10.40 1.36
C ARG E 42 -33.71 9.19 2.26
N TRP E 43 -33.61 8.01 1.63
CA TRP E 43 -33.47 6.76 2.37
C TRP E 43 -32.19 6.80 3.21
N LEU E 44 -31.11 7.30 2.61
CA LEU E 44 -29.82 7.36 3.28
C LEU E 44 -29.91 8.35 4.45
N THR E 45 -30.63 9.45 4.21
CA THR E 45 -30.74 10.55 5.17
C THR E 45 -31.41 10.05 6.46
N LYS E 46 -32.38 9.15 6.31
CA LYS E 46 -33.10 8.60 7.45
C LYS E 46 -32.18 7.62 8.19
N LEU E 47 -31.29 6.98 7.43
CA LEU E 47 -30.36 6.00 7.98
C LEU E 47 -29.34 6.72 8.86
N ASN E 48 -28.80 7.83 8.33
CA ASN E 48 -27.80 8.62 9.03
C ASN E 48 -27.93 10.06 8.55
N PRO E 49 -28.27 11.02 9.44
CA PRO E 49 -28.55 12.39 9.01
C PRO E 49 -27.33 13.18 8.56
N ASN E 50 -26.13 12.69 8.92
CA ASN E 50 -24.91 13.45 8.74
C ASN E 50 -24.29 13.10 7.39
N VAL E 51 -24.93 13.59 6.32
CA VAL E 51 -24.63 13.18 4.97
C VAL E 51 -24.03 14.36 4.20
N ILE E 52 -23.00 14.07 3.40
CA ILE E 52 -22.46 15.02 2.44
C ILE E 52 -22.62 14.41 1.05
N ASN E 53 -23.30 15.16 0.17
CA ASN E 53 -23.64 14.66 -1.16
C ASN E 53 -22.52 15.01 -2.13
N LEU E 54 -21.88 13.98 -2.70
CA LEU E 54 -20.72 14.14 -3.55
C LEU E 54 -21.14 14.70 -4.91
N GLN E 55 -22.46 14.69 -5.18
CA GLN E 55 -22.98 15.15 -6.46
C GLN E 55 -22.51 16.58 -6.74
N GLN E 56 -22.32 17.35 -5.68
CA GLN E 56 -22.05 18.78 -5.78
C GLN E 56 -20.72 19.03 -6.48
N PHE E 57 -19.83 18.03 -6.47
CA PHE E 57 -18.49 18.21 -7.01
C PHE E 57 -18.53 17.98 -8.53
N TYR E 58 -19.67 17.50 -9.03
CA TYR E 58 -19.84 17.37 -10.47
C TYR E 58 -20.09 18.76 -11.06
N ALA E 59 -19.62 18.96 -12.29
CA ALA E 59 -19.86 20.20 -13.02
C ALA E 59 -21.30 20.64 -12.77
N GLN E 60 -21.46 21.87 -12.25
CA GLN E 60 -22.77 22.46 -12.07
C GLN E 60 -23.18 23.13 -13.39
N ASN E 61 -24.48 23.11 -13.69
CA ASN E 61 -24.99 23.56 -14.97
C ASN E 61 -24.19 24.77 -15.46
N GLY E 62 -23.64 24.65 -16.67
CA GLY E 62 -22.93 25.74 -17.33
C GLY E 62 -21.41 25.59 -17.20
N GLU E 63 -20.98 25.04 -16.07
CA GLU E 63 -19.56 24.94 -15.76
C GLU E 63 -18.92 23.83 -16.60
N VAL E 64 -17.74 24.13 -17.14
CA VAL E 64 -16.92 23.15 -17.85
C VAL E 64 -15.84 22.67 -16.89
N LYS E 65 -15.90 21.39 -16.52
CA LYS E 65 -15.03 20.86 -15.49
C LYS E 65 -14.57 19.46 -15.89
N ASN E 66 -13.25 19.25 -15.85
CA ASN E 66 -12.67 17.96 -16.18
C ASN E 66 -12.99 16.98 -15.05
N ARG E 67 -13.65 15.88 -15.39
CA ARG E 67 -14.16 14.94 -14.39
C ARG E 67 -13.02 14.48 -13.47
N ARG E 68 -11.78 14.59 -13.95
CA ARG E 68 -10.63 14.25 -13.11
C ARG E 68 -10.59 15.21 -11.93
N ASP E 69 -10.95 16.47 -12.16
CA ASP E 69 -10.97 17.47 -11.12
C ASP E 69 -12.08 17.13 -10.12
N THR E 70 -13.19 16.61 -10.64
CA THR E 70 -14.33 16.25 -9.81
C THR E 70 -13.93 15.14 -8.83
N TYR E 71 -13.30 14.10 -9.36
CA TYR E 71 -12.97 12.92 -8.58
C TYR E 71 -11.94 13.30 -7.51
N GLU E 72 -11.00 14.16 -7.90
CA GLU E 72 -9.94 14.62 -7.00
C GLU E 72 -10.57 15.34 -5.81
N GLN E 73 -11.58 16.16 -6.08
CA GLN E 73 -12.20 16.99 -5.06
C GLN E 73 -13.08 16.13 -4.15
N MET E 74 -13.70 15.10 -4.74
CA MET E 74 -14.47 14.14 -3.96
C MET E 74 -13.54 13.45 -2.97
N VAL E 75 -12.40 12.98 -3.48
CA VAL E 75 -11.42 12.27 -2.69
C VAL E 75 -10.92 13.18 -1.57
N ASN E 76 -10.69 14.45 -1.91
CA ASN E 76 -10.15 15.41 -0.96
C ASN E 76 -11.16 15.62 0.17
N ALA E 77 -12.43 15.77 -0.19
CA ALA E 77 -13.49 16.03 0.78
C ALA E 77 -13.58 14.87 1.77
N ILE E 78 -13.51 13.64 1.24
CA ILE E 78 -13.61 12.45 2.07
C ILE E 78 -12.40 12.37 3.02
N LEU E 79 -11.23 12.72 2.50
CA LEU E 79 -9.99 12.61 3.27
C LEU E 79 -9.94 13.70 4.34
N ASP E 80 -10.62 14.82 4.11
CA ASP E 80 -10.67 15.90 5.07
C ASP E 80 -11.40 15.42 6.33
N ALA E 81 -12.50 14.69 6.13
CA ALA E 81 -13.25 14.12 7.24
C ALA E 81 -12.34 13.16 8.02
N VAL E 82 -11.62 12.32 7.28
CA VAL E 82 -10.75 11.32 7.88
C VAL E 82 -9.67 12.03 8.70
N ARG E 83 -8.99 12.99 8.06
CA ARG E 83 -7.90 13.73 8.69
C ARG E 83 -8.38 14.40 9.97
N ALA E 84 -9.65 14.79 9.98
CA ALA E 84 -10.21 15.57 11.07
C ALA E 84 -10.57 14.66 12.25
N GLY E 85 -10.58 13.35 12.00
CA GLY E 85 -10.72 12.37 13.07
C GLY E 85 -12.09 11.68 13.06
N LYS E 86 -12.81 11.79 11.94
CA LYS E 86 -14.16 11.24 11.87
C LYS E 86 -14.13 9.82 11.32
N LYS E 87 -14.95 8.95 11.93
CA LYS E 87 -15.24 7.65 11.36
C LYS E 87 -16.08 7.86 10.11
N THR E 88 -15.42 7.82 8.95
CA THR E 88 -16.00 8.25 7.70
C THR E 88 -16.46 7.05 6.88
N VAL E 89 -17.66 7.16 6.31
CA VAL E 89 -18.17 6.15 5.40
C VAL E 89 -18.49 6.81 4.06
N CYS E 90 -18.08 6.16 2.98
CA CYS E 90 -18.33 6.61 1.63
C CYS E 90 -19.28 5.62 0.95
N ALA E 91 -20.52 6.07 0.70
CA ALA E 91 -21.57 5.20 0.20
C ALA E 91 -21.84 5.51 -1.28
N LEU E 92 -21.35 4.62 -2.16
CA LEU E 92 -21.54 4.78 -3.60
C LEU E 92 -22.55 3.76 -4.07
N TYR E 93 -23.35 4.14 -5.09
CA TYR E 93 -24.32 3.22 -5.66
C TYR E 93 -23.56 2.10 -6.35
N GLY E 94 -24.14 0.90 -6.31
CA GLY E 94 -23.57 -0.26 -6.97
C GLY E 94 -22.48 -0.90 -6.12
N HIS E 95 -21.38 -1.27 -6.79
CA HIS E 95 -20.18 -1.75 -6.11
C HIS E 95 -19.20 -0.58 -6.05
N PRO E 96 -18.68 -0.23 -4.85
CA PRO E 96 -17.90 0.99 -4.69
C PRO E 96 -16.53 0.94 -5.38
N GLY E 97 -16.20 -0.21 -5.98
CA GLY E 97 -14.88 -0.40 -6.58
C GLY E 97 -14.97 -0.86 -8.03
N VAL E 98 -16.18 -0.85 -8.59
CA VAL E 98 -16.40 -1.31 -9.95
C VAL E 98 -16.74 -0.11 -10.84
N PHE E 99 -15.86 0.15 -11.81
CA PHE E 99 -15.95 1.33 -12.66
C PHE E 99 -16.19 2.55 -11.77
N ALA E 100 -15.32 2.70 -10.76
CA ALA E 100 -15.37 3.80 -9.82
C ALA E 100 -13.98 3.95 -9.19
N CYS E 101 -13.41 5.15 -9.30
CA CYS E 101 -12.03 5.38 -8.92
C CYS E 101 -11.96 6.03 -7.53
N VAL E 102 -13.05 6.70 -7.15
CA VAL E 102 -13.05 7.57 -5.98
C VAL E 102 -12.74 6.77 -4.73
N SER E 103 -13.28 5.55 -4.62
CA SER E 103 -13.10 4.73 -3.45
C SER E 103 -11.67 4.20 -3.38
N HIS E 104 -11.17 3.68 -4.51
CA HIS E 104 -9.82 3.14 -4.57
C HIS E 104 -8.82 4.24 -4.24
N MET E 105 -9.08 5.45 -4.76
CA MET E 105 -8.19 6.58 -4.56
C MET E 105 -8.14 6.96 -3.08
N ALA E 106 -9.33 7.15 -2.48
CA ALA E 106 -9.44 7.59 -1.10
C ALA E 106 -8.76 6.57 -0.19
N ILE E 107 -9.07 5.29 -0.39
CA ILE E 107 -8.49 4.22 0.40
C ILE E 107 -6.97 4.28 0.27
N THR E 108 -6.48 4.43 -0.96
CA THR E 108 -5.06 4.49 -1.23
C THR E 108 -4.44 5.66 -0.46
N ARG E 109 -5.11 6.82 -0.52
CA ARG E 109 -4.57 8.03 0.07
C ARG E 109 -4.63 7.93 1.59
N ALA E 110 -5.75 7.45 2.12
CA ALA E 110 -5.92 7.29 3.55
C ALA E 110 -4.84 6.39 4.12
N LYS E 111 -4.55 5.29 3.39
CA LYS E 111 -3.53 4.34 3.82
C LYS E 111 -2.16 4.98 3.78
N ALA E 112 -1.92 5.79 2.74
CA ALA E 112 -0.64 6.47 2.58
C ALA E 112 -0.38 7.36 3.79
N GLU E 113 -1.45 7.90 4.38
CA GLU E 113 -1.34 8.85 5.47
C GLU E 113 -1.48 8.14 6.81
N GLY E 114 -1.51 6.80 6.77
CA GLY E 114 -1.41 6.00 7.98
C GLY E 114 -2.76 5.80 8.66
N PHE E 115 -3.84 6.04 7.92
CA PHE E 115 -5.19 5.84 8.44
C PHE E 115 -5.66 4.43 8.10
N SER E 116 -6.66 3.95 8.84
CA SER E 116 -7.32 2.70 8.56
C SER E 116 -8.39 2.91 7.50
N ALA E 117 -8.33 2.12 6.43
CA ALA E 117 -9.26 2.22 5.32
C ALA E 117 -9.54 0.83 4.76
N LYS E 118 -10.75 0.65 4.21
CA LYS E 118 -11.08 -0.58 3.52
C LYS E 118 -12.35 -0.38 2.68
N MET E 119 -12.61 -1.36 1.82
CA MET E 119 -13.76 -1.35 0.94
C MET E 119 -14.60 -2.60 1.19
N GLU E 120 -15.92 -2.41 1.26
CA GLU E 120 -16.85 -3.51 1.35
C GLU E 120 -17.51 -3.71 -0.01
N PRO E 121 -17.54 -4.96 -0.54
CA PRO E 121 -18.14 -5.21 -1.85
C PRO E 121 -19.64 -4.91 -1.87
N GLY E 122 -20.16 -4.66 -3.08
CA GLY E 122 -21.57 -4.42 -3.26
C GLY E 122 -22.07 -5.07 -4.56
N ILE E 123 -23.36 -4.87 -4.85
CA ILE E 123 -23.97 -5.42 -6.04
C ILE E 123 -23.84 -4.41 -7.18
N SER E 124 -23.08 -4.79 -8.21
CA SER E 124 -22.81 -3.91 -9.34
C SER E 124 -23.93 -4.05 -10.38
N ALA E 125 -23.89 -3.20 -11.40
CA ALA E 125 -24.86 -3.24 -12.48
C ALA E 125 -24.69 -4.55 -13.25
N GLU E 126 -23.46 -5.09 -13.22
CA GLU E 126 -23.13 -6.33 -13.88
C GLU E 126 -23.86 -7.47 -13.19
N ALA E 127 -23.80 -7.50 -11.86
CA ALA E 127 -24.44 -8.55 -11.09
C ALA E 127 -25.93 -8.55 -11.39
N CYS E 128 -26.51 -7.36 -11.56
CA CYS E 128 -27.92 -7.22 -11.87
C CYS E 128 -28.20 -7.75 -13.28
N LEU E 129 -27.25 -7.51 -14.19
CA LEU E 129 -27.43 -7.89 -15.58
C LEU E 129 -27.55 -9.40 -15.68
N TRP E 130 -26.64 -10.12 -15.00
CA TRP E 130 -26.62 -11.57 -15.05
C TRP E 130 -27.98 -12.12 -14.63
N ALA E 131 -28.53 -11.57 -13.54
CA ALA E 131 -29.77 -12.06 -12.97
C ALA E 131 -30.95 -11.74 -13.90
N ASP E 132 -30.94 -10.54 -14.47
CA ASP E 132 -32.07 -10.05 -15.25
C ASP E 132 -32.17 -10.79 -16.57
N LEU E 133 -31.02 -11.13 -17.17
CA LEU E 133 -31.02 -11.75 -18.49
C LEU E 133 -30.85 -13.25 -18.38
N GLY E 134 -30.75 -13.76 -17.15
CA GLY E 134 -30.70 -15.20 -16.91
C GLY E 134 -29.45 -15.83 -17.50
N ILE E 135 -28.30 -15.17 -17.32
CA ILE E 135 -27.04 -15.69 -17.81
CA ILE E 135 -27.03 -15.66 -17.81
C ILE E 135 -26.13 -16.04 -16.64
N ASP E 136 -25.51 -17.23 -16.74
CA ASP E 136 -24.51 -17.66 -15.79
C ASP E 136 -23.15 -17.28 -16.34
N PRO E 137 -22.51 -16.21 -15.81
CA PRO E 137 -21.26 -15.69 -16.37
C PRO E 137 -20.04 -16.53 -15.99
N GLY E 138 -20.19 -17.31 -14.93
CA GLY E 138 -19.11 -18.13 -14.41
C GLY E 138 -18.65 -19.17 -15.44
N ASN E 139 -19.58 -20.05 -15.83
CA ASN E 139 -19.26 -21.15 -16.71
C ASN E 139 -19.09 -20.64 -18.14
N SER E 140 -19.72 -19.50 -18.45
CA SER E 140 -19.75 -18.98 -19.80
C SER E 140 -18.57 -18.06 -20.05
N GLY E 141 -18.15 -17.34 -19.00
CA GLY E 141 -17.09 -16.35 -19.11
C GLY E 141 -17.65 -14.97 -19.48
N HIS E 142 -16.91 -13.92 -19.16
CA HIS E 142 -17.35 -12.56 -19.43
C HIS E 142 -16.16 -11.62 -19.48
N GLN E 143 -16.38 -10.48 -20.14
CA GLN E 143 -15.37 -9.44 -20.30
C GLN E 143 -16.00 -8.07 -20.07
N SER E 144 -15.19 -7.11 -19.59
CA SER E 144 -15.67 -5.76 -19.38
C SER E 144 -14.61 -4.75 -19.81
N PHE E 145 -15.05 -3.74 -20.57
CA PHE E 145 -14.22 -2.60 -20.92
C PHE E 145 -15.06 -1.33 -20.82
N GLU E 146 -14.42 -0.23 -20.42
CA GLU E 146 -15.02 1.08 -20.54
C GLU E 146 -15.02 1.44 -22.03
N ALA E 147 -16.20 1.79 -22.55
CA ALA E 147 -16.39 1.93 -23.99
C ALA E 147 -15.33 2.85 -24.59
N SER E 148 -15.08 3.98 -23.92
CA SER E 148 -14.14 4.97 -24.42
C SER E 148 -12.73 4.40 -24.43
N GLN E 149 -12.36 3.68 -23.35
CA GLN E 149 -11.05 3.09 -23.26
C GLN E 149 -10.88 2.10 -24.41
N PHE E 150 -11.98 1.42 -24.76
CA PHE E 150 -11.97 0.43 -25.83
C PHE E 150 -11.67 1.12 -27.16
N MET E 151 -12.01 2.41 -27.24
CA MET E 151 -11.85 3.16 -28.48
C MET E 151 -10.50 3.85 -28.52
N PHE E 152 -10.07 4.42 -27.39
CA PHE E 152 -8.89 5.26 -27.37
C PHE E 152 -7.63 4.39 -27.26
N PHE E 153 -7.78 3.16 -26.78
CA PHE E 153 -6.64 2.27 -26.57
C PHE E 153 -6.89 0.95 -27.28
N ASN E 154 -5.80 0.23 -27.56
CA ASN E 154 -5.84 -1.02 -28.30
C ASN E 154 -6.29 -2.16 -27.40
N HIS E 155 -7.56 -2.55 -27.55
CA HIS E 155 -8.13 -3.67 -26.81
C HIS E 155 -8.62 -4.73 -27.80
N VAL E 156 -8.50 -6.00 -27.42
CA VAL E 156 -8.90 -7.10 -28.27
C VAL E 156 -9.88 -7.97 -27.50
N PRO E 157 -11.18 -7.97 -27.88
CA PRO E 157 -12.17 -8.78 -27.18
C PRO E 157 -12.15 -10.22 -27.70
N ASP E 158 -12.70 -11.13 -26.89
CA ASP E 158 -12.88 -12.50 -27.29
C ASP E 158 -14.34 -12.69 -27.70
N PRO E 159 -14.64 -12.83 -29.02
CA PRO E 159 -16.02 -12.88 -29.50
C PRO E 159 -16.78 -14.18 -29.21
N THR E 160 -16.14 -15.11 -28.48
CA THR E 160 -16.80 -16.34 -28.10
C THR E 160 -17.51 -16.16 -26.76
N THR E 161 -17.20 -15.07 -26.05
CA THR E 161 -17.74 -14.88 -24.71
C THR E 161 -18.38 -13.50 -24.60
N HIS E 162 -19.32 -13.36 -23.66
CA HIS E 162 -20.06 -12.12 -23.48
C HIS E 162 -19.09 -10.97 -23.31
N LEU E 163 -19.50 -9.80 -23.82
CA LEU E 163 -18.69 -8.59 -23.77
C LEU E 163 -19.56 -7.43 -23.30
N LEU E 164 -19.14 -6.80 -22.19
CA LEU E 164 -19.81 -5.63 -21.66
C LEU E 164 -18.98 -4.39 -21.99
N LEU E 165 -19.66 -3.37 -22.53
CA LEU E 165 -19.09 -2.03 -22.67
C LEU E 165 -19.82 -1.10 -21.70
N TRP E 166 -19.13 -0.66 -20.65
CA TRP E 166 -19.70 0.26 -19.68
C TRP E 166 -19.57 1.69 -20.19
N GLN E 167 -20.45 2.57 -19.69
CA GLN E 167 -20.41 4.00 -19.99
C GLN E 167 -20.48 4.21 -21.51
N ILE E 168 -21.48 3.59 -22.13
CA ILE E 168 -21.62 3.58 -23.58
C ILE E 168 -22.11 4.95 -24.06
N ALA E 169 -22.81 5.67 -23.18
CA ALA E 169 -23.47 6.91 -23.58
C ALA E 169 -22.42 7.99 -23.86
N ILE E 170 -21.22 7.82 -23.30
CA ILE E 170 -20.15 8.78 -23.49
C ILE E 170 -19.03 8.15 -24.32
N ALA E 171 -19.40 7.14 -25.12
CA ALA E 171 -18.44 6.41 -25.92
C ALA E 171 -17.68 7.38 -26.83
N GLY E 172 -16.40 7.57 -26.53
CA GLY E 172 -15.50 8.30 -27.42
C GLY E 172 -15.44 9.79 -27.10
N GLU E 173 -16.02 10.20 -25.97
CA GLU E 173 -15.99 11.59 -25.54
C GLU E 173 -14.66 11.85 -24.84
N HIS E 174 -13.79 12.63 -25.49
CA HIS E 174 -12.37 12.64 -25.17
C HIS E 174 -12.04 13.67 -24.07
N THR E 175 -12.89 14.68 -23.90
CA THR E 175 -12.54 15.82 -23.07
C THR E 175 -12.81 15.51 -21.59
N LEU E 176 -13.77 14.63 -21.32
CA LEU E 176 -14.19 14.32 -19.96
C LEU E 176 -14.87 15.54 -19.35
N THR E 177 -15.47 16.38 -20.20
CA THR E 177 -16.17 17.57 -19.75
C THR E 177 -17.66 17.42 -20.05
N GLN E 178 -17.98 16.49 -20.95
CA GLN E 178 -19.34 16.29 -21.43
C GLN E 178 -19.92 15.04 -20.77
N PHE E 179 -21.25 14.92 -20.78
CA PHE E 179 -21.92 13.78 -20.16
C PHE E 179 -22.69 12.99 -21.21
N HIS E 180 -22.40 13.24 -22.48
CA HIS E 180 -23.01 12.48 -23.58
C HIS E 180 -22.10 12.50 -24.79
N THR E 181 -22.34 11.55 -25.71
CA THR E 181 -21.61 11.48 -26.97
C THR E 181 -22.59 11.70 -28.12
N SER E 182 -22.17 11.36 -29.34
CA SER E 182 -23.00 11.56 -30.52
C SER E 182 -22.97 10.31 -31.41
N SER E 183 -23.84 10.29 -32.42
CA SER E 183 -24.04 9.13 -33.25
C SER E 183 -22.83 8.88 -34.14
N ASP E 184 -22.12 9.96 -34.50
CA ASP E 184 -20.92 9.82 -35.30
C ASP E 184 -19.86 9.05 -34.51
N ARG E 185 -19.74 9.35 -33.22
CA ARG E 185 -18.78 8.67 -32.36
C ARG E 185 -19.17 7.20 -32.24
N LEU E 186 -20.48 6.95 -32.09
CA LEU E 186 -21.00 5.60 -31.91
C LEU E 186 -20.87 4.82 -33.21
N GLN E 187 -21.01 5.52 -34.33
CA GLN E 187 -20.88 4.89 -35.64
C GLN E 187 -19.47 4.32 -35.80
N ILE E 188 -18.50 5.06 -35.25
CA ILE E 188 -17.10 4.66 -35.31
C ILE E 188 -16.89 3.42 -34.44
N LEU E 189 -17.64 3.33 -33.34
CA LEU E 189 -17.53 2.19 -32.44
C LEU E 189 -18.04 0.94 -33.13
N VAL E 190 -19.17 1.09 -33.83
CA VAL E 190 -19.77 -0.01 -34.58
C VAL E 190 -18.77 -0.50 -35.62
N GLU E 191 -18.11 0.44 -36.30
CA GLU E 191 -17.15 0.10 -37.33
C GLU E 191 -15.98 -0.64 -36.70
N GLN E 192 -15.58 -0.21 -35.49
CA GLN E 192 -14.48 -0.84 -34.78
C GLN E 192 -14.88 -2.27 -34.39
N LEU E 193 -16.10 -2.41 -33.88
CA LEU E 193 -16.59 -3.69 -33.36
C LEU E 193 -16.77 -4.68 -34.51
N ASN E 194 -16.93 -4.16 -35.72
CA ASN E 194 -17.33 -4.99 -36.85
C ASN E 194 -16.16 -5.83 -37.34
N GLN E 195 -14.98 -5.67 -36.71
CA GLN E 195 -13.86 -6.54 -36.96
C GLN E 195 -14.20 -7.96 -36.49
N TRP E 196 -14.98 -8.05 -35.41
CA TRP E 196 -15.24 -9.31 -34.75
C TRP E 196 -16.73 -9.68 -34.81
N TYR E 197 -17.59 -8.67 -34.77
CA TYR E 197 -19.03 -8.88 -34.71
C TYR E 197 -19.69 -8.34 -35.96
N PRO E 198 -20.53 -9.13 -36.67
CA PRO E 198 -21.29 -8.62 -37.82
C PRO E 198 -22.21 -7.47 -37.41
N LEU E 199 -22.64 -6.70 -38.41
CA LEU E 199 -23.39 -5.47 -38.17
C LEU E 199 -24.84 -5.80 -37.80
N ASP E 200 -25.27 -7.03 -38.10
CA ASP E 200 -26.64 -7.44 -37.81
C ASP E 200 -26.68 -8.22 -36.50
N HIS E 201 -25.52 -8.41 -35.86
CA HIS E 201 -25.45 -9.14 -34.60
C HIS E 201 -26.30 -8.43 -33.56
N GLU E 202 -27.15 -9.21 -32.87
CA GLU E 202 -28.06 -8.66 -31.87
C GLU E 202 -27.28 -8.34 -30.60
N VAL E 203 -27.41 -7.08 -30.15
CA VAL E 203 -26.82 -6.64 -28.90
C VAL E 203 -27.93 -6.15 -27.97
N VAL E 204 -27.59 -5.88 -26.71
CA VAL E 204 -28.59 -5.54 -25.72
C VAL E 204 -28.15 -4.27 -24.97
N ILE E 205 -29.03 -3.26 -24.97
CA ILE E 205 -28.86 -2.10 -24.11
C ILE E 205 -29.56 -2.38 -22.79
N TYR E 206 -28.80 -2.36 -21.70
CA TYR E 206 -29.31 -2.78 -20.41
C TYR E 206 -29.24 -1.61 -19.41
N GLU E 207 -30.32 -1.46 -18.63
CA GLU E 207 -30.33 -0.56 -17.50
C GLU E 207 -31.06 -1.25 -16.35
N ALA E 208 -30.33 -1.55 -15.29
CA ALA E 208 -30.94 -2.07 -14.07
C ALA E 208 -31.94 -1.05 -13.55
N ALA E 209 -33.04 -1.54 -12.98
CA ALA E 209 -34.00 -0.69 -12.31
C ALA E 209 -33.38 -0.12 -11.04
N ASN E 210 -33.75 1.12 -10.70
CA ASN E 210 -33.31 1.74 -9.46
C ASN E 210 -34.49 1.80 -8.48
N LEU E 211 -35.71 1.65 -8.99
CA LEU E 211 -36.90 1.68 -8.15
C LEU E 211 -37.58 0.31 -8.17
N PRO E 212 -38.28 -0.06 -7.08
CA PRO E 212 -38.90 -1.38 -6.98
C PRO E 212 -40.12 -1.59 -7.87
N ILE E 213 -40.70 -0.50 -8.37
CA ILE E 213 -41.88 -0.58 -9.21
C ILE E 213 -41.46 -0.43 -10.68
N GLN E 214 -40.14 -0.41 -10.91
CA GLN E 214 -39.60 -0.13 -12.22
C GLN E 214 -39.11 -1.42 -12.88
N ALA E 215 -39.46 -1.60 -14.14
CA ALA E 215 -38.91 -2.69 -14.94
C ALA E 215 -37.55 -2.29 -15.49
N PRO E 216 -36.58 -3.22 -15.60
CA PRO E 216 -35.30 -2.93 -16.25
C PRO E 216 -35.47 -2.79 -17.75
N ARG E 217 -34.64 -1.93 -18.35
CA ARG E 217 -34.60 -1.78 -19.79
C ARG E 217 -33.76 -2.90 -20.39
N ILE E 218 -34.40 -3.74 -21.20
CA ILE E 218 -33.72 -4.82 -21.90
C ILE E 218 -34.08 -4.73 -23.38
N GLU E 219 -33.36 -3.87 -24.10
CA GLU E 219 -33.68 -3.55 -25.48
C GLU E 219 -32.70 -4.26 -26.41
N ARG E 220 -33.22 -5.17 -27.23
CA ARG E 220 -32.43 -5.92 -28.19
C ARG E 220 -32.49 -5.21 -29.55
N LEU E 221 -31.33 -5.10 -30.21
CA LEU E 221 -31.25 -4.47 -31.51
C LEU E 221 -29.97 -4.92 -32.21
N PRO E 222 -29.93 -4.88 -33.56
CA PRO E 222 -28.69 -5.13 -34.29
C PRO E 222 -27.67 -4.04 -34.00
N LEU E 223 -26.39 -4.41 -34.02
CA LEU E 223 -25.30 -3.51 -33.70
C LEU E 223 -25.41 -2.24 -34.54
N ALA E 224 -25.81 -2.40 -35.80
CA ALA E 224 -25.86 -1.31 -36.76
C ALA E 224 -26.71 -0.16 -36.24
N ASN E 225 -27.72 -0.47 -35.40
CA ASN E 225 -28.72 0.50 -35.01
C ASN E 225 -28.30 1.27 -33.76
N LEU E 226 -27.12 0.97 -33.22
CA LEU E 226 -26.71 1.51 -31.94
C LEU E 226 -26.60 3.04 -32.01
N PRO E 227 -26.13 3.61 -33.14
CA PRO E 227 -26.05 5.07 -33.28
C PRO E 227 -27.40 5.79 -33.18
N GLN E 228 -28.50 5.06 -33.42
CA GLN E 228 -29.83 5.63 -33.34
C GLN E 228 -30.36 5.55 -31.91
N ALA E 229 -29.96 4.50 -31.19
CA ALA E 229 -30.54 4.16 -29.89
C ALA E 229 -30.43 5.34 -28.93
N HIS E 230 -31.44 5.48 -28.06
CA HIS E 230 -31.39 6.46 -26.99
C HIS E 230 -30.64 5.86 -25.81
N LEU E 231 -29.46 6.42 -25.52
CA LEU E 231 -28.62 5.94 -24.45
C LEU E 231 -28.70 6.91 -23.27
N MET E 232 -28.66 6.36 -22.05
CA MET E 232 -28.63 7.16 -20.86
C MET E 232 -27.29 6.93 -20.14
N PRO E 233 -26.88 7.83 -19.23
CA PRO E 233 -25.64 7.65 -18.47
C PRO E 233 -25.52 6.27 -17.82
N ILE E 234 -26.66 5.63 -17.59
CA ILE E 234 -26.71 4.42 -16.78
C ILE E 234 -26.62 3.19 -17.70
N SER E 235 -26.63 3.44 -19.01
CA SER E 235 -26.73 2.36 -19.98
C SER E 235 -25.42 1.57 -20.05
N THR E 236 -25.57 0.23 -20.09
CA THR E 236 -24.47 -0.67 -20.39
C THR E 236 -24.84 -1.47 -21.63
N LEU E 237 -23.83 -1.80 -22.44
CA LEU E 237 -24.07 -2.54 -23.67
C LEU E 237 -23.55 -3.97 -23.51
N LEU E 238 -24.45 -4.93 -23.70
CA LEU E 238 -24.07 -6.34 -23.74
C LEU E 238 -23.96 -6.77 -25.21
N ILE E 239 -22.80 -7.31 -25.57
CA ILE E 239 -22.60 -7.91 -26.88
C ILE E 239 -22.36 -9.40 -26.69
N PRO E 240 -23.38 -10.25 -26.93
CA PRO E 240 -23.24 -11.70 -26.78
C PRO E 240 -22.25 -12.25 -27.81
N PRO E 241 -21.80 -13.51 -27.66
CA PRO E 241 -20.88 -14.14 -28.60
C PRO E 241 -21.36 -14.09 -30.05
N ALA E 242 -20.41 -13.92 -30.98
CA ALA E 242 -20.70 -13.99 -32.39
C ALA E 242 -19.99 -15.20 -33.01
N LYS E 243 -19.10 -15.81 -32.22
CA LYS E 243 -18.32 -16.95 -32.70
C LYS E 243 -18.66 -18.20 -31.89
N LYS E 244 -18.51 -19.36 -32.53
CA LYS E 244 -18.63 -20.63 -31.84
C LYS E 244 -17.27 -21.02 -31.26
N LEU E 245 -17.31 -21.67 -30.10
CA LEU E 245 -16.10 -22.15 -29.44
C LEU E 245 -15.35 -23.09 -30.37
N GLU E 246 -14.01 -23.06 -30.27
CA GLU E 246 -13.16 -23.96 -31.02
C GLU E 246 -12.27 -24.72 -30.04
N TYR E 247 -12.01 -25.99 -30.33
CA TYR E 247 -11.21 -26.82 -29.46
C TYR E 247 -9.76 -26.31 -29.48
N ASN E 248 -9.13 -26.39 -28.32
CA ASN E 248 -7.72 -26.04 -28.16
C ASN E 248 -6.88 -27.29 -28.35
N TYR E 249 -6.80 -27.77 -29.61
CA TYR E 249 -6.21 -29.07 -29.90
C TYR E 249 -4.81 -29.17 -29.31
N ALA E 250 -4.12 -28.03 -29.21
CA ALA E 250 -2.75 -28.00 -28.70
C ALA E 250 -2.73 -28.45 -27.24
N ILE E 251 -3.61 -27.86 -26.43
CA ILE E 251 -3.60 -28.06 -24.99
C ILE E 251 -4.28 -29.39 -24.65
N LEU E 252 -5.31 -29.74 -25.44
CA LEU E 252 -6.00 -31.01 -25.26
C LEU E 252 -4.99 -32.14 -25.44
N ALA E 253 -4.08 -31.96 -26.40
CA ALA E 253 -3.05 -32.94 -26.69
C ALA E 253 -2.17 -33.14 -25.45
N LYS E 254 -1.67 -32.03 -24.91
CA LYS E 254 -0.82 -32.07 -23.71
C LYS E 254 -1.59 -32.75 -22.57
N LEU E 255 -2.92 -32.68 -22.62
CA LEU E 255 -3.75 -33.26 -21.58
C LEU E 255 -4.09 -34.70 -21.93
N GLY E 256 -3.76 -35.11 -23.17
CA GLY E 256 -3.94 -36.48 -23.60
C GLY E 256 -5.40 -36.82 -23.88
N ILE E 257 -6.24 -35.78 -24.02
CA ILE E 257 -7.65 -35.99 -24.31
C ILE E 257 -7.96 -35.46 -25.70
N GLY E 258 -9.22 -35.62 -26.11
CA GLY E 258 -9.66 -35.16 -27.42
C GLY E 258 -11.06 -34.57 -27.35
N PRO E 259 -11.55 -33.95 -28.46
CA PRO E 259 -12.88 -33.33 -28.47
C PRO E 259 -14.02 -34.26 -28.05
N GLU E 260 -13.99 -35.50 -28.54
CA GLU E 260 -15.03 -36.47 -28.28
C GLU E 260 -15.29 -36.56 -26.78
N ASP E 261 -14.24 -36.38 -25.99
CA ASP E 261 -14.31 -36.56 -24.54
C ASP E 261 -14.93 -35.33 -23.88
N LEU E 262 -15.06 -34.24 -24.65
CA LEU E 262 -15.55 -32.98 -24.10
C LEU E 262 -17.00 -32.77 -24.49
N GLY E 263 -17.55 -33.69 -25.29
CA GLY E 263 -18.94 -33.59 -25.71
C GLY E 263 -19.13 -34.11 -27.12
N GLY F 10 -45.43 10.35 1.28
CA GLY F 10 -45.90 8.96 1.28
C GLY F 10 -45.24 8.14 0.18
N LEU F 11 -44.98 8.79 -0.97
CA LEU F 11 -44.45 8.11 -2.13
C LEU F 11 -43.06 7.54 -1.82
N SER F 12 -42.19 8.40 -1.30
CA SER F 12 -40.84 8.00 -0.94
C SER F 12 -40.88 6.88 0.09
N ASP F 13 -41.63 7.11 1.17
CA ASP F 13 -41.77 6.13 2.24
C ASP F 13 -42.16 4.78 1.65
N PHE F 14 -43.08 4.81 0.68
CA PHE F 14 -43.64 3.58 0.14
C PHE F 14 -42.58 2.85 -0.69
N PHE F 15 -41.81 3.58 -1.49
CA PHE F 15 -40.81 2.96 -2.34
C PHE F 15 -39.71 2.35 -1.48
N THR F 16 -39.40 3.03 -0.36
CA THR F 16 -38.35 2.58 0.54
C THR F 16 -38.76 1.25 1.19
N GLN F 17 -40.00 1.17 1.67
CA GLN F 17 -40.52 -0.06 2.26
CA GLN F 17 -40.50 -0.06 2.26
C GLN F 17 -40.56 -1.16 1.20
N LEU F 18 -41.14 -0.83 0.05
CA LEU F 18 -41.33 -1.80 -1.02
C LEU F 18 -39.98 -2.39 -1.43
N GLY F 19 -38.94 -1.56 -1.42
CA GLY F 19 -37.62 -1.99 -1.85
C GLY F 19 -36.97 -2.93 -0.84
N GLN F 20 -37.47 -2.91 0.40
CA GLN F 20 -36.82 -3.60 1.50
C GLN F 20 -37.62 -4.81 1.97
N ASP F 21 -38.94 -4.75 1.80
CA ASP F 21 -39.83 -5.66 2.49
C ASP F 21 -40.41 -6.68 1.51
N ALA F 22 -39.98 -7.94 1.67
CA ALA F 22 -40.39 -9.01 0.76
C ALA F 22 -41.89 -9.24 0.86
N GLN F 23 -42.42 -9.15 2.08
CA GLN F 23 -43.84 -9.37 2.31
C GLN F 23 -44.66 -8.36 1.51
N LEU F 24 -44.27 -7.08 1.62
CA LEU F 24 -44.94 -6.02 0.91
C LEU F 24 -44.71 -6.20 -0.59
N MET F 25 -43.51 -6.67 -0.95
CA MET F 25 -43.15 -6.82 -2.35
C MET F 25 -44.06 -7.84 -3.02
N GLU F 26 -44.36 -8.93 -2.31
CA GLU F 26 -45.14 -10.02 -2.88
C GLU F 26 -46.61 -9.62 -2.95
N ASP F 27 -47.08 -8.86 -1.95
CA ASP F 27 -48.44 -8.34 -1.95
C ASP F 27 -48.61 -7.38 -3.13
N TYR F 28 -47.58 -6.55 -3.35
CA TYR F 28 -47.62 -5.54 -4.40
C TYR F 28 -47.80 -6.21 -5.75
N LYS F 29 -47.01 -7.26 -6.01
CA LYS F 29 -47.02 -7.94 -7.30
C LYS F 29 -48.36 -8.62 -7.50
N GLN F 30 -48.99 -9.07 -6.42
CA GLN F 30 -50.30 -9.69 -6.50
C GLN F 30 -51.34 -8.65 -6.92
N ASN F 31 -51.33 -7.50 -6.25
CA ASN F 31 -52.40 -6.53 -6.40
C ASN F 31 -51.82 -5.12 -6.36
N PRO F 32 -51.10 -4.69 -7.44
CA PRO F 32 -50.38 -3.42 -7.44
C PRO F 32 -51.21 -2.19 -7.06
N GLU F 33 -52.38 -2.04 -7.69
CA GLU F 33 -53.22 -0.87 -7.44
C GLU F 33 -53.65 -0.83 -5.98
N ALA F 34 -54.24 -1.94 -5.52
CA ALA F 34 -54.83 -1.99 -4.18
C ALA F 34 -53.77 -1.62 -3.14
N VAL F 35 -52.55 -2.14 -3.33
CA VAL F 35 -51.48 -1.94 -2.36
C VAL F 35 -51.06 -0.48 -2.38
N MET F 36 -50.98 0.11 -3.57
CA MET F 36 -50.53 1.49 -3.69
C MET F 36 -51.54 2.42 -3.01
N ARG F 37 -52.84 2.13 -3.18
CA ARG F 37 -53.88 2.94 -2.57
C ARG F 37 -53.78 2.81 -1.05
N ALA F 38 -53.58 1.57 -0.59
CA ALA F 38 -53.53 1.28 0.84
C ALA F 38 -52.29 1.91 1.46
N HIS F 39 -51.40 2.46 0.63
CA HIS F 39 -50.19 3.11 1.12
C HIS F 39 -50.16 4.58 0.73
N GLY F 40 -51.33 5.13 0.36
CA GLY F 40 -51.53 6.58 0.36
C GLY F 40 -51.24 7.24 -0.98
N LEU F 41 -50.95 6.45 -2.03
CA LEU F 41 -50.59 7.02 -3.32
C LEU F 41 -51.83 7.63 -3.97
N THR F 42 -51.61 8.74 -4.69
CA THR F 42 -52.67 9.41 -5.43
C THR F 42 -52.92 8.64 -6.73
N ASP F 43 -53.98 9.02 -7.43
CA ASP F 43 -54.34 8.37 -8.68
C ASP F 43 -53.27 8.67 -9.74
N GLU F 44 -52.70 9.86 -9.69
CA GLU F 44 -51.73 10.28 -10.68
C GLU F 44 -50.38 9.62 -10.39
N GLN F 45 -50.12 9.31 -9.11
CA GLN F 45 -48.93 8.59 -8.73
C GLN F 45 -49.04 7.14 -9.19
N ILE F 46 -50.23 6.56 -9.01
CA ILE F 46 -50.49 5.19 -9.41
C ILE F 46 -50.43 5.09 -10.93
N ASN F 47 -51.00 6.09 -11.62
CA ASN F 47 -51.03 6.09 -13.07
C ASN F 47 -49.60 6.18 -13.61
N ALA F 48 -48.78 7.02 -12.97
CA ALA F 48 -47.38 7.17 -13.35
C ALA F 48 -46.66 5.84 -13.21
N VAL F 49 -47.00 5.09 -12.16
CA VAL F 49 -46.33 3.82 -11.88
C VAL F 49 -46.75 2.78 -12.92
N MET F 50 -48.05 2.76 -13.24
CA MET F 50 -48.60 1.69 -14.08
C MET F 50 -48.17 1.90 -15.53
N THR F 51 -47.82 3.14 -15.89
CA THR F 51 -47.42 3.44 -17.26
C THR F 51 -45.90 3.42 -17.35
N GLY F 52 -45.22 3.39 -16.20
CA GLY F 52 -43.78 3.29 -16.15
C GLY F 52 -43.12 4.64 -16.41
N ASP F 53 -43.80 5.72 -16.02
CA ASP F 53 -43.33 7.07 -16.26
C ASP F 53 -42.51 7.54 -15.06
N MET F 54 -41.22 7.18 -15.06
CA MET F 54 -40.33 7.51 -13.96
C MET F 54 -40.19 9.03 -13.84
N GLU F 55 -40.30 9.72 -14.99
CA GLU F 55 -40.17 11.17 -15.04
C GLU F 55 -41.15 11.81 -14.06
N LYS F 56 -42.44 11.53 -14.24
CA LYS F 56 -43.50 12.21 -13.51
C LYS F 56 -43.45 11.81 -12.03
N LEU F 57 -42.76 10.71 -11.72
CA LEU F 57 -42.69 10.21 -10.36
C LEU F 57 -41.82 11.14 -9.51
N LYS F 58 -40.73 11.63 -10.10
CA LYS F 58 -39.86 12.59 -9.42
C LYS F 58 -40.59 13.91 -9.26
N THR F 59 -41.49 14.22 -10.20
CA THR F 59 -42.28 15.43 -10.18
C THR F 59 -43.21 15.41 -8.96
N LEU F 60 -43.81 14.23 -8.70
CA LEU F 60 -44.82 14.09 -7.67
C LEU F 60 -44.17 13.59 -6.39
N SER F 61 -42.98 14.10 -6.09
CA SER F 61 -42.22 13.70 -4.92
C SER F 61 -42.07 14.88 -3.96
N ILE F 72 -18.43 7.57 -12.11
CA ILE F 72 -17.41 7.81 -11.05
C ILE F 72 -16.05 7.34 -11.56
N SER F 73 -15.92 7.18 -12.89
CA SER F 73 -14.68 6.73 -13.49
C SER F 73 -14.46 7.43 -14.84
N GLY G 2 -48.28 -20.85 -6.36
CA GLY G 2 -47.12 -20.42 -5.57
C GLY G 2 -46.17 -19.54 -6.39
N SER G 3 -44.96 -19.34 -5.87
CA SER G 3 -43.98 -18.48 -6.52
C SER G 3 -42.58 -18.91 -6.11
N LEU G 4 -41.58 -18.42 -6.84
CA LEU G 4 -40.19 -18.81 -6.61
C LEU G 4 -39.29 -17.59 -6.69
N VAL G 5 -38.43 -17.43 -5.69
CA VAL G 5 -37.41 -16.39 -5.70
C VAL G 5 -36.08 -17.04 -5.27
N CYS G 6 -35.06 -16.88 -6.11
CA CYS G 6 -33.72 -17.35 -5.80
C CYS G 6 -32.87 -16.18 -5.32
N VAL G 7 -32.28 -16.34 -4.13
CA VAL G 7 -31.47 -15.29 -3.52
C VAL G 7 -30.08 -15.85 -3.24
N GLY G 8 -29.09 -14.95 -3.12
CA GLY G 8 -27.74 -15.31 -2.74
C GLY G 8 -27.37 -14.70 -1.41
N THR G 9 -26.44 -15.35 -0.69
CA THR G 9 -26.06 -14.92 0.65
C THR G 9 -24.72 -14.20 0.61
N GLY G 10 -24.09 -14.17 -0.58
CA GLY G 10 -22.72 -13.68 -0.69
C GLY G 10 -21.74 -14.72 -0.13
N LEU G 11 -20.55 -14.25 0.26
CA LEU G 11 -19.47 -15.10 0.73
C LEU G 11 -19.40 -15.06 2.25
N GLN G 12 -19.49 -13.86 2.81
CA GLN G 12 -19.31 -13.67 4.24
C GLN G 12 -20.60 -14.01 4.99
N LEU G 13 -20.45 -14.76 6.07
CA LEU G 13 -21.56 -15.19 6.91
C LEU G 13 -22.38 -13.98 7.35
N ALA G 14 -23.71 -14.06 7.10
CA ALA G 14 -24.70 -13.21 7.74
C ALA G 14 -24.74 -11.81 7.14
N GLY G 15 -23.57 -11.24 6.85
CA GLY G 15 -23.45 -9.80 6.66
C GLY G 15 -23.51 -9.38 5.19
N GLN G 16 -23.32 -10.32 4.26
CA GLN G 16 -23.10 -9.96 2.88
C GLN G 16 -24.36 -10.17 2.05
N ILE G 17 -25.43 -10.65 2.70
CA ILE G 17 -26.71 -10.81 2.02
C ILE G 17 -27.37 -9.44 1.91
N SER G 18 -28.09 -9.22 0.82
CA SER G 18 -28.85 -7.99 0.63
C SER G 18 -30.02 -7.97 1.60
N VAL G 19 -30.48 -6.77 1.94
CA VAL G 19 -31.52 -6.59 2.94
C VAL G 19 -32.82 -7.18 2.43
N LEU G 20 -33.11 -7.03 1.13
CA LEU G 20 -34.33 -7.57 0.55
C LEU G 20 -34.23 -9.10 0.50
N SER G 21 -33.06 -9.61 0.13
CA SER G 21 -32.86 -11.05 0.01
C SER G 21 -33.07 -11.74 1.35
N ARG G 22 -32.60 -11.08 2.42
CA ARG G 22 -32.76 -11.58 3.77
CA ARG G 22 -32.76 -11.58 3.77
C ARG G 22 -34.24 -11.60 4.12
N SER G 23 -34.95 -10.57 3.67
CA SER G 23 -36.37 -10.44 3.91
C SER G 23 -37.12 -11.58 3.23
N TYR G 24 -36.67 -11.95 2.02
CA TYR G 24 -37.31 -13.02 1.27
C TYR G 24 -37.22 -14.34 2.03
N ILE G 25 -36.06 -14.60 2.64
CA ILE G 25 -35.86 -15.85 3.37
C ILE G 25 -36.77 -15.85 4.60
N GLU G 26 -36.83 -14.72 5.30
CA GLU G 26 -37.59 -14.61 6.54
C GLU G 26 -39.06 -14.98 6.31
N HIS G 27 -39.60 -14.52 5.17
CA HIS G 27 -41.05 -14.52 4.96
C HIS G 27 -41.47 -15.65 4.03
N ALA G 28 -40.52 -16.49 3.62
CA ALA G 28 -40.83 -17.62 2.74
C ALA G 28 -41.65 -18.65 3.53
N ASP G 29 -42.46 -19.42 2.79
CA ASP G 29 -43.15 -20.56 3.35
C ASP G 29 -42.18 -21.72 3.49
N ILE G 30 -41.19 -21.75 2.60
CA ILE G 30 -40.21 -22.84 2.57
C ILE G 30 -38.95 -22.36 1.86
N VAL G 31 -37.79 -22.79 2.39
CA VAL G 31 -36.50 -22.39 1.85
C VAL G 31 -35.74 -23.65 1.44
N PHE G 32 -35.20 -23.63 0.21
CA PHE G 32 -34.31 -24.67 -0.25
C PHE G 32 -32.89 -24.12 -0.21
N SER G 33 -32.02 -24.77 0.57
CA SER G 33 -30.68 -24.27 0.80
C SER G 33 -29.67 -25.04 -0.03
N LEU G 34 -28.68 -24.32 -0.55
CA LEU G 34 -27.51 -24.93 -1.15
C LEU G 34 -26.29 -24.16 -0.67
N LEU G 35 -26.07 -24.20 0.65
CA LEU G 35 -25.05 -23.41 1.30
C LEU G 35 -23.84 -24.28 1.63
N PRO G 36 -22.63 -23.70 1.72
CA PRO G 36 -21.41 -24.48 1.99
C PRO G 36 -21.32 -25.03 3.42
N ASP G 37 -21.01 -24.16 4.38
CA ASP G 37 -20.55 -24.59 5.69
C ASP G 37 -21.73 -24.73 6.67
N GLY G 38 -21.40 -25.20 7.88
CA GLY G 38 -22.38 -25.38 8.94
C GLY G 38 -22.84 -24.04 9.52
N PHE G 39 -21.91 -23.10 9.66
CA PHE G 39 -22.23 -21.80 10.21
C PHE G 39 -23.31 -21.14 9.35
N SER G 40 -23.12 -21.23 8.03
CA SER G 40 -24.10 -20.73 7.07
C SER G 40 -25.45 -21.40 7.31
N GLN G 41 -25.42 -22.72 7.50
CA GLN G 41 -26.63 -23.52 7.57
C GLN G 41 -27.40 -23.14 8.83
N ARG G 42 -26.69 -22.97 9.94
CA ARG G 42 -27.32 -22.64 11.21
C ARG G 42 -27.90 -21.24 11.15
N TRP G 43 -27.21 -20.33 10.46
CA TRP G 43 -27.67 -18.96 10.33
C TRP G 43 -28.98 -18.92 9.55
N LEU G 44 -29.06 -19.73 8.50
CA LEU G 44 -30.25 -19.79 7.65
C LEU G 44 -31.44 -20.29 8.47
N THR G 45 -31.21 -21.34 9.27
CA THR G 45 -32.29 -22.02 9.98
C THR G 45 -32.91 -21.08 11.00
N LYS G 46 -32.10 -20.19 11.59
CA LYS G 46 -32.59 -19.26 12.59
C LYS G 46 -33.35 -18.13 11.91
N LEU G 47 -33.05 -17.90 10.63
CA LEU G 47 -33.81 -16.96 9.82
C LEU G 47 -35.19 -17.54 9.53
N ASN G 48 -35.22 -18.77 9.02
CA ASN G 48 -36.45 -19.45 8.66
C ASN G 48 -36.30 -20.93 8.96
N PRO G 49 -37.08 -21.47 9.93
CA PRO G 49 -36.88 -22.85 10.38
C PRO G 49 -37.18 -23.92 9.35
N ASN G 50 -38.09 -23.63 8.40
CA ASN G 50 -38.53 -24.60 7.43
CA ASN G 50 -38.53 -24.60 7.43
C ASN G 50 -37.59 -24.58 6.23
N VAL G 51 -36.45 -25.27 6.39
CA VAL G 51 -35.41 -25.33 5.37
C VAL G 51 -35.27 -26.77 4.90
N ILE G 52 -35.18 -26.95 3.57
CA ILE G 52 -34.75 -28.21 2.99
C ILE G 52 -33.36 -28.01 2.41
N ASN G 53 -32.41 -28.86 2.83
CA ASN G 53 -31.04 -28.82 2.34
C ASN G 53 -30.96 -29.66 1.06
N LEU G 54 -30.62 -29.00 -0.06
CA LEU G 54 -30.62 -29.64 -1.35
C LEU G 54 -29.38 -30.52 -1.52
N GLN G 55 -28.45 -30.44 -0.58
CA GLN G 55 -27.18 -31.12 -0.70
C GLN G 55 -27.40 -32.63 -0.49
N GLN G 56 -28.60 -32.99 -0.04
CA GLN G 56 -28.97 -34.39 0.16
C GLN G 56 -29.04 -35.11 -1.18
N PHE G 57 -29.19 -34.33 -2.27
CA PHE G 57 -29.41 -34.91 -3.59
C PHE G 57 -28.07 -35.20 -4.25
N TYR G 58 -26.98 -34.65 -3.68
CA TYR G 58 -25.65 -34.94 -4.18
C TYR G 58 -25.33 -36.41 -3.90
N ALA G 59 -24.49 -37.00 -4.75
CA ALA G 59 -24.14 -38.41 -4.65
C ALA G 59 -23.58 -38.68 -3.25
N GLN G 60 -24.37 -39.39 -2.44
CA GLN G 60 -23.92 -39.87 -1.14
C GLN G 60 -23.13 -41.15 -1.35
N ASN G 61 -22.25 -41.47 -0.40
CA ASN G 61 -21.33 -42.59 -0.54
C ASN G 61 -20.52 -42.37 -1.82
N GLY G 62 -20.00 -43.46 -2.39
CA GLY G 62 -19.13 -43.37 -3.55
C GLY G 62 -19.90 -43.52 -4.86
N GLU G 63 -21.24 -43.44 -4.78
CA GLU G 63 -22.07 -43.59 -5.96
C GLU G 63 -21.67 -42.56 -7.00
N VAL G 64 -21.70 -42.97 -8.27
CA VAL G 64 -21.31 -42.11 -9.37
C VAL G 64 -22.57 -41.61 -10.07
N LYS G 65 -23.30 -40.72 -9.38
CA LYS G 65 -24.52 -40.13 -9.93
C LYS G 65 -24.13 -38.99 -10.88
N ASN G 66 -24.74 -39.00 -12.07
CA ASN G 66 -24.57 -37.94 -13.04
C ASN G 66 -25.08 -36.64 -12.42
N ARG G 67 -24.31 -35.56 -12.59
CA ARG G 67 -24.61 -34.31 -11.94
C ARG G 67 -25.92 -33.75 -12.49
N ARG G 68 -26.22 -34.07 -13.75
CA ARG G 68 -27.47 -33.65 -14.37
C ARG G 68 -28.65 -34.27 -13.64
N ASP G 69 -28.50 -35.55 -13.26
CA ASP G 69 -29.56 -36.25 -12.55
C ASP G 69 -29.77 -35.58 -11.19
N THR G 70 -28.66 -35.20 -10.54
CA THR G 70 -28.70 -34.55 -9.25
C THR G 70 -29.45 -33.22 -9.39
N TYR G 71 -29.11 -32.45 -10.41
CA TYR G 71 -29.66 -31.11 -10.59
C TYR G 71 -31.16 -31.22 -10.88
N GLU G 72 -31.54 -32.21 -11.69
CA GLU G 72 -32.93 -32.37 -12.08
C GLU G 72 -33.77 -32.70 -10.84
N GLN G 73 -33.17 -33.46 -9.92
CA GLN G 73 -33.83 -33.86 -8.68
C GLN G 73 -34.03 -32.64 -7.78
N MET G 74 -33.02 -31.77 -7.72
CA MET G 74 -33.11 -30.56 -6.92
C MET G 74 -34.21 -29.66 -7.48
N VAL G 75 -34.26 -29.56 -8.81
CA VAL G 75 -35.21 -28.67 -9.47
C VAL G 75 -36.62 -29.18 -9.23
N ASN G 76 -36.80 -30.50 -9.30
CA ASN G 76 -38.12 -31.10 -9.20
C ASN G 76 -38.64 -30.95 -7.77
N ALA G 77 -37.72 -30.96 -6.80
CA ALA G 77 -38.08 -30.76 -5.40
C ALA G 77 -38.55 -29.33 -5.19
N ILE G 78 -37.86 -28.38 -5.83
CA ILE G 78 -38.17 -26.97 -5.67
C ILE G 78 -39.54 -26.70 -6.26
N LEU G 79 -39.82 -27.32 -7.41
CA LEU G 79 -41.03 -27.04 -8.17
C LEU G 79 -42.24 -27.68 -7.48
N ASP G 80 -42.04 -28.83 -6.83
CA ASP G 80 -43.11 -29.47 -6.08
C ASP G 80 -43.64 -28.48 -5.05
N ALA G 81 -42.73 -27.79 -4.37
CA ALA G 81 -43.11 -26.78 -3.38
C ALA G 81 -43.93 -25.69 -4.06
N VAL G 82 -43.43 -25.23 -5.22
CA VAL G 82 -44.07 -24.15 -5.95
C VAL G 82 -45.44 -24.63 -6.44
N ARG G 83 -45.48 -25.81 -7.06
CA ARG G 83 -46.68 -26.37 -7.65
C ARG G 83 -47.76 -26.50 -6.57
N ALA G 84 -47.33 -26.77 -5.34
CA ALA G 84 -48.24 -26.99 -4.22
C ALA G 84 -48.80 -25.65 -3.73
N GLY G 85 -48.17 -24.55 -4.15
CA GLY G 85 -48.69 -23.22 -3.87
C GLY G 85 -47.92 -22.53 -2.73
N LYS G 86 -46.71 -23.03 -2.45
CA LYS G 86 -45.90 -22.47 -1.39
C LYS G 86 -45.07 -21.31 -1.94
N LYS G 87 -44.94 -20.25 -1.14
CA LYS G 87 -44.06 -19.16 -1.46
C LYS G 87 -42.62 -19.62 -1.19
N THR G 88 -41.92 -19.97 -2.27
CA THR G 88 -40.70 -20.74 -2.18
C THR G 88 -39.49 -19.82 -2.42
N VAL G 89 -38.49 -19.97 -1.55
CA VAL G 89 -37.24 -19.25 -1.71
C VAL G 89 -36.10 -20.26 -1.76
N CYS G 90 -35.16 -20.04 -2.67
N CYS G 90 -35.19 -20.07 -2.71
CA CYS G 90 -33.97 -20.87 -2.78
CA CYS G 90 -33.97 -20.86 -2.80
C CYS G 90 -32.74 -20.03 -2.43
C CYS G 90 -32.79 -19.98 -2.38
N ALA G 91 -32.02 -20.45 -1.38
CA ALA G 91 -30.89 -19.70 -0.88
C ALA G 91 -29.58 -20.34 -1.32
N LEU G 92 -28.83 -19.61 -2.18
CA LEU G 92 -27.57 -20.10 -2.68
C LEU G 92 -26.42 -19.22 -2.17
N TYR G 93 -25.20 -19.77 -2.26
CA TYR G 93 -23.99 -19.07 -1.86
C TYR G 93 -23.63 -18.05 -2.93
N GLY G 94 -23.17 -16.87 -2.50
CA GLY G 94 -22.67 -15.85 -3.41
C GLY G 94 -23.82 -15.21 -4.21
N HIS G 95 -23.64 -15.18 -5.53
CA HIS G 95 -24.66 -14.70 -6.45
C HIS G 95 -25.39 -15.93 -7.01
N PRO G 96 -26.73 -16.00 -6.84
CA PRO G 96 -27.47 -17.24 -7.13
C PRO G 96 -27.46 -17.62 -8.62
N GLY G 97 -26.92 -16.75 -9.46
CA GLY G 97 -26.91 -16.96 -10.89
C GLY G 97 -25.52 -17.21 -11.43
N VAL G 98 -24.52 -17.23 -10.53
CA VAL G 98 -23.13 -17.35 -10.93
C VAL G 98 -22.59 -18.71 -10.49
N PHE G 99 -22.09 -19.49 -11.45
CA PHE G 99 -21.69 -20.87 -11.23
C PHE G 99 -22.85 -21.58 -10.52
N ALA G 100 -24.02 -21.57 -11.17
CA ALA G 100 -25.22 -22.16 -10.60
C ALA G 100 -26.26 -22.36 -11.71
N CYS G 101 -26.56 -23.63 -12.01
CA CYS G 101 -27.52 -23.95 -13.05
C CYS G 101 -28.88 -24.28 -12.44
N VAL G 102 -28.87 -24.78 -11.19
CA VAL G 102 -30.08 -25.22 -10.54
C VAL G 102 -31.04 -24.04 -10.43
N SER G 103 -30.52 -22.87 -10.04
CA SER G 103 -31.30 -21.65 -9.95
C SER G 103 -31.93 -21.33 -11.31
N HIS G 104 -31.08 -21.23 -12.33
CA HIS G 104 -31.54 -20.88 -13.67
C HIS G 104 -32.56 -21.90 -14.15
N MET G 105 -32.32 -23.18 -13.84
CA MET G 105 -33.18 -24.26 -14.30
C MET G 105 -34.54 -24.14 -13.64
N ALA G 106 -34.55 -23.97 -12.31
CA ALA G 106 -35.79 -23.87 -11.56
C ALA G 106 -36.61 -22.68 -12.03
N ILE G 107 -35.93 -21.56 -12.30
CA ILE G 107 -36.61 -20.35 -12.69
C ILE G 107 -37.25 -20.54 -14.07
N THR G 108 -36.52 -21.17 -14.99
CA THR G 108 -37.02 -21.39 -16.33
C THR G 108 -38.29 -22.25 -16.28
N ARG G 109 -38.23 -23.35 -15.51
CA ARG G 109 -39.30 -24.34 -15.52
C ARG G 109 -40.52 -23.76 -14.80
N ALA G 110 -40.29 -22.96 -13.76
CA ALA G 110 -41.38 -22.33 -13.04
C ALA G 110 -42.16 -21.41 -13.97
N LYS G 111 -41.43 -20.66 -14.80
CA LYS G 111 -42.02 -19.76 -15.77
C LYS G 111 -42.84 -20.55 -16.78
N ALA G 112 -42.22 -21.60 -17.33
CA ALA G 112 -42.85 -22.41 -18.36
C ALA G 112 -44.20 -22.92 -17.87
N GLU G 113 -44.30 -23.19 -16.55
CA GLU G 113 -45.50 -23.78 -15.98
C GLU G 113 -46.43 -22.68 -15.48
N GLY G 114 -46.03 -21.42 -15.65
CA GLY G 114 -46.92 -20.29 -15.42
C GLY G 114 -46.85 -19.76 -14.00
N PHE G 115 -45.74 -20.02 -13.30
CA PHE G 115 -45.55 -19.47 -11.96
C PHE G 115 -44.63 -18.26 -12.05
N SER G 116 -44.82 -17.33 -11.11
CA SER G 116 -43.93 -16.19 -10.93
C SER G 116 -42.59 -16.68 -10.37
N ALA G 117 -41.50 -16.29 -11.04
CA ALA G 117 -40.16 -16.70 -10.65
C ALA G 117 -39.16 -15.59 -10.96
N LYS G 118 -38.21 -15.38 -10.06
CA LYS G 118 -37.18 -14.38 -10.30
C LYS G 118 -35.91 -14.69 -9.51
N MET G 119 -34.82 -14.06 -9.96
CA MET G 119 -33.52 -14.17 -9.33
C MET G 119 -33.12 -12.80 -8.77
N GLU G 120 -32.68 -12.79 -7.51
CA GLU G 120 -32.16 -11.58 -6.88
C GLU G 120 -30.64 -11.62 -6.91
N PRO G 121 -29.97 -10.59 -7.47
CA PRO G 121 -28.50 -10.57 -7.50
C PRO G 121 -27.93 -10.53 -6.09
N GLY G 122 -26.77 -11.17 -5.93
CA GLY G 122 -26.02 -11.12 -4.68
C GLY G 122 -24.54 -10.89 -4.95
N ILE G 123 -23.76 -10.77 -3.86
CA ILE G 123 -22.34 -10.49 -3.93
C ILE G 123 -21.60 -11.77 -4.28
N SER G 124 -20.89 -11.75 -5.42
CA SER G 124 -20.16 -12.90 -5.91
C SER G 124 -18.72 -12.87 -5.39
N ALA G 125 -17.98 -13.95 -5.66
CA ALA G 125 -16.58 -14.04 -5.29
C ALA G 125 -15.78 -12.98 -6.02
N GLU G 126 -16.22 -12.67 -7.24
CA GLU G 126 -15.55 -11.69 -8.08
C GLU G 126 -15.72 -10.30 -7.47
N ALA G 127 -16.90 -10.04 -6.90
CA ALA G 127 -17.17 -8.76 -6.27
C ALA G 127 -16.24 -8.58 -5.08
N CYS G 128 -15.98 -9.66 -4.35
CA CYS G 128 -15.11 -9.63 -3.18
C CYS G 128 -13.67 -9.34 -3.61
N LEU G 129 -13.25 -9.95 -4.72
CA LEU G 129 -11.88 -9.83 -5.20
C LEU G 129 -11.55 -8.35 -5.42
N TRP G 130 -12.39 -7.66 -6.18
CA TRP G 130 -12.14 -6.26 -6.51
C TRP G 130 -11.91 -5.45 -5.24
N ALA G 131 -12.68 -5.76 -4.19
CA ALA G 131 -12.64 -5.00 -2.95
C ALA G 131 -11.41 -5.37 -2.13
N ASP G 132 -11.05 -6.65 -2.15
CA ASP G 132 -9.99 -7.19 -1.31
C ASP G 132 -8.62 -6.85 -1.89
N LEU G 133 -8.52 -6.82 -3.22
CA LEU G 133 -7.25 -6.56 -3.89
C LEU G 133 -7.16 -5.09 -4.29
N GLY G 134 -8.27 -4.36 -4.15
CA GLY G 134 -8.30 -2.94 -4.50
C GLY G 134 -8.01 -2.74 -5.98
N ILE G 135 -8.70 -3.50 -6.83
CA ILE G 135 -8.54 -3.41 -8.28
C ILE G 135 -9.88 -3.06 -8.90
N ASP G 136 -9.87 -2.08 -9.82
CA ASP G 136 -11.06 -1.70 -10.55
C ASP G 136 -11.05 -2.42 -11.90
N PRO G 137 -12.05 -3.28 -12.17
CA PRO G 137 -12.10 -4.03 -13.42
C PRO G 137 -11.99 -3.14 -14.65
N GLY G 138 -12.35 -1.87 -14.49
CA GLY G 138 -12.46 -0.95 -15.62
C GLY G 138 -11.17 -0.18 -15.87
N ASN G 139 -10.21 -0.28 -14.94
CA ASN G 139 -8.99 0.49 -15.02
C ASN G 139 -8.28 0.18 -16.35
N SER G 140 -8.14 -1.11 -16.65
CA SER G 140 -7.57 -1.53 -17.92
C SER G 140 -8.41 -2.65 -18.52
N GLY G 141 -9.66 -2.77 -18.04
CA GLY G 141 -10.58 -3.79 -18.52
C GLY G 141 -10.38 -5.11 -17.78
N HIS G 142 -11.26 -6.08 -18.06
CA HIS G 142 -11.30 -7.33 -17.31
C HIS G 142 -11.87 -8.46 -18.16
N GLN G 143 -11.25 -9.63 -18.03
CA GLN G 143 -11.75 -10.86 -18.65
C GLN G 143 -11.77 -11.99 -17.61
N SER G 144 -12.88 -12.73 -17.58
CA SER G 144 -13.04 -13.86 -16.69
C SER G 144 -13.38 -15.11 -17.49
N PHE G 145 -12.65 -16.20 -17.21
CA PHE G 145 -12.97 -17.49 -17.79
C PHE G 145 -12.89 -18.55 -16.69
N GLU G 146 -13.67 -19.63 -16.84
CA GLU G 146 -13.46 -20.82 -16.04
C GLU G 146 -12.17 -21.47 -16.54
N ALA G 147 -11.27 -21.77 -15.61
CA ALA G 147 -9.92 -22.18 -15.94
C ALA G 147 -9.95 -23.30 -16.97
N SER G 148 -10.85 -24.27 -16.78
CA SER G 148 -10.90 -25.43 -17.65
C SER G 148 -11.36 -25.03 -19.06
N GLN G 149 -12.33 -24.10 -19.13
CA GLN G 149 -12.81 -23.62 -20.42
C GLN G 149 -11.67 -22.96 -21.18
N PHE G 150 -10.77 -22.32 -20.41
CA PHE G 150 -9.65 -21.56 -20.98
C PHE G 150 -8.64 -22.51 -21.61
N MET G 151 -8.54 -23.72 -21.04
CA MET G 151 -7.56 -24.69 -21.50
C MET G 151 -8.13 -25.51 -22.66
N PHE G 152 -9.44 -25.81 -22.59
CA PHE G 152 -10.06 -26.72 -23.53
C PHE G 152 -10.39 -26.00 -24.83
N PHE G 153 -10.69 -24.70 -24.75
CA PHE G 153 -11.16 -23.96 -25.91
C PHE G 153 -10.23 -22.77 -26.19
N ASN G 154 -10.33 -22.27 -27.42
CA ASN G 154 -9.47 -21.21 -27.92
C ASN G 154 -9.93 -19.87 -27.34
N HIS G 155 -9.16 -19.38 -26.36
CA HIS G 155 -9.42 -18.11 -25.70
C HIS G 155 -8.12 -17.32 -25.60
N VAL G 156 -7.91 -16.41 -26.56
CA VAL G 156 -6.73 -15.57 -26.55
C VAL G 156 -7.03 -14.32 -25.73
N PRO G 157 -6.35 -14.13 -24.58
CA PRO G 157 -6.61 -12.98 -23.71
C PRO G 157 -6.03 -11.68 -24.23
N ASP G 158 -6.63 -10.57 -23.80
CA ASP G 158 -6.06 -9.24 -23.97
C ASP G 158 -5.15 -8.97 -22.79
N PRO G 159 -3.80 -9.02 -22.97
CA PRO G 159 -2.87 -8.91 -21.85
C PRO G 159 -2.77 -7.53 -21.22
N THR G 160 -3.65 -6.61 -21.64
CA THR G 160 -3.71 -5.29 -21.02
C THR G 160 -4.71 -5.32 -19.86
N THR G 161 -5.56 -6.35 -19.83
CA THR G 161 -6.63 -6.42 -18.84
C THR G 161 -6.17 -7.18 -17.61
N HIS G 162 -7.00 -7.15 -16.57
CA HIS G 162 -6.93 -8.13 -15.49
C HIS G 162 -7.67 -9.39 -15.94
N LEU G 163 -6.92 -10.49 -16.05
CA LEU G 163 -7.47 -11.77 -16.45
C LEU G 163 -7.76 -12.60 -15.20
N LEU G 164 -8.98 -13.14 -15.12
CA LEU G 164 -9.37 -14.01 -14.02
C LEU G 164 -9.62 -15.42 -14.54
N LEU G 165 -9.01 -16.41 -13.87
CA LEU G 165 -9.24 -17.81 -14.17
C LEU G 165 -9.86 -18.48 -12.95
N TRP G 166 -11.14 -18.86 -13.08
CA TRP G 166 -11.90 -19.37 -11.96
C TRP G 166 -11.76 -20.89 -11.85
N GLN G 167 -11.92 -21.40 -10.63
CA GLN G 167 -11.87 -22.82 -10.35
C GLN G 167 -10.52 -23.37 -10.83
N ILE G 168 -9.45 -22.70 -10.40
CA ILE G 168 -8.10 -23.01 -10.84
C ILE G 168 -7.72 -24.41 -10.37
N ALA G 169 -8.34 -24.87 -9.28
CA ALA G 169 -7.98 -26.13 -8.65
C ALA G 169 -8.30 -27.30 -9.58
N ILE G 170 -9.42 -27.22 -10.30
CA ILE G 170 -9.88 -28.30 -11.14
C ILE G 170 -9.55 -28.00 -12.60
N ALA G 171 -8.44 -27.29 -12.83
CA ALA G 171 -8.07 -26.88 -14.17
C ALA G 171 -7.66 -28.08 -15.01
N GLY G 172 -8.36 -28.28 -16.13
CA GLY G 172 -8.02 -29.33 -17.08
C GLY G 172 -8.44 -30.71 -16.60
N GLU G 173 -9.42 -30.75 -15.68
CA GLU G 173 -9.90 -32.00 -15.12
C GLU G 173 -11.13 -32.48 -15.88
N HIS G 174 -10.97 -33.62 -16.57
CA HIS G 174 -12.06 -34.26 -17.26
C HIS G 174 -12.20 -35.71 -16.76
N HIS G 180 -4.67 -36.11 -13.65
CA HIS G 180 -3.18 -36.03 -13.55
C HIS G 180 -2.79 -35.70 -12.12
N THR G 181 -1.69 -34.95 -11.97
CA THR G 181 -1.12 -34.68 -10.66
C THR G 181 -1.52 -33.29 -10.18
N SER G 182 -2.39 -32.63 -10.97
CA SER G 182 -2.73 -31.23 -10.74
C SER G 182 -1.53 -30.36 -11.12
N SER G 183 -0.38 -30.64 -10.49
CA SER G 183 0.86 -29.97 -10.84
C SER G 183 1.11 -30.11 -12.34
N ASP G 184 0.76 -31.29 -12.88
CA ASP G 184 0.91 -31.56 -14.30
C ASP G 184 -0.03 -30.67 -15.10
N ARG G 185 -1.30 -30.66 -14.69
CA ARG G 185 -2.33 -29.88 -15.36
C ARG G 185 -1.99 -28.39 -15.25
N LEU G 186 -1.48 -27.99 -14.08
CA LEU G 186 -1.18 -26.59 -13.82
C LEU G 186 0.06 -26.16 -14.60
N GLN G 187 1.02 -27.08 -14.73
CA GLN G 187 2.23 -26.82 -15.50
C GLN G 187 1.84 -26.54 -16.96
N ILE G 188 0.81 -27.26 -17.42
CA ILE G 188 0.35 -27.14 -18.81
C ILE G 188 -0.30 -25.77 -18.98
N LEU G 189 -1.04 -25.34 -17.95
CA LEU G 189 -1.69 -24.04 -17.96
C LEU G 189 -0.65 -22.94 -18.01
N VAL G 190 0.46 -23.15 -17.29
CA VAL G 190 1.54 -22.19 -17.25
C VAL G 190 2.14 -22.05 -18.64
N GLU G 191 2.45 -23.18 -19.28
CA GLU G 191 3.05 -23.19 -20.61
C GLU G 191 2.14 -22.43 -21.57
N GLN G 192 0.83 -22.64 -21.43
CA GLN G 192 -0.16 -21.97 -22.25
C GLN G 192 -0.11 -20.47 -22.02
N LEU G 193 -0.14 -20.06 -20.74
CA LEU G 193 -0.17 -18.66 -20.36
C LEU G 193 1.15 -18.00 -20.76
N ASN G 194 2.20 -18.81 -20.88
CA ASN G 194 3.53 -18.29 -21.16
C ASN G 194 3.56 -17.71 -22.56
N GLN G 195 2.54 -18.02 -23.36
CA GLN G 195 2.41 -17.46 -24.70
C GLN G 195 2.31 -15.93 -24.61
N TRP G 196 1.81 -15.42 -23.48
CA TRP G 196 1.53 -14.00 -23.36
C TRP G 196 2.17 -13.40 -22.11
N TYR G 197 2.43 -14.24 -21.09
CA TYR G 197 2.90 -13.73 -19.80
C TYR G 197 4.26 -14.37 -19.47
N PRO G 198 5.28 -13.56 -19.14
CA PRO G 198 6.58 -14.09 -18.73
C PRO G 198 6.44 -15.04 -17.54
N LEU G 199 7.42 -15.94 -17.38
CA LEU G 199 7.36 -16.93 -16.32
C LEU G 199 7.51 -16.26 -14.96
N ASP G 200 8.07 -15.04 -14.93
CA ASP G 200 8.31 -14.34 -13.69
C ASP G 200 7.20 -13.33 -13.44
N HIS G 201 6.17 -13.33 -14.30
CA HIS G 201 5.03 -12.45 -14.13
C HIS G 201 4.35 -12.78 -12.80
N GLU G 202 4.14 -11.75 -11.96
CA GLU G 202 3.51 -11.94 -10.67
C GLU G 202 2.02 -12.19 -10.87
N VAL G 203 1.52 -13.27 -10.27
CA VAL G 203 0.10 -13.58 -10.29
C VAL G 203 -0.38 -13.74 -8.85
N VAL G 204 -1.71 -13.83 -8.67
CA VAL G 204 -2.31 -13.81 -7.35
C VAL G 204 -3.31 -14.94 -7.22
N ILE G 205 -3.14 -15.78 -6.18
CA ILE G 205 -4.15 -16.74 -5.79
C ILE G 205 -5.07 -16.07 -4.77
N TYR G 206 -6.37 -16.05 -5.08
CA TYR G 206 -7.33 -15.36 -4.24
C TYR G 206 -8.41 -16.34 -3.75
N GLU G 207 -8.75 -16.20 -2.46
CA GLU G 207 -9.84 -16.94 -1.85
C GLU G 207 -10.57 -15.99 -0.90
N ALA G 208 -11.82 -15.66 -1.23
CA ALA G 208 -12.63 -14.78 -0.40
C ALA G 208 -12.86 -15.43 0.96
N ALA G 209 -12.92 -14.59 2.00
CA ALA G 209 -13.22 -15.03 3.35
C ALA G 209 -14.71 -15.39 3.45
N ASN G 210 -15.02 -16.37 4.29
CA ASN G 210 -16.38 -16.84 4.49
C ASN G 210 -16.83 -16.54 5.91
N LEU G 211 -15.86 -16.40 6.82
CA LEU G 211 -16.13 -16.10 8.21
C LEU G 211 -15.49 -14.75 8.54
N PRO G 212 -16.14 -13.94 9.41
CA PRO G 212 -15.66 -12.59 9.71
C PRO G 212 -14.38 -12.53 10.56
N ILE G 213 -13.97 -13.69 11.09
CA ILE G 213 -12.75 -13.78 11.88
C ILE G 213 -11.60 -14.22 10.98
N GLN G 214 -11.95 -14.49 9.71
CA GLN G 214 -11.01 -15.05 8.75
C GLN G 214 -10.53 -13.95 7.81
N ALA G 215 -9.23 -14.00 7.48
CA ALA G 215 -8.68 -13.12 6.46
C ALA G 215 -8.75 -13.81 5.10
N PRO G 216 -8.96 -13.06 4.00
CA PRO G 216 -8.93 -13.65 2.67
C PRO G 216 -7.52 -14.07 2.30
N ARG G 217 -7.41 -15.18 1.55
CA ARG G 217 -6.13 -15.62 1.01
C ARG G 217 -5.76 -14.72 -0.17
N ILE G 218 -4.61 -14.05 -0.05
CA ILE G 218 -4.08 -13.27 -1.15
C ILE G 218 -2.60 -13.62 -1.31
N GLU G 219 -2.33 -14.67 -2.10
CA GLU G 219 -0.97 -15.15 -2.29
C GLU G 219 -0.42 -14.63 -3.62
N ARG G 220 0.61 -13.79 -3.53
CA ARG G 220 1.32 -13.32 -4.70
C ARG G 220 2.52 -14.22 -4.94
N LEU G 221 2.67 -14.72 -6.17
CA LEU G 221 3.78 -15.58 -6.51
C LEU G 221 4.05 -15.50 -8.01
N PRO G 222 5.28 -15.83 -8.46
CA PRO G 222 5.57 -15.90 -9.89
C PRO G 222 4.76 -17.01 -10.54
N LEU G 223 4.37 -16.80 -11.79
CA LEU G 223 3.53 -17.74 -12.52
C LEU G 223 4.16 -19.13 -12.48
N ALA G 224 5.49 -19.19 -12.62
CA ALA G 224 6.21 -20.45 -12.74
C ALA G 224 6.01 -21.31 -11.49
N ASN G 225 5.58 -20.70 -10.38
CA ASN G 225 5.45 -21.41 -9.12
C ASN G 225 4.01 -21.88 -8.90
N LEU G 226 3.12 -21.56 -9.85
CA LEU G 226 1.71 -21.88 -9.72
C LEU G 226 1.55 -23.38 -9.45
N PRO G 227 2.22 -24.26 -10.24
CA PRO G 227 2.04 -25.70 -10.10
C PRO G 227 2.35 -26.31 -8.74
N GLN G 228 3.13 -25.58 -7.91
CA GLN G 228 3.56 -26.12 -6.62
C GLN G 228 2.69 -25.58 -5.49
N ALA G 229 1.62 -24.87 -5.83
CA ALA G 229 0.83 -24.17 -4.82
C ALA G 229 -0.32 -25.05 -4.33
N HIS G 230 -0.72 -24.82 -3.07
CA HIS G 230 -1.89 -25.45 -2.50
C HIS G 230 -3.14 -24.70 -2.96
N LEU G 231 -4.07 -25.41 -3.59
CA LEU G 231 -5.28 -24.80 -4.12
C LEU G 231 -6.50 -25.41 -3.46
N MET G 232 -7.45 -24.54 -3.10
CA MET G 232 -8.75 -24.96 -2.59
C MET G 232 -9.80 -24.76 -3.67
N PRO G 233 -10.95 -25.49 -3.60
CA PRO G 233 -11.98 -25.39 -4.63
C PRO G 233 -12.46 -23.96 -4.91
N ILE G 234 -12.27 -23.06 -3.94
CA ILE G 234 -12.76 -21.70 -4.05
C ILE G 234 -11.67 -20.81 -4.66
N SER G 235 -10.47 -21.38 -4.80
CA SER G 235 -9.32 -20.63 -5.29
C SER G 235 -9.60 -20.08 -6.69
N THR G 236 -9.19 -18.83 -6.92
CA THR G 236 -9.22 -18.22 -8.23
C THR G 236 -7.86 -17.58 -8.51
N LEU G 237 -7.48 -17.52 -9.80
CA LEU G 237 -6.20 -16.97 -10.20
C LEU G 237 -6.41 -15.61 -10.86
N LEU G 238 -5.74 -14.60 -10.33
CA LEU G 238 -5.70 -13.28 -10.94
C LEU G 238 -4.36 -13.11 -11.66
N ILE G 239 -4.44 -12.67 -12.92
CA ILE G 239 -3.27 -12.39 -13.72
C ILE G 239 -3.31 -10.94 -14.16
N PRO G 240 -2.57 -10.04 -13.49
CA PRO G 240 -2.60 -8.61 -13.83
C PRO G 240 -2.01 -8.38 -15.21
N PRO G 241 -2.20 -7.19 -15.82
CA PRO G 241 -1.75 -6.92 -17.18
C PRO G 241 -0.25 -7.16 -17.32
N ALA G 242 0.17 -7.68 -18.48
CA ALA G 242 1.57 -7.84 -18.80
C ALA G 242 1.98 -6.78 -19.82
N LYS G 243 1.00 -6.01 -20.31
CA LYS G 243 1.27 -4.90 -21.20
C LYS G 243 0.53 -3.66 -20.70
N LYS G 244 1.16 -2.50 -20.94
CA LYS G 244 0.57 -1.20 -20.67
C LYS G 244 -0.39 -0.85 -21.80
N LEU G 245 -1.37 0.00 -21.52
CA LEU G 245 -2.30 0.49 -22.53
C LEU G 245 -1.54 1.29 -23.58
N GLU G 246 -1.91 1.11 -24.84
CA GLU G 246 -1.29 1.83 -25.94
C GLU G 246 -2.36 2.45 -26.83
N TYR G 247 -2.03 3.59 -27.45
CA TYR G 247 -3.02 4.41 -28.14
C TYR G 247 -3.47 3.71 -29.42
N ASN G 248 -4.78 3.81 -29.67
CA ASN G 248 -5.42 3.27 -30.86
C ASN G 248 -5.47 4.37 -31.92
N TYR G 249 -4.31 4.64 -32.54
CA TYR G 249 -4.16 5.77 -33.44
C TYR G 249 -5.19 5.68 -34.57
N ALA G 250 -5.50 4.46 -35.01
CA ALA G 250 -6.42 4.25 -36.11
C ALA G 250 -7.78 4.85 -35.78
N ILE G 251 -8.27 4.58 -34.57
CA ILE G 251 -9.60 5.01 -34.17
C ILE G 251 -9.58 6.48 -33.77
N LEU G 252 -8.46 6.91 -33.15
CA LEU G 252 -8.30 8.30 -32.79
C LEU G 252 -8.36 9.16 -34.06
N ALA G 253 -7.74 8.68 -35.13
CA ALA G 253 -7.76 9.38 -36.41
C ALA G 253 -9.21 9.61 -36.85
N LYS G 254 -10.04 8.57 -36.70
CA LYS G 254 -11.43 8.63 -37.12
C LYS G 254 -12.18 9.65 -36.26
N LEU G 255 -11.86 9.68 -34.96
CA LEU G 255 -12.49 10.61 -34.03
C LEU G 255 -11.99 12.02 -34.34
N GLY G 256 -10.92 12.11 -35.12
CA GLY G 256 -10.35 13.38 -35.54
C GLY G 256 -9.51 14.01 -34.43
N ILE G 257 -8.86 13.16 -33.63
CA ILE G 257 -8.09 13.63 -32.48
C ILE G 257 -6.79 12.84 -32.40
N GLY G 258 -5.93 13.26 -31.47
CA GLY G 258 -4.70 12.57 -31.16
C GLY G 258 -4.53 12.41 -29.65
N PRO G 259 -3.47 11.72 -29.19
CA PRO G 259 -3.26 11.49 -27.75
C PRO G 259 -3.27 12.78 -26.92
N GLU G 260 -2.84 13.88 -27.54
CA GLU G 260 -2.64 15.13 -26.81
C GLU G 260 -3.99 15.74 -26.45
N ASP G 261 -5.07 15.24 -27.07
CA ASP G 261 -6.40 15.82 -26.89
C ASP G 261 -7.14 15.10 -25.77
N LEU G 262 -6.55 14.01 -25.25
CA LEU G 262 -7.21 13.21 -24.23
C LEU G 262 -7.16 13.97 -22.90
N GLY G 263 -8.35 14.27 -22.36
CA GLY G 263 -8.47 14.96 -21.09
C GLY G 263 -8.14 14.04 -19.93
N MET H 8 -21.69 -25.63 19.63
CA MET H 8 -21.91 -24.45 20.51
C MET H 8 -22.68 -23.38 19.75
N SER H 9 -23.85 -23.02 20.29
CA SER H 9 -24.68 -21.96 19.73
C SER H 9 -23.98 -20.62 19.89
N GLY H 10 -23.37 -20.40 21.07
CA GLY H 10 -22.72 -19.14 21.38
C GLY H 10 -21.72 -18.74 20.30
N LEU H 11 -20.88 -19.70 19.91
CA LEU H 11 -19.87 -19.48 18.89
C LEU H 11 -20.55 -19.01 17.61
N SER H 12 -21.55 -19.79 17.16
CA SER H 12 -22.26 -19.50 15.93
C SER H 12 -23.00 -18.17 16.04
N ASP H 13 -23.65 -17.96 17.20
CA ASP H 13 -24.37 -16.72 17.47
C ASP H 13 -23.42 -15.53 17.37
N PHE H 14 -22.21 -15.70 17.90
CA PHE H 14 -21.24 -14.62 17.93
C PHE H 14 -20.77 -14.30 16.51
N PHE H 15 -20.46 -15.34 15.73
CA PHE H 15 -19.98 -15.16 14.37
C PHE H 15 -21.07 -14.46 13.55
N THR H 16 -22.33 -14.84 13.78
CA THR H 16 -23.45 -14.24 13.09
C THR H 16 -23.51 -12.75 13.42
N GLN H 17 -23.39 -12.43 14.71
CA GLN H 17 -23.47 -11.05 15.18
C GLN H 17 -22.31 -10.24 14.63
N LEU H 18 -21.12 -10.85 14.62
CA LEU H 18 -19.90 -10.18 14.21
C LEU H 18 -19.97 -9.85 12.72
N GLY H 19 -20.59 -10.73 11.94
CA GLY H 19 -20.66 -10.56 10.50
C GLY H 19 -21.67 -9.49 10.10
N GLN H 20 -22.59 -9.17 11.01
CA GLN H 20 -23.74 -8.32 10.69
C GLN H 20 -23.56 -6.90 11.22
N ASP H 21 -22.84 -6.77 12.34
CA ASP H 21 -22.84 -5.53 13.11
C ASP H 21 -21.52 -4.81 12.92
N ALA H 22 -21.60 -3.62 12.30
CA ALA H 22 -20.42 -2.83 11.99
C ALA H 22 -19.73 -2.36 13.28
N GLN H 23 -20.54 -2.10 14.32
CA GLN H 23 -20.02 -1.63 15.59
C GLN H 23 -19.20 -2.74 16.24
N LEU H 24 -19.77 -3.94 16.28
CA LEU H 24 -19.12 -5.08 16.90
C LEU H 24 -17.84 -5.41 16.13
N MET H 25 -17.90 -5.28 14.80
CA MET H 25 -16.78 -5.58 13.93
CA MET H 25 -16.77 -5.58 13.94
C MET H 25 -15.59 -4.70 14.31
N GLU H 26 -15.83 -3.40 14.46
CA GLU H 26 -14.77 -2.45 14.74
C GLU H 26 -14.20 -2.69 16.13
N ASP H 27 -15.09 -2.96 17.11
CA ASP H 27 -14.67 -3.27 18.47
C ASP H 27 -13.77 -4.49 18.45
N TYR H 28 -14.21 -5.53 17.75
CA TYR H 28 -13.51 -6.81 17.69
C TYR H 28 -12.08 -6.59 17.21
N LYS H 29 -11.92 -5.77 16.17
CA LYS H 29 -10.63 -5.62 15.50
CA LYS H 29 -10.63 -5.64 15.51
C LYS H 29 -9.67 -4.85 16.40
N GLN H 30 -10.22 -4.06 17.33
CA GLN H 30 -9.39 -3.28 18.23
C GLN H 30 -8.86 -4.15 19.37
N ASN H 31 -9.65 -5.14 19.80
CA ASN H 31 -9.19 -6.11 20.78
C ASN H 31 -10.02 -7.39 20.67
N PRO H 32 -9.64 -8.32 19.77
CA PRO H 32 -10.44 -9.51 19.50
C PRO H 32 -10.73 -10.33 20.76
N GLU H 33 -9.67 -10.62 21.53
CA GLU H 33 -9.77 -11.53 22.66
C GLU H 33 -10.76 -10.98 23.69
N ALA H 34 -10.63 -9.68 24.01
CA ALA H 34 -11.49 -9.07 25.01
C ALA H 34 -12.95 -9.12 24.57
N VAL H 35 -13.19 -8.87 23.29
CA VAL H 35 -14.55 -8.85 22.76
C VAL H 35 -15.12 -10.26 22.82
N MET H 36 -14.28 -11.26 22.53
CA MET H 36 -14.72 -12.64 22.54
C MET H 36 -15.04 -13.09 23.97
N ARG H 37 -14.22 -12.67 24.94
CA ARG H 37 -14.46 -13.03 26.33
C ARG H 37 -15.78 -12.42 26.80
N ALA H 38 -16.06 -11.20 26.33
CA ALA H 38 -17.25 -10.47 26.75
C ALA H 38 -18.50 -11.14 26.19
N HIS H 39 -18.35 -11.88 25.09
CA HIS H 39 -19.47 -12.57 24.46
C HIS H 39 -19.52 -14.03 24.93
N GLY H 40 -18.64 -14.36 25.89
CA GLY H 40 -18.76 -15.61 26.63
C GLY H 40 -18.16 -16.79 25.88
N LEU H 41 -17.19 -16.52 25.00
CA LEU H 41 -16.48 -17.60 24.33
C LEU H 41 -15.48 -18.21 25.31
N THR H 42 -15.04 -19.44 25.00
CA THR H 42 -14.13 -20.17 25.87
C THR H 42 -12.71 -19.97 25.36
N ASP H 43 -11.73 -20.35 26.19
CA ASP H 43 -10.32 -20.14 25.88
C ASP H 43 -9.94 -20.95 24.65
N GLU H 44 -10.52 -22.16 24.51
CA GLU H 44 -10.21 -23.01 23.39
C GLU H 44 -10.77 -22.42 22.11
N GLN H 45 -11.93 -21.78 22.21
CA GLN H 45 -12.55 -21.12 21.06
C GLN H 45 -11.74 -19.90 20.67
N ILE H 46 -11.38 -19.09 21.68
CA ILE H 46 -10.63 -17.87 21.47
C ILE H 46 -9.27 -18.23 20.85
N ASN H 47 -8.64 -19.28 21.38
CA ASN H 47 -7.35 -19.73 20.89
C ASN H 47 -7.47 -20.16 19.44
N ALA H 48 -8.52 -20.94 19.14
CA ALA H 48 -8.76 -21.43 17.80
C ALA H 48 -8.92 -20.26 16.83
N VAL H 49 -9.65 -19.23 17.27
CA VAL H 49 -9.91 -18.06 16.45
C VAL H 49 -8.60 -17.34 16.17
N MET H 50 -7.83 -17.07 17.23
CA MET H 50 -6.62 -16.30 17.12
C MET H 50 -5.57 -17.06 16.31
N THR H 51 -5.69 -18.39 16.27
CA THR H 51 -4.66 -19.22 15.64
C THR H 51 -5.12 -19.72 14.28
N GLY H 52 -6.30 -19.26 13.84
CA GLY H 52 -6.81 -19.59 12.52
C GLY H 52 -7.02 -21.10 12.35
N ASP H 53 -7.43 -21.75 13.43
CA ASP H 53 -7.65 -23.19 13.43
C ASP H 53 -9.12 -23.45 13.07
N MET H 54 -9.43 -23.32 11.77
CA MET H 54 -10.80 -23.37 11.29
C MET H 54 -11.40 -24.75 11.59
N GLU H 55 -10.60 -25.80 11.40
CA GLU H 55 -11.06 -27.16 11.64
C GLU H 55 -11.43 -27.34 13.11
N LYS H 56 -10.60 -26.80 14.00
CA LYS H 56 -10.83 -26.88 15.43
C LYS H 56 -12.04 -26.03 15.82
N LEU H 57 -12.44 -25.11 14.93
CA LEU H 57 -13.63 -24.30 15.16
C LEU H 57 -14.87 -25.11 14.82
N LYS H 58 -14.82 -25.85 13.71
CA LYS H 58 -15.95 -26.68 13.29
C LYS H 58 -16.21 -27.71 14.39
N THR H 59 -15.13 -28.27 14.93
CA THR H 59 -15.21 -29.25 16.00
C THR H 59 -15.77 -28.58 17.25
N LEU H 60 -15.09 -27.52 17.72
CA LEU H 60 -15.43 -26.87 18.97
C LEU H 60 -16.82 -26.23 18.91
N SER H 61 -17.59 -26.59 17.87
CA SER H 61 -18.96 -26.14 17.78
C SER H 61 -19.87 -27.32 17.37
N SAH I . 19.41 -0.87 9.99
CA SAH I . 20.89 -1.01 9.98
CB SAH I . 21.34 -2.01 8.92
CG SAH I . 21.33 -3.46 9.41
SD SAH I . 21.99 -4.62 8.20
C SAH I . 21.52 0.37 9.70
O SAH I . 22.75 0.48 9.82
OXT SAH I . 20.73 1.28 9.38
C5' SAH I . 23.66 -4.90 8.82
C4' SAH I . 24.73 -4.23 7.99
O4' SAH I . 24.71 -2.81 8.25
C3' SAH I . 26.16 -4.66 8.29
O3' SAH I . 26.52 -5.84 7.59
C2' SAH I . 26.93 -3.44 7.78
O2' SAH I . 27.07 -3.43 6.38
C1' SAH I . 26.03 -2.31 8.27
N9 SAH I . 26.33 -1.87 9.62
C8 SAH I . 25.56 -2.06 10.74
N7 SAH I . 26.10 -1.56 11.83
C5 SAH I . 27.30 -1.01 11.41
C6 SAH I . 28.33 -0.33 12.09
N6 SAH I . 28.31 -0.08 13.39
N1 SAH I . 29.39 0.08 11.36
C2 SAH I . 29.40 -0.17 10.05
N3 SAH I . 28.50 -0.79 9.30
C4 SAH I . 27.45 -1.19 10.04
N SAH J . -20.14 1.35 -9.31
CA SAH J . -21.23 1.21 -10.31
CB SAH J . -20.77 1.68 -11.70
CG SAH J . -20.45 3.15 -11.78
SD SAH J . -19.74 3.66 -13.37
C SAH J . -21.64 -0.26 -10.39
O SAH J . -21.15 -1.04 -9.54
OXT SAH J . -22.45 -0.59 -11.28
C5' SAH J . -21.22 4.06 -14.33
C4' SAH J . -21.54 3.01 -15.38
O4' SAH J . -22.09 1.83 -14.73
C3' SAH J . -22.59 3.40 -16.41
O3' SAH J . -22.03 4.18 -17.47
C2' SAH J . -23.04 2.02 -16.88
O2' SAH J . -22.15 1.44 -17.78
C1' SAH J . -23.09 1.27 -15.55
N9 SAH J . -24.37 1.40 -14.87
C8 SAH J . -24.68 2.26 -13.85
N7 SAH J . -25.92 2.15 -13.44
C5 SAH J . -26.47 1.18 -14.26
C6 SAH J . -27.77 0.62 -14.34
N6 SAH J . -28.77 0.99 -13.54
N1 SAH J . -27.98 -0.33 -15.28
C2 SAH J . -26.96 -0.69 -16.07
N3 SAH J . -25.71 -0.24 -16.09
C4 SAH J . -25.53 0.70 -15.15
#